data_9M4R
# 
_entry.id   9M4R 
# 
_audit_conform.dict_name       mmcif_pdbx.dic 
_audit_conform.dict_version    5.406 
_audit_conform.dict_location   http://mmcif.pdb.org/dictionaries/ascii/mmcif_pdbx.dic 
# 
loop_
_database_2.database_id 
_database_2.database_code 
_database_2.pdbx_database_accession 
_database_2.pdbx_DOI 
PDB   9M4R         pdb_00009m4r 10.2210/pdb9m4r/pdb 
WWPDB D_1300057159 ?            ?                   
# 
_pdbx_audit_revision_history.ordinal             1 
_pdbx_audit_revision_history.data_content_type   'Structure model' 
_pdbx_audit_revision_history.major_revision      1 
_pdbx_audit_revision_history.minor_revision      0 
_pdbx_audit_revision_history.revision_date       2025-11-05 
_pdbx_audit_revision_history.part_number         ? 
# 
_pdbx_audit_revision_details.ordinal             1 
_pdbx_audit_revision_details.revision_ordinal    1 
_pdbx_audit_revision_details.data_content_type   'Structure model' 
_pdbx_audit_revision_details.provider            repository 
_pdbx_audit_revision_details.type                'Initial release' 
_pdbx_audit_revision_details.description         ? 
_pdbx_audit_revision_details.details             ? 
# 
_pdbx_database_status.status_code                     REL 
_pdbx_database_status.status_code_sf                  REL 
_pdbx_database_status.status_code_mr                  ? 
_pdbx_database_status.entry_id                        9M4R 
_pdbx_database_status.recvd_initial_deposition_date   2025-03-04 
_pdbx_database_status.SG_entry                        N 
_pdbx_database_status.deposit_site                    PDBJ 
_pdbx_database_status.process_site                    PDBC 
_pdbx_database_status.status_code_cs                  ? 
_pdbx_database_status.status_code_nmr_data            ? 
_pdbx_database_status.methods_development_category    ? 
_pdbx_database_status.pdb_format_compatible           Y 
# 
_pdbx_contact_author.id                 2 
_pdbx_contact_author.email              dujm@sustech.edu.cn 
_pdbx_contact_author.name_first         Jiamu 
_pdbx_contact_author.name_last          Du 
_pdbx_contact_author.name_mi            ? 
_pdbx_contact_author.role               'principal investigator/group leader' 
_pdbx_contact_author.identifier_ORCID   0000-0002-1337-0786 
# 
loop_
_audit_author.name 
_audit_author.pdbx_ordinal 
_audit_author.identifier_ORCID 
'Li, X.' 1 ?                   
'Du, J.' 2 0000-0002-1337-0786 
# 
_citation.abstract                  ? 
_citation.abstract_id_CAS           ? 
_citation.book_id_ISBN              ? 
_citation.book_publisher            ? 
_citation.book_publisher_city       ? 
_citation.book_title                ? 
_citation.coordinate_linkage        ? 
_citation.country                   UK 
_citation.database_id_Medline       ? 
_citation.details                   ? 
_citation.id                        primary 
_citation.journal_abbrev            'Nat Commun' 
_citation.journal_id_ASTM           ? 
_citation.journal_id_CSD            ? 
_citation.journal_id_ISSN           2041-1723 
_citation.journal_full              ? 
_citation.journal_issue             ? 
_citation.journal_volume            16 
_citation.language                  ? 
_citation.page_first                9376 
_citation.page_last                 9376 
_citation.title                     
'A pair of readers of histone H3K4 methylation recruit Polycomb repressive complex 2 to regulate photoperiodic flowering.' 
_citation.year                      2025 
_citation.database_id_CSD           ? 
_citation.pdbx_database_id_DOI      10.1038/s41467-025-64419-6 
_citation.pdbx_database_id_PubMed   41130979 
_citation.pdbx_database_id_patent   ? 
_citation.unpublished_flag          ? 
# 
loop_
_citation_author.citation_id 
_citation_author.name 
_citation_author.ordinal 
_citation_author.identifier_ORCID 
primary 'Luo, X.'   1  0000-0002-8708-5881 
primary 'Li, X.'    2  ?                   
primary 'Chen, Z.'  3  0000-0003-3334-6764 
primary 'Tian, S.'  4  ?                   
primary 'Liu, Y.'   5  ?                   
primary 'Shang, Z.' 6  0009-0002-0306-8118 
primary 'Chen, L.'  7  ?                   
primary 'Sun, Y.'   8  ?                   
primary 'Du, J.'    9  0000-0002-1337-0786 
primary 'He, Y.'    10 0000-0003-3304-4555 
# 
loop_
_entity.id 
_entity.type 
_entity.src_method 
_entity.pdbx_description 
_entity.formula_weight 
_entity.pdbx_number_of_molecules 
_entity.pdbx_ec 
_entity.pdbx_mutation 
_entity.pdbx_fragment 
_entity.details 
1 polymer     man 'PHD finger protein ING1' 8186.365 1  ? ? ? ?                 
2 polymer     syn 'Histone H3.1'            1192.412 1  ? ? ? 'H3K4me3 peptide' 
3 non-polymer syn 'ZINC ION'                65.409   2  ? ? ? ?                 
4 water       nat water                     18.015   60 ? ? ? ?                 
# 
_entity_name_com.entity_id   1 
_entity_name_com.name        'Protein INHIBITOR OF GROWTH 1,Protein AtING1' 
# 
loop_
_entity_poly.entity_id 
_entity_poly.type 
_entity_poly.nstd_linkage 
_entity_poly.nstd_monomer 
_entity_poly.pdbx_seq_one_letter_code 
_entity_poly.pdbx_seq_one_letter_code_can 
_entity_poly.pdbx_strand_id 
_entity_poly.pdbx_target_identifier 
1 'polypeptide(L)' no no  GTSSNMDLDLPVDPNEPTYCICNQVSFGEMVACDNNACKIEWFHFGCVGLKEQPKGKWYCPECATVKKSRKGR 
GTSSNMDLDLPVDPNEPTYCICNQVSFGEMVACDNNACKIEWFHFGCVGLKEQPKGKWYCPECATVKKSRKGR A ? 
2 'polypeptide(L)' no yes 'ART(M3L)QTARKS'                                                          ARTKQTARKS P ? 
# 
loop_
_pdbx_entity_nonpoly.entity_id 
_pdbx_entity_nonpoly.name 
_pdbx_entity_nonpoly.comp_id 
3 'ZINC ION' ZN  
4 water      HOH 
# 
loop_
_entity_poly_seq.entity_id 
_entity_poly_seq.num 
_entity_poly_seq.mon_id 
_entity_poly_seq.hetero 
1 1  GLY n 
1 2  THR n 
1 3  SER n 
1 4  SER n 
1 5  ASN n 
1 6  MET n 
1 7  ASP n 
1 8  LEU n 
1 9  ASP n 
1 10 LEU n 
1 11 PRO n 
1 12 VAL n 
1 13 ASP n 
1 14 PRO n 
1 15 ASN n 
1 16 GLU n 
1 17 PRO n 
1 18 THR n 
1 19 TYR n 
1 20 CYS n 
1 21 ILE n 
1 22 CYS n 
1 23 ASN n 
1 24 GLN n 
1 25 VAL n 
1 26 SER n 
1 27 PHE n 
1 28 GLY n 
1 29 GLU n 
1 30 MET n 
1 31 VAL n 
1 32 ALA n 
1 33 CYS n 
1 34 ASP n 
1 35 ASN n 
1 36 ASN n 
1 37 ALA n 
1 38 CYS n 
1 39 LYS n 
1 40 ILE n 
1 41 GLU n 
1 42 TRP n 
1 43 PHE n 
1 44 HIS n 
1 45 PHE n 
1 46 GLY n 
1 47 CYS n 
1 48 VAL n 
1 49 GLY n 
1 50 LEU n 
1 51 LYS n 
1 52 GLU n 
1 53 GLN n 
1 54 PRO n 
1 55 LYS n 
1 56 GLY n 
1 57 LYS n 
1 58 TRP n 
1 59 TYR n 
1 60 CYS n 
1 61 PRO n 
1 62 GLU n 
1 63 CYS n 
1 64 ALA n 
1 65 THR n 
1 66 VAL n 
1 67 LYS n 
1 68 LYS n 
1 69 SER n 
1 70 ARG n 
1 71 LYS n 
1 72 GLY n 
1 73 ARG n 
2 1  ALA n 
2 2  ARG n 
2 3  THR n 
2 4  M3L n 
2 5  GLN n 
2 6  THR n 
2 7  ALA n 
2 8  ARG n 
2 9  LYS n 
2 10 SER n 
# 
_entity_src_gen.entity_id                          1 
_entity_src_gen.pdbx_src_id                        1 
_entity_src_gen.pdbx_alt_source_flag               sample 
_entity_src_gen.pdbx_seq_type                      'Biological sequence' 
_entity_src_gen.pdbx_beg_seq_num                   1 
_entity_src_gen.pdbx_end_seq_num                   73 
_entity_src_gen.gene_src_common_name               'thale cress' 
_entity_src_gen.gene_src_genus                     ? 
_entity_src_gen.pdbx_gene_src_gene                 'ING1, At3g24010, F14O13.20' 
_entity_src_gen.gene_src_species                   ? 
_entity_src_gen.gene_src_strain                    ? 
_entity_src_gen.gene_src_tissue                    ? 
_entity_src_gen.gene_src_tissue_fraction           ? 
_entity_src_gen.gene_src_details                   ? 
_entity_src_gen.pdbx_gene_src_fragment             ? 
_entity_src_gen.pdbx_gene_src_scientific_name      'Arabidopsis thaliana' 
_entity_src_gen.pdbx_gene_src_ncbi_taxonomy_id     3702 
_entity_src_gen.pdbx_gene_src_variant              ? 
_entity_src_gen.pdbx_gene_src_cell_line            ? 
_entity_src_gen.pdbx_gene_src_atcc                 ? 
_entity_src_gen.pdbx_gene_src_organ                ? 
_entity_src_gen.pdbx_gene_src_organelle            ? 
_entity_src_gen.pdbx_gene_src_cell                 ? 
_entity_src_gen.pdbx_gene_src_cellular_location    ? 
_entity_src_gen.host_org_common_name               ? 
_entity_src_gen.pdbx_host_org_scientific_name      'Escherichia coli BL21(DE3)' 
_entity_src_gen.pdbx_host_org_ncbi_taxonomy_id     469008 
_entity_src_gen.host_org_genus                     ? 
_entity_src_gen.pdbx_host_org_gene                 ? 
_entity_src_gen.pdbx_host_org_organ                ? 
_entity_src_gen.host_org_species                   ? 
_entity_src_gen.pdbx_host_org_tissue               ? 
_entity_src_gen.pdbx_host_org_tissue_fraction      ? 
_entity_src_gen.pdbx_host_org_strain               ? 
_entity_src_gen.pdbx_host_org_variant              ? 
_entity_src_gen.pdbx_host_org_cell_line            ? 
_entity_src_gen.pdbx_host_org_atcc                 ? 
_entity_src_gen.pdbx_host_org_culture_collection   ? 
_entity_src_gen.pdbx_host_org_cell                 ? 
_entity_src_gen.pdbx_host_org_organelle            ? 
_entity_src_gen.pdbx_host_org_cellular_location    ? 
_entity_src_gen.pdbx_host_org_vector_type          plasmid 
_entity_src_gen.pdbx_host_org_vector               ? 
_entity_src_gen.host_org_details                   ? 
_entity_src_gen.expression_system_id               ? 
_entity_src_gen.plasmid_name                       pMal 
_entity_src_gen.plasmid_details                    ? 
_entity_src_gen.pdbx_description                   ? 
# 
_pdbx_entity_src_syn.entity_id              2 
_pdbx_entity_src_syn.pdbx_src_id            1 
_pdbx_entity_src_syn.pdbx_alt_source_flag   sample 
_pdbx_entity_src_syn.pdbx_beg_seq_num       1 
_pdbx_entity_src_syn.pdbx_end_seq_num       10 
_pdbx_entity_src_syn.organism_scientific    'Arabidopsis thaliana' 
_pdbx_entity_src_syn.organism_common_name   'thale cress' 
_pdbx_entity_src_syn.ncbi_taxonomy_id       3702 
_pdbx_entity_src_syn.details                ? 
# 
loop_
_chem_comp.id 
_chem_comp.type 
_chem_comp.mon_nstd_flag 
_chem_comp.name 
_chem_comp.pdbx_synonyms 
_chem_comp.formula 
_chem_comp.formula_weight 
ALA 'L-peptide linking' y ALANINE           ? 'C3 H7 N O2'     89.093  
ARG 'L-peptide linking' y ARGININE          ? 'C6 H15 N4 O2 1' 175.209 
ASN 'L-peptide linking' y ASPARAGINE        ? 'C4 H8 N2 O3'    132.118 
ASP 'L-peptide linking' y 'ASPARTIC ACID'   ? 'C4 H7 N O4'     133.103 
CYS 'L-peptide linking' y CYSTEINE          ? 'C3 H7 N O2 S'   121.158 
GLN 'L-peptide linking' y GLUTAMINE         ? 'C5 H10 N2 O3'   146.144 
GLU 'L-peptide linking' y 'GLUTAMIC ACID'   ? 'C5 H9 N O4'     147.129 
GLY 'peptide linking'   y GLYCINE           ? 'C2 H5 N O2'     75.067  
HIS 'L-peptide linking' y HISTIDINE         ? 'C6 H10 N3 O2 1' 156.162 
HOH non-polymer         . WATER             ? 'H2 O'           18.015  
ILE 'L-peptide linking' y ISOLEUCINE        ? 'C6 H13 N O2'    131.173 
LEU 'L-peptide linking' y LEUCINE           ? 'C6 H13 N O2'    131.173 
LYS 'L-peptide linking' y LYSINE            ? 'C6 H15 N2 O2 1' 147.195 
M3L 'L-peptide linking' n N-TRIMETHYLLYSINE ? 'C9 H21 N2 O2 1' 189.275 
MET 'L-peptide linking' y METHIONINE        ? 'C5 H11 N O2 S'  149.211 
PHE 'L-peptide linking' y PHENYLALANINE     ? 'C9 H11 N O2'    165.189 
PRO 'L-peptide linking' y PROLINE           ? 'C5 H9 N O2'     115.130 
SER 'L-peptide linking' y SERINE            ? 'C3 H7 N O3'     105.093 
THR 'L-peptide linking' y THREONINE         ? 'C4 H9 N O3'     119.119 
TRP 'L-peptide linking' y TRYPTOPHAN        ? 'C11 H12 N2 O2'  204.225 
TYR 'L-peptide linking' y TYROSINE          ? 'C9 H11 N O3'    181.189 
VAL 'L-peptide linking' y VALINE            ? 'C5 H11 N O2'    117.146 
ZN  non-polymer         . 'ZINC ION'        ? 'Zn 2'           65.409  
# 
loop_
_pdbx_poly_seq_scheme.asym_id 
_pdbx_poly_seq_scheme.entity_id 
_pdbx_poly_seq_scheme.seq_id 
_pdbx_poly_seq_scheme.mon_id 
_pdbx_poly_seq_scheme.ndb_seq_num 
_pdbx_poly_seq_scheme.pdb_seq_num 
_pdbx_poly_seq_scheme.auth_seq_num 
_pdbx_poly_seq_scheme.pdb_mon_id 
_pdbx_poly_seq_scheme.auth_mon_id 
_pdbx_poly_seq_scheme.pdb_strand_id 
_pdbx_poly_seq_scheme.pdb_ins_code 
_pdbx_poly_seq_scheme.hetero 
A 1 1  GLY 1  162 ?   ?   ?   A . n 
A 1 2  THR 2  163 ?   ?   ?   A . n 
A 1 3  SER 3  164 ?   ?   ?   A . n 
A 1 4  SER 4  165 ?   ?   ?   A . n 
A 1 5  ASN 5  166 ?   ?   ?   A . n 
A 1 6  MET 6  167 ?   ?   ?   A . n 
A 1 7  ASP 7  168 ?   ?   ?   A . n 
A 1 8  LEU 8  169 ?   ?   ?   A . n 
A 1 9  ASP 9  170 ?   ?   ?   A . n 
A 1 10 LEU 10 171 ?   ?   ?   A . n 
A 1 11 PRO 11 172 ?   ?   ?   A . n 
A 1 12 VAL 12 173 ?   ?   ?   A . n 
A 1 13 ASP 13 174 ?   ?   ?   A . n 
A 1 14 PRO 14 175 ?   ?   ?   A . n 
A 1 15 ASN 15 176 ?   ?   ?   A . n 
A 1 16 GLU 16 177 177 GLU GLU A . n 
A 1 17 PRO 17 178 178 PRO PRO A . n 
A 1 18 THR 18 179 179 THR THR A . n 
A 1 19 TYR 19 180 180 TYR TYR A . n 
A 1 20 CYS 20 181 181 CYS CYS A . n 
A 1 21 ILE 21 182 182 ILE ILE A . n 
A 1 22 CYS 22 183 183 CYS CYS A . n 
A 1 23 ASN 23 184 184 ASN ASN A . n 
A 1 24 GLN 24 185 185 GLN GLN A . n 
A 1 25 VAL 25 186 186 VAL VAL A . n 
A 1 26 SER 26 187 187 SER SER A . n 
A 1 27 PHE 27 188 188 PHE PHE A . n 
A 1 28 GLY 28 189 189 GLY GLY A . n 
A 1 29 GLU 29 190 190 GLU GLU A . n 
A 1 30 MET 30 191 191 MET MET A . n 
A 1 31 VAL 31 192 192 VAL VAL A . n 
A 1 32 ALA 32 193 193 ALA ALA A . n 
A 1 33 CYS 33 194 194 CYS CYS A . n 
A 1 34 ASP 34 195 195 ASP ASP A . n 
A 1 35 ASN 35 196 196 ASN ASN A . n 
A 1 36 ASN 36 197 197 ASN ASN A . n 
A 1 37 ALA 37 198 198 ALA ALA A . n 
A 1 38 CYS 38 199 199 CYS CYS A . n 
A 1 39 LYS 39 200 200 LYS LYS A . n 
A 1 40 ILE 40 201 201 ILE ILE A . n 
A 1 41 GLU 41 202 202 GLU GLU A . n 
A 1 42 TRP 42 203 203 TRP TRP A . n 
A 1 43 PHE 43 204 204 PHE PHE A . n 
A 1 44 HIS 44 205 205 HIS HIS A . n 
A 1 45 PHE 45 206 206 PHE PHE A . n 
A 1 46 GLY 46 207 207 GLY GLY A . n 
A 1 47 CYS 47 208 208 CYS CYS A . n 
A 1 48 VAL 48 209 209 VAL VAL A . n 
A 1 49 GLY 49 210 210 GLY GLY A . n 
A 1 50 LEU 50 211 211 LEU LEU A . n 
A 1 51 LYS 51 212 212 LYS LYS A . n 
A 1 52 GLU 52 213 213 GLU GLU A . n 
A 1 53 GLN 53 214 214 GLN GLN A . n 
A 1 54 PRO 54 215 215 PRO PRO A . n 
A 1 55 LYS 55 216 216 LYS LYS A . n 
A 1 56 GLY 56 217 217 GLY GLY A . n 
A 1 57 LYS 57 218 218 LYS LYS A . n 
A 1 58 TRP 58 219 219 TRP TRP A . n 
A 1 59 TYR 59 220 220 TYR TYR A . n 
A 1 60 CYS 60 221 221 CYS CYS A . n 
A 1 61 PRO 61 222 222 PRO PRO A . n 
A 1 62 GLU 62 223 223 GLU GLU A . n 
A 1 63 CYS 63 224 224 CYS CYS A . n 
A 1 64 ALA 64 225 225 ALA ALA A . n 
A 1 65 THR 65 226 226 THR THR A . n 
A 1 66 VAL 66 227 ?   ?   ?   A . n 
A 1 67 LYS 67 228 ?   ?   ?   A . n 
A 1 68 LYS 68 229 ?   ?   ?   A . n 
A 1 69 SER 69 230 ?   ?   ?   A . n 
A 1 70 ARG 70 231 ?   ?   ?   A . n 
A 1 71 LYS 71 232 ?   ?   ?   A . n 
A 1 72 GLY 72 233 ?   ?   ?   A . n 
A 1 73 ARG 73 234 ?   ?   ?   A . n 
B 2 1  ALA 1  1   1   ALA ALA P . n 
B 2 2  ARG 2  2   2   ARG ARG P . n 
B 2 3  THR 3  3   3   THR THR P . n 
B 2 4  M3L 4  4   4   M3L M3L P . n 
B 2 5  GLN 5  5   5   GLN GLN P . n 
B 2 6  THR 6  6   6   THR THR P . n 
B 2 7  ALA 7  7   ?   ?   ?   P . n 
B 2 8  ARG 8  8   ?   ?   ?   P . n 
B 2 9  LYS 9  9   ?   ?   ?   P . n 
B 2 10 SER 10 10  ?   ?   ?   P . n 
# 
_pdbx_entity_instance_feature.ordinal        1 
_pdbx_entity_instance_feature.comp_id        M3L 
_pdbx_entity_instance_feature.asym_id        ? 
_pdbx_entity_instance_feature.seq_num        ? 
_pdbx_entity_instance_feature.auth_comp_id   M3L 
_pdbx_entity_instance_feature.auth_asym_id   ? 
_pdbx_entity_instance_feature.auth_seq_num   ? 
_pdbx_entity_instance_feature.feature_type   'SUBJECT OF INVESTIGATION' 
_pdbx_entity_instance_feature.details        ? 
# 
loop_
_pdbx_nonpoly_scheme.asym_id 
_pdbx_nonpoly_scheme.entity_id 
_pdbx_nonpoly_scheme.mon_id 
_pdbx_nonpoly_scheme.ndb_seq_num 
_pdbx_nonpoly_scheme.pdb_seq_num 
_pdbx_nonpoly_scheme.auth_seq_num 
_pdbx_nonpoly_scheme.pdb_mon_id 
_pdbx_nonpoly_scheme.auth_mon_id 
_pdbx_nonpoly_scheme.pdb_strand_id 
_pdbx_nonpoly_scheme.pdb_ins_code 
C 3 ZN  1  501 501 ZN  ZN  A . 
D 3 ZN  1  502 502 ZN  ZN  A . 
E 4 HOH 1  601 29  HOH HOH A . 
E 4 HOH 2  602 16  HOH HOH A . 
E 4 HOH 3  603 53  HOH HOH A . 
E 4 HOH 4  604 37  HOH HOH A . 
E 4 HOH 5  605 3   HOH HOH A . 
E 4 HOH 6  606 22  HOH HOH A . 
E 4 HOH 7  607 15  HOH HOH A . 
E 4 HOH 8  608 4   HOH HOH A . 
E 4 HOH 9  609 14  HOH HOH A . 
E 4 HOH 10 610 6   HOH HOH A . 
E 4 HOH 11 611 42  HOH HOH A . 
E 4 HOH 12 612 18  HOH HOH A . 
E 4 HOH 13 613 52  HOH HOH A . 
E 4 HOH 14 614 1   HOH HOH A . 
E 4 HOH 15 615 13  HOH HOH A . 
E 4 HOH 16 616 2   HOH HOH A . 
E 4 HOH 17 617 20  HOH HOH A . 
E 4 HOH 18 618 50  HOH HOH A . 
E 4 HOH 19 619 41  HOH HOH A . 
E 4 HOH 20 620 8   HOH HOH A . 
E 4 HOH 21 621 45  HOH HOH A . 
E 4 HOH 22 622 5   HOH HOH A . 
E 4 HOH 23 623 28  HOH HOH A . 
E 4 HOH 24 624 36  HOH HOH A . 
E 4 HOH 25 625 26  HOH HOH A . 
E 4 HOH 26 626 7   HOH HOH A . 
E 4 HOH 27 627 59  HOH HOH A . 
E 4 HOH 28 628 38  HOH HOH A . 
E 4 HOH 29 629 32  HOH HOH A . 
E 4 HOH 30 630 44  HOH HOH A . 
E 4 HOH 31 631 25  HOH HOH A . 
E 4 HOH 32 632 9   HOH HOH A . 
E 4 HOH 33 633 11  HOH HOH A . 
E 4 HOH 34 634 17  HOH HOH A . 
E 4 HOH 35 635 54  HOH HOH A . 
E 4 HOH 36 636 23  HOH HOH A . 
E 4 HOH 37 637 12  HOH HOH A . 
E 4 HOH 38 638 51  HOH HOH A . 
E 4 HOH 39 639 10  HOH HOH A . 
E 4 HOH 40 640 21  HOH HOH A . 
E 4 HOH 41 641 47  HOH HOH A . 
E 4 HOH 42 642 60  HOH HOH A . 
E 4 HOH 43 643 57  HOH HOH A . 
E 4 HOH 44 644 27  HOH HOH A . 
E 4 HOH 45 645 40  HOH HOH A . 
E 4 HOH 46 646 19  HOH HOH A . 
E 4 HOH 47 647 33  HOH HOH A . 
E 4 HOH 48 648 46  HOH HOH A . 
E 4 HOH 49 649 39  HOH HOH A . 
E 4 HOH 50 650 55  HOH HOH A . 
E 4 HOH 51 651 30  HOH HOH A . 
E 4 HOH 52 652 58  HOH HOH A . 
E 4 HOH 53 653 49  HOH HOH A . 
E 4 HOH 54 654 48  HOH HOH A . 
F 4 HOH 1  101 43  HOH HOH P . 
F 4 HOH 2  102 34  HOH HOH P . 
F 4 HOH 3  103 24  HOH HOH P . 
F 4 HOH 4  104 56  HOH HOH P . 
F 4 HOH 5  105 35  HOH HOH P . 
F 4 HOH 6  106 31  HOH HOH P . 
# 
loop_
_software.citation_id 
_software.classification 
_software.compiler_name 
_software.compiler_version 
_software.contact_author 
_software.contact_author_email 
_software.date 
_software.description 
_software.dependencies 
_software.hardware 
_software.language 
_software.location 
_software.mods 
_software.name 
_software.os 
_software.os_version 
_software.type 
_software.version 
_software.pdbx_ordinal 
? refinement       ? ? ? ? ? ? ? ? ? ? ? PHENIX   ? ? ? 1.9_1692 1 
? 'data scaling'   ? ? ? ? ? ? ? ? ? ? ? HKL-3000 ? ? ? .        2 
? 'data reduction' ? ? ? ? ? ? ? ? ? ? ? HKL-3000 ? ? ? .        3 
? phasing          ? ? ? ? ? ? ? ? ? ? ? PHENIX   ? ? ? .        4 
# 
_cell.angle_alpha                  90.00 
_cell.angle_alpha_esd              ? 
_cell.angle_beta                   90.00 
_cell.angle_beta_esd               ? 
_cell.angle_gamma                  120.00 
_cell.angle_gamma_esd              ? 
_cell.entry_id                     9M4R 
_cell.details                      ? 
_cell.formula_units_Z              ? 
_cell.length_a                     41.830 
_cell.length_a_esd                 ? 
_cell.length_b                     41.830 
_cell.length_b_esd                 ? 
_cell.length_c                     69.435 
_cell.length_c_esd                 ? 
_cell.volume                       ? 
_cell.volume_esd                   ? 
_cell.Z_PDB                        6 
_cell.reciprocal_angle_alpha       ? 
_cell.reciprocal_angle_beta        ? 
_cell.reciprocal_angle_gamma       ? 
_cell.reciprocal_angle_alpha_esd   ? 
_cell.reciprocal_angle_beta_esd    ? 
_cell.reciprocal_angle_gamma_esd   ? 
_cell.reciprocal_length_a          ? 
_cell.reciprocal_length_b          ? 
_cell.reciprocal_length_c          ? 
_cell.reciprocal_length_a_esd      ? 
_cell.reciprocal_length_b_esd      ? 
_cell.reciprocal_length_c_esd      ? 
_cell.pdbx_unique_axis             ? 
_cell.pdbx_esd_method              ? 
# 
_symmetry.entry_id                         9M4R 
_symmetry.cell_setting                     ? 
_symmetry.Int_Tables_number                152 
_symmetry.space_group_name_Hall            ? 
_symmetry.space_group_name_H-M             'P 31 2 1' 
_symmetry.pdbx_full_space_group_name_H-M   ? 
# 
_exptl.absorpt_coefficient_mu     ? 
_exptl.absorpt_correction_T_max   ? 
_exptl.absorpt_correction_T_min   ? 
_exptl.absorpt_correction_type    ? 
_exptl.absorpt_process_details    ? 
_exptl.entry_id                   9M4R 
_exptl.crystals_number            1 
_exptl.details                    ? 
_exptl.method                     'X-RAY DIFFRACTION' 
_exptl.method_details             ? 
# 
_exptl_crystal.colour                       ? 
_exptl_crystal.density_diffrn               ? 
_exptl_crystal.density_Matthews             1.87 
_exptl_crystal.density_method               ? 
_exptl_crystal.density_percent_sol          34.22 
_exptl_crystal.description                  ? 
_exptl_crystal.F_000                        ? 
_exptl_crystal.id                           1 
_exptl_crystal.preparation                  ? 
_exptl_crystal.size_max                     ? 
_exptl_crystal.size_mid                     ? 
_exptl_crystal.size_min                     ? 
_exptl_crystal.size_rad                     ? 
_exptl_crystal.colour_lustre                ? 
_exptl_crystal.colour_modifier              ? 
_exptl_crystal.colour_primary               ? 
_exptl_crystal.density_meas                 ? 
_exptl_crystal.density_meas_esd             ? 
_exptl_crystal.density_meas_gt              ? 
_exptl_crystal.density_meas_lt              ? 
_exptl_crystal.density_meas_temp            ? 
_exptl_crystal.density_meas_temp_esd        ? 
_exptl_crystal.density_meas_temp_gt         ? 
_exptl_crystal.density_meas_temp_lt         ? 
_exptl_crystal.pdbx_crystal_image_url       ? 
_exptl_crystal.pdbx_crystal_image_format    ? 
_exptl_crystal.pdbx_mosaicity               ? 
_exptl_crystal.pdbx_mosaicity_esd           ? 
_exptl_crystal.pdbx_mosaic_method           ? 
_exptl_crystal.pdbx_mosaic_block_size       ? 
_exptl_crystal.pdbx_mosaic_block_size_esd   ? 
# 
_exptl_crystal_grow.apparatus       ? 
_exptl_crystal_grow.atmosphere      ? 
_exptl_crystal_grow.crystal_id      1 
_exptl_crystal_grow.details         ? 
_exptl_crystal_grow.method          'VAPOR DIFFUSION, SITTING DROP' 
_exptl_crystal_grow.method_ref      ? 
_exptl_crystal_grow.pH              6.0 
_exptl_crystal_grow.pressure        ? 
_exptl_crystal_grow.pressure_esd    ? 
_exptl_crystal_grow.seeding         ? 
_exptl_crystal_grow.seeding_ref     ? 
_exptl_crystal_grow.temp_details    ? 
_exptl_crystal_grow.temp_esd        ? 
_exptl_crystal_grow.time            ? 
_exptl_crystal_grow.pdbx_details    '40% PEG400, 5% PEG3000, and 0.1M MES,  pH 6.0' 
_exptl_crystal_grow.pdbx_pH_range   ? 
_exptl_crystal_grow.temp            293 
# 
_diffrn.ambient_environment              ? 
_diffrn.ambient_temp                     100 
_diffrn.ambient_temp_details             ? 
_diffrn.ambient_temp_esd                 ? 
_diffrn.crystal_id                       1 
_diffrn.crystal_support                  ? 
_diffrn.crystal_treatment                ? 
_diffrn.details                          ? 
_diffrn.id                               1 
_diffrn.ambient_pressure                 ? 
_diffrn.ambient_pressure_esd             ? 
_diffrn.ambient_pressure_gt              ? 
_diffrn.ambient_pressure_lt              ? 
_diffrn.ambient_temp_gt                  ? 
_diffrn.ambient_temp_lt                  ? 
_diffrn.pdbx_serial_crystal_experiment   N 
# 
_diffrn_detector.details                      ? 
_diffrn_detector.detector                     PIXEL 
_diffrn_detector.diffrn_id                    1 
_diffrn_detector.type                         'DECTRIS PILATUS 6M' 
_diffrn_detector.area_resol_mean              ? 
_diffrn_detector.dtime                        ? 
_diffrn_detector.pdbx_frames_total            ? 
_diffrn_detector.pdbx_collection_time_total   ? 
_diffrn_detector.pdbx_collection_date         2017-01-02 
_diffrn_detector.pdbx_frequency               ? 
_diffrn_detector.id                           ? 
_diffrn_detector.number_of_axes               ? 
# 
_diffrn_radiation.collimation                      ? 
_diffrn_radiation.diffrn_id                        1 
_diffrn_radiation.filter_edge                      ? 
_diffrn_radiation.inhomogeneity                    ? 
_diffrn_radiation.monochromator                    'LN2-cooled DCM with Si(111) crystals' 
_diffrn_radiation.polarisn_norm                    ? 
_diffrn_radiation.polarisn_ratio                   ? 
_diffrn_radiation.probe                            ? 
_diffrn_radiation.type                             ? 
_diffrn_radiation.xray_symbol                      ? 
_diffrn_radiation.wavelength_id                    1 
_diffrn_radiation.pdbx_monochromatic_or_laue_m_l   M 
_diffrn_radiation.pdbx_wavelength_list             ? 
_diffrn_radiation.pdbx_wavelength                  ? 
_diffrn_radiation.pdbx_diffrn_protocol             'SINGLE WAVELENGTH' 
_diffrn_radiation.pdbx_analyzer                    ? 
_diffrn_radiation.pdbx_scattering_type             x-ray 
# 
_diffrn_radiation_wavelength.id           1 
_diffrn_radiation_wavelength.wavelength   1.2824 
_diffrn_radiation_wavelength.wt           1.0 
# 
_diffrn_source.current                     ? 
_diffrn_source.details                     ? 
_diffrn_source.diffrn_id                   1 
_diffrn_source.power                       ? 
_diffrn_source.size                        ? 
_diffrn_source.source                      SYNCHROTRON 
_diffrn_source.target                      ? 
_diffrn_source.type                        'SSRF BEAMLINE BL19U1' 
_diffrn_source.voltage                     ? 
_diffrn_source.take-off_angle              ? 
_diffrn_source.pdbx_wavelength_list        1.2824 
_diffrn_source.pdbx_wavelength             ? 
_diffrn_source.pdbx_synchrotron_beamline   BL19U1 
_diffrn_source.pdbx_synchrotron_site       SSRF 
# 
_reflns.B_iso_Wilson_estimate                          ? 
_reflns.entry_id                                       9M4R 
_reflns.data_reduction_details                         ? 
_reflns.data_reduction_method                          ? 
_reflns.d_resolution_high                              1.70 
_reflns.d_resolution_low                               50.00 
_reflns.details                                        ? 
_reflns.limit_h_max                                    ? 
_reflns.limit_h_min                                    ? 
_reflns.limit_k_max                                    ? 
_reflns.limit_k_min                                    ? 
_reflns.limit_l_max                                    ? 
_reflns.limit_l_min                                    ? 
_reflns.number_all                                     ? 
_reflns.number_obs                                     8189 
_reflns.observed_criterion                             ? 
_reflns.observed_criterion_F_max                       ? 
_reflns.observed_criterion_F_min                       ? 
_reflns.observed_criterion_I_max                       ? 
_reflns.observed_criterion_I_min                       ? 
_reflns.observed_criterion_sigma_F                     ? 
_reflns.observed_criterion_sigma_I                     ? 
_reflns.percent_possible_obs                           99.9 
_reflns.R_free_details                                 ? 
_reflns.Rmerge_F_all                                   ? 
_reflns.Rmerge_F_obs                                   ? 
_reflns.Friedel_coverage                               ? 
_reflns.number_gt                                      ? 
_reflns.threshold_expression                           ? 
_reflns.pdbx_redundancy                                18.2 
_reflns.pdbx_netI_over_av_sigmaI                       ? 
_reflns.pdbx_netI_over_sigmaI                          11.6 
_reflns.pdbx_res_netI_over_av_sigmaI_2                 ? 
_reflns.pdbx_res_netI_over_sigmaI_2                    ? 
_reflns.pdbx_chi_squared                               ? 
_reflns.pdbx_scaling_rejects                           ? 
_reflns.pdbx_d_res_high_opt                            ? 
_reflns.pdbx_d_res_low_opt                             ? 
_reflns.pdbx_d_res_opt_method                          ? 
_reflns.phase_calculation_details                      ? 
_reflns.pdbx_Rrim_I_all                                ? 
_reflns.pdbx_Rpim_I_all                                ? 
_reflns.pdbx_d_opt                                     ? 
_reflns.pdbx_number_measured_all                       ? 
_reflns.pdbx_diffrn_id                                 1 
_reflns.pdbx_ordinal                                   1 
_reflns.pdbx_CC_half                                   0.991 
_reflns.pdbx_CC_star                                   0.998 
_reflns.pdbx_R_split                                   ? 
_reflns.pdbx_Rmerge_I_obs                              0.090 
_reflns.pdbx_Rmerge_I_all                              ? 
_reflns.pdbx_Rsym_value                                ? 
_reflns.pdbx_CC_split_method                           ? 
_reflns.pdbx_aniso_diffraction_limit_axis_1_ortho[1]   ? 
_reflns.pdbx_aniso_diffraction_limit_axis_1_ortho[2]   ? 
_reflns.pdbx_aniso_diffraction_limit_axis_1_ortho[3]   ? 
_reflns.pdbx_aniso_diffraction_limit_axis_2_ortho[1]   ? 
_reflns.pdbx_aniso_diffraction_limit_axis_2_ortho[2]   ? 
_reflns.pdbx_aniso_diffraction_limit_axis_2_ortho[3]   ? 
_reflns.pdbx_aniso_diffraction_limit_axis_3_ortho[1]   ? 
_reflns.pdbx_aniso_diffraction_limit_axis_3_ortho[2]   ? 
_reflns.pdbx_aniso_diffraction_limit_axis_3_ortho[3]   ? 
_reflns.pdbx_aniso_diffraction_limit_1                 ? 
_reflns.pdbx_aniso_diffraction_limit_2                 ? 
_reflns.pdbx_aniso_diffraction_limit_3                 ? 
_reflns.pdbx_aniso_B_tensor_eigenvector_1_ortho[1]     ? 
_reflns.pdbx_aniso_B_tensor_eigenvector_1_ortho[2]     ? 
_reflns.pdbx_aniso_B_tensor_eigenvector_1_ortho[3]     ? 
_reflns.pdbx_aniso_B_tensor_eigenvector_2_ortho[1]     ? 
_reflns.pdbx_aniso_B_tensor_eigenvector_2_ortho[2]     ? 
_reflns.pdbx_aniso_B_tensor_eigenvector_2_ortho[3]     ? 
_reflns.pdbx_aniso_B_tensor_eigenvector_3_ortho[1]     ? 
_reflns.pdbx_aniso_B_tensor_eigenvector_3_ortho[2]     ? 
_reflns.pdbx_aniso_B_tensor_eigenvector_3_ortho[3]     ? 
_reflns.pdbx_aniso_B_tensor_eigenvalue_1               ? 
_reflns.pdbx_aniso_B_tensor_eigenvalue_2               ? 
_reflns.pdbx_aniso_B_tensor_eigenvalue_3               ? 
_reflns.pdbx_orthogonalization_convention              ? 
_reflns.pdbx_percent_possible_ellipsoidal              ? 
_reflns.pdbx_percent_possible_spherical                ? 
_reflns.pdbx_percent_possible_ellipsoidal_anomalous    ? 
_reflns.pdbx_percent_possible_spherical_anomalous      ? 
_reflns.pdbx_redundancy_anomalous                      ? 
_reflns.pdbx_CC_half_anomalous                         ? 
_reflns.pdbx_absDiff_over_sigma_anomalous              ? 
_reflns.pdbx_percent_possible_anomalous                ? 
_reflns.pdbx_observed_signal_threshold                 ? 
_reflns.pdbx_signal_type                               ? 
_reflns.pdbx_signal_details                            ? 
_reflns.pdbx_signal_software_id                        ? 
# 
loop_
_reflns_shell.d_res_high 
_reflns_shell.d_res_low 
_reflns_shell.meanI_over_sigI_all 
_reflns_shell.meanI_over_sigI_obs 
_reflns_shell.number_measured_all 
_reflns_shell.number_measured_obs 
_reflns_shell.number_possible 
_reflns_shell.number_unique_all 
_reflns_shell.number_unique_obs 
_reflns_shell.percent_possible_obs 
_reflns_shell.Rmerge_F_all 
_reflns_shell.Rmerge_F_obs 
_reflns_shell.meanI_over_sigI_gt 
_reflns_shell.meanI_over_uI_all 
_reflns_shell.meanI_over_uI_gt 
_reflns_shell.number_measured_gt 
_reflns_shell.number_unique_gt 
_reflns_shell.percent_possible_gt 
_reflns_shell.Rmerge_F_gt 
_reflns_shell.Rmerge_I_gt 
_reflns_shell.pdbx_redundancy 
_reflns_shell.pdbx_chi_squared 
_reflns_shell.pdbx_netI_over_sigmaI_all 
_reflns_shell.pdbx_netI_over_sigmaI_obs 
_reflns_shell.pdbx_Rrim_I_all 
_reflns_shell.pdbx_Rpim_I_all 
_reflns_shell.pdbx_rejects 
_reflns_shell.pdbx_ordinal 
_reflns_shell.pdbx_diffrn_id 
_reflns_shell.pdbx_CC_half 
_reflns_shell.pdbx_CC_star 
_reflns_shell.pdbx_R_split 
_reflns_shell.percent_possible_all 
_reflns_shell.Rmerge_I_all 
_reflns_shell.Rmerge_I_obs 
_reflns_shell.pdbx_Rsym_value 
_reflns_shell.pdbx_percent_possible_ellipsoidal 
_reflns_shell.pdbx_percent_possible_spherical 
_reflns_shell.pdbx_percent_possible_ellipsoidal_anomalous 
_reflns_shell.pdbx_percent_possible_spherical_anomalous 
_reflns_shell.pdbx_redundancy_anomalous 
_reflns_shell.pdbx_CC_half_anomalous 
_reflns_shell.pdbx_absDiff_over_sigma_anomalous 
_reflns_shell.pdbx_percent_possible_anomalous 
1.70 1.76  ? ? ? ? ? ? 813 ? ? ? ? ? ? ? ? ? ? ? 17.8 2.421 ? ? 0.227 0.054 ? 1  1 0.991 0.998 ? 100.0 ? 0.220 ? ? ? ? ? ? ? ? ? 
1.76 1.83  ? ? ? ? ? ? 784 ? ? ? ? ? ? ? ? ? ? ? 18.1 2.896 ? ? 0.209 0.049 ? 2  1 0.992 0.998 ? 99.6  ? 0.203 ? ? ? ? ? ? ? ? ? 
1.83 1.91  ? ? ? ? ? ? 806 ? ? ? ? ? ? ? ? ? ? ? 18.6 3.177 ? ? 0.176 0.042 ? 3  1 0.994 0.998 ? 100.0 ? 0.170 ? ? ? ? ? ? ? ? ? 
1.91 2.02  ? ? ? ? ? ? 804 ? ? ? ? ? ? ? ? ? ? ? 18.2 3.801 ? ? 0.160 0.039 ? 4  1 0.995 0.999 ? 99.9  ? 0.155 ? ? ? ? ? ? ? ? ? 
2.02 2.14  ? ? ? ? ? ? 798 ? ? ? ? ? ? ? ? ? ? ? 17.5 4.370 ? ? 0.145 0.035 ? 5  1 0.997 0.999 ? 99.8  ? 0.141 ? ? ? ? ? ? ? ? ? 
2.14 2.31  ? ? ? ? ? ? 819 ? ? ? ? ? ? ? ? ? ? ? 18.8 4.708 ? ? 0.131 0.031 ? 6  1 0.996 0.999 ? 100.0 ? 0.127 ? ? ? ? ? ? ? ? ? 
2.31 2.54  ? ? ? ? ? ? 798 ? ? ? ? ? ? ? ? ? ? ? 18.3 5.254 ? ? 0.126 0.030 ? 7  1 0.996 0.999 ? 100.0 ? 0.122 ? ? ? ? ? ? ? ? ? 
2.54 2.91  ? ? ? ? ? ? 828 ? ? ? ? ? ? ? ? ? ? ? 18.6 5.201 ? ? 0.103 0.024 ? 8  1 0.997 0.999 ? 99.6  ? 0.100 ? ? ? ? ? ? ? ? ? 
2.91 3.66  ? ? ? ? ? ? 834 ? ? ? ? ? ? ? ? ? ? ? 18.3 4.756 ? ? 0.082 0.019 ? 9  1 0.998 1.000 ? 99.9  ? 0.080 ? ? ? ? ? ? ? ? ? 
3.66 50.00 ? ? ? ? ? ? 905 ? ? ? ? ? ? ? ? ? ? ? 17.6 4.595 ? ? 0.077 0.018 ? 10 1 0.997 0.999 ? 99.8  ? 0.075 ? ? ? ? ? ? ? ? ? 
# 
_refine.aniso_B[1][1]                            ? 
_refine.aniso_B[1][2]                            ? 
_refine.aniso_B[1][3]                            ? 
_refine.aniso_B[2][2]                            ? 
_refine.aniso_B[2][3]                            ? 
_refine.aniso_B[3][3]                            ? 
_refine.B_iso_max                                ? 
_refine.B_iso_mean                               ? 
_refine.B_iso_min                                ? 
_refine.correlation_coeff_Fo_to_Fc               ? 
_refine.correlation_coeff_Fo_to_Fc_free          ? 
_refine.details                                  ? 
_refine.diff_density_max                         ? 
_refine.diff_density_max_esd                     ? 
_refine.diff_density_min                         ? 
_refine.diff_density_min_esd                     ? 
_refine.diff_density_rms                         ? 
_refine.diff_density_rms_esd                     ? 
_refine.entry_id                                 9M4R 
_refine.pdbx_refine_id                           'X-RAY DIFFRACTION' 
_refine.ls_abs_structure_details                 ? 
_refine.ls_abs_structure_Flack                   ? 
_refine.ls_abs_structure_Flack_esd               ? 
_refine.ls_abs_structure_Rogers                  ? 
_refine.ls_abs_structure_Rogers_esd              ? 
_refine.ls_d_res_high                            1.700 
_refine.ls_d_res_low                             36.226 
_refine.ls_extinction_coef                       ? 
_refine.ls_extinction_coef_esd                   ? 
_refine.ls_extinction_expression                 ? 
_refine.ls_extinction_method                     ? 
_refine.ls_goodness_of_fit_all                   ? 
_refine.ls_goodness_of_fit_all_esd               ? 
_refine.ls_goodness_of_fit_obs                   ? 
_refine.ls_goodness_of_fit_obs_esd               ? 
_refine.ls_hydrogen_treatment                    ? 
_refine.ls_matrix_type                           ? 
_refine.ls_number_constraints                    ? 
_refine.ls_number_parameters                     ? 
_refine.ls_number_reflns_all                     ? 
_refine.ls_number_reflns_obs                     8139 
_refine.ls_number_reflns_R_free                  689 
_refine.ls_number_reflns_R_work                  ? 
_refine.ls_number_restraints                     ? 
_refine.ls_percent_reflns_obs                    99.85 
_refine.ls_percent_reflns_R_free                 4.61 
_refine.ls_R_factor_all                          ? 
_refine.ls_R_factor_obs                          0.1586 
_refine.ls_R_factor_R_free                       0.1997 
_refine.ls_R_factor_R_free_error                 ? 
_refine.ls_R_factor_R_free_error_details         ? 
_refine.ls_R_factor_R_work                       0.1568 
_refine.ls_R_Fsqd_factor_obs                     ? 
_refine.ls_R_I_factor_obs                        ? 
_refine.ls_redundancy_reflns_all                 ? 
_refine.ls_redundancy_reflns_obs                 ? 
_refine.ls_restrained_S_all                      ? 
_refine.ls_restrained_S_obs                      ? 
_refine.ls_shift_over_esd_max                    ? 
_refine.ls_shift_over_esd_mean                   ? 
_refine.ls_structure_factor_coef                 ? 
_refine.ls_weighting_details                     ? 
_refine.ls_weighting_scheme                      ? 
_refine.ls_wR_factor_all                         ? 
_refine.ls_wR_factor_obs                         ? 
_refine.ls_wR_factor_R_free                      ? 
_refine.ls_wR_factor_R_work                      ? 
_refine.occupancy_max                            ? 
_refine.occupancy_min                            ? 
_refine.solvent_model_details                    'FLAT BULK SOLVENT MODEL' 
_refine.solvent_model_param_bsol                 ? 
_refine.solvent_model_param_ksol                 ? 
_refine.correlation_coeff_I_to_Fcsqd_work        ? 
_refine.correlation_coeff_I_to_Fcsqd_free        ? 
_refine.pdbx_R_complete                          ? 
_refine.ls_R_factor_gt                           ? 
_refine.ls_goodness_of_fit_gt                    ? 
_refine.ls_goodness_of_fit_ref                   ? 
_refine.ls_shift_over_su_max                     ? 
_refine.ls_shift_over_su_max_lt                  ? 
_refine.ls_shift_over_su_mean                    ? 
_refine.ls_shift_over_su_mean_lt                 ? 
_refine.pdbx_ls_sigma_I                          ? 
_refine.pdbx_ls_sigma_F                          0.74 
_refine.pdbx_ls_sigma_Fsqd                       ? 
_refine.pdbx_data_cutoff_high_absF               ? 
_refine.pdbx_data_cutoff_high_rms_absF           ? 
_refine.pdbx_data_cutoff_low_absF                ? 
_refine.pdbx_isotropic_thermal_model             ? 
_refine.pdbx_ls_cross_valid_method               'FREE R-VALUE' 
_refine.pdbx_method_to_determine_struct          SAD 
_refine.pdbx_starting_model                      ? 
_refine.pdbx_stereochemistry_target_values       ML 
_refine.pdbx_R_Free_selection_details            ? 
_refine.pdbx_stereochem_target_val_spec_case     ? 
_refine.pdbx_overall_ESU_R                       ? 
_refine.pdbx_overall_ESU_R_Free                  ? 
_refine.pdbx_solvent_vdw_probe_radii             1.11 
_refine.pdbx_solvent_ion_probe_radii             ? 
_refine.pdbx_solvent_shrinkage_radii             0.90 
_refine.pdbx_real_space_R                        ? 
_refine.pdbx_density_correlation                 ? 
_refine.pdbx_pd_number_of_powder_patterns        ? 
_refine.pdbx_pd_number_of_points                 ? 
_refine.pdbx_pd_meas_number_of_points            ? 
_refine.pdbx_pd_proc_ls_prof_R_factor            ? 
_refine.pdbx_pd_proc_ls_prof_wR_factor           ? 
_refine.pdbx_pd_Marquardt_correlation_coeff      ? 
_refine.pdbx_pd_Fsqrd_R_factor                   ? 
_refine.pdbx_pd_ls_matrix_band_width             ? 
_refine.pdbx_overall_phase_error                 19.11 
_refine.pdbx_overall_SU_R_free_Cruickshank_DPI   ? 
_refine.pdbx_overall_SU_R_free_Blow_DPI          ? 
_refine.pdbx_overall_SU_R_Blow_DPI               ? 
_refine.pdbx_TLS_residual_ADP_flag               ? 
_refine.pdbx_diffrn_id                           1 
_refine.overall_SU_B                             ? 
_refine.overall_SU_ML                            0.11 
_refine.overall_SU_R_Cruickshank_DPI             ? 
_refine.overall_SU_R_free                        ? 
_refine.overall_FOM_free_R_set                   ? 
_refine.overall_FOM_work_R_set                   ? 
_refine.pdbx_average_fsc_overall                 ? 
_refine.pdbx_average_fsc_work                    ? 
_refine.pdbx_average_fsc_free                    ? 
# 
_refine_hist.pdbx_refine_id                   'X-RAY DIFFRACTION' 
_refine_hist.cycle_id                         LAST 
_refine_hist.details                          ? 
_refine_hist.d_res_high                       1.700 
_refine_hist.d_res_low                        36.226 
_refine_hist.number_atoms_solvent             60 
_refine_hist.number_atoms_total               506 
_refine_hist.number_reflns_all                ? 
_refine_hist.number_reflns_obs                ? 
_refine_hist.number_reflns_R_free             ? 
_refine_hist.number_reflns_R_work             ? 
_refine_hist.R_factor_all                     ? 
_refine_hist.R_factor_obs                     ? 
_refine_hist.R_factor_R_free                  ? 
_refine_hist.R_factor_R_work                  ? 
_refine_hist.pdbx_number_residues_total       ? 
_refine_hist.pdbx_B_iso_mean_ligand           ? 
_refine_hist.pdbx_B_iso_mean_solvent          ? 
_refine_hist.pdbx_number_atoms_protein        444 
_refine_hist.pdbx_number_atoms_nucleic_acid   0 
_refine_hist.pdbx_number_atoms_ligand         2 
_refine_hist.pdbx_number_atoms_lipid          ? 
_refine_hist.pdbx_number_atoms_carb           ? 
_refine_hist.pdbx_pseudo_atom_details         ? 
# 
loop_
_refine_ls_restr.pdbx_refine_id 
_refine_ls_restr.criterion 
_refine_ls_restr.dev_ideal 
_refine_ls_restr.dev_ideal_target 
_refine_ls_restr.number 
_refine_ls_restr.rejects 
_refine_ls_restr.type 
_refine_ls_restr.weight 
_refine_ls_restr.pdbx_restraint_function 
'X-RAY DIFFRACTION' ? 0.019  ? 455 ? f_bond_d           ? ? 
'X-RAY DIFFRACTION' ? 1.712  ? 615 ? f_angle_d          ? ? 
'X-RAY DIFFRACTION' ? 16.103 ? 162 ? f_dihedral_angle_d ? ? 
'X-RAY DIFFRACTION' ? 0.078  ? 62  ? f_chiral_restr     ? ? 
'X-RAY DIFFRACTION' ? 0.012  ? 78  ? f_plane_restr      ? ? 
# 
loop_
_refine_ls_shell.pdbx_refine_id 
_refine_ls_shell.d_res_high 
_refine_ls_shell.d_res_low 
_refine_ls_shell.number_reflns_all 
_refine_ls_shell.number_reflns_obs 
_refine_ls_shell.number_reflns_R_free 
_refine_ls_shell.number_reflns_R_work 
_refine_ls_shell.percent_reflns_obs 
_refine_ls_shell.percent_reflns_R_free 
_refine_ls_shell.R_factor_all 
_refine_ls_shell.R_factor_obs 
_refine_ls_shell.R_factor_R_free_error 
_refine_ls_shell.R_factor_R_work 
_refine_ls_shell.redundancy_reflns_all 
_refine_ls_shell.redundancy_reflns_obs 
_refine_ls_shell.wR_factor_all 
_refine_ls_shell.wR_factor_obs 
_refine_ls_shell.wR_factor_R_free 
_refine_ls_shell.wR_factor_R_work 
_refine_ls_shell.pdbx_R_complete 
_refine_ls_shell.correlation_coeff_Fo_to_Fc 
_refine_ls_shell.correlation_coeff_Fo_to_Fc_free 
_refine_ls_shell.correlation_coeff_I_to_Fcsqd_work 
_refine_ls_shell.correlation_coeff_I_to_Fcsqd_free 
_refine_ls_shell.pdbx_total_number_of_bins_used 
_refine_ls_shell.pdbx_phase_error 
_refine_ls_shell.pdbx_fsc_work 
_refine_ls_shell.pdbx_fsc_free 
_refine_ls_shell.R_factor_R_free 
'X-RAY DIFFRACTION' 1.7001 1.8313 . . 174 2804 100.00 . . . . 0.1498 . . . . . . . . . . . . . . . 0.1802 
'X-RAY DIFFRACTION' 1.8313 2.0156 . . 114 2886 100.00 . . . . 0.1468 . . . . . . . . . . . . . . . 0.1970 
'X-RAY DIFFRACTION' 2.0156 2.3072 . . 147 2846 100.00 . . . . 0.1495 . . . . . . . . . . . . . . . 0.1896 
'X-RAY DIFFRACTION' 2.3072 2.9067 . . 132 2847 100.00 . . . . 0.1743 . . . . . . . . . . . . . . . 0.2038 
'X-RAY DIFFRACTION' 2.9067 36.226 . . 122 2875 100.00 . . . . 0.1537 . . . . . . . . . . . . . . . 0.2059 
# 
_struct.entry_id                     9M4R 
_struct.title                        'crystal structure of Arabidopsis thaliana ING1 PHD finger in complex with an H3K4me3 peptide' 
_struct.pdbx_model_details           ? 
_struct.pdbx_formula_weight          ? 
_struct.pdbx_formula_weight_method   ? 
_struct.pdbx_model_type_details      ? 
_struct.pdbx_CASP_flag               N 
# 
_struct_keywords.entry_id        9M4R 
_struct_keywords.text            'histone modification, epigenetic regulation, H3K4me3, ING1, GENE REGULATION' 
_struct_keywords.pdbx_keywords   'GENE REGULATION' 
# 
loop_
_struct_asym.id 
_struct_asym.pdbx_blank_PDB_chainid_flag 
_struct_asym.pdbx_modified 
_struct_asym.entity_id 
_struct_asym.details 
A N N 1 ? 
B N N 2 ? 
C N N 3 ? 
D N N 3 ? 
E N N 4 ? 
F N N 4 ? 
# 
loop_
_struct_ref.id 
_struct_ref.db_name 
_struct_ref.db_code 
_struct_ref.pdbx_db_accession 
_struct_ref.pdbx_db_isoform 
_struct_ref.entity_id 
_struct_ref.pdbx_seq_one_letter_code 
_struct_ref.pdbx_align_begin 
1 UNP ING1_ARATH Q9LIQ6 ? 1 TSSNMDLDLPVDPNEPTYCICNQVSFGEMVACDNNACKIEWFHFGCVGLKEQPKGKWYCPECATVKKSRKGR 163 
2 UNP H31_ARATH  P59226 ? 2 ARTKQTARKS                                                               2   
# 
loop_
_struct_ref_seq.align_id 
_struct_ref_seq.ref_id 
_struct_ref_seq.pdbx_PDB_id_code 
_struct_ref_seq.pdbx_strand_id 
_struct_ref_seq.seq_align_beg 
_struct_ref_seq.pdbx_seq_align_beg_ins_code 
_struct_ref_seq.seq_align_end 
_struct_ref_seq.pdbx_seq_align_end_ins_code 
_struct_ref_seq.pdbx_db_accession 
_struct_ref_seq.db_align_beg 
_struct_ref_seq.pdbx_db_align_beg_ins_code 
_struct_ref_seq.db_align_end 
_struct_ref_seq.pdbx_db_align_end_ins_code 
_struct_ref_seq.pdbx_auth_seq_align_beg 
_struct_ref_seq.pdbx_auth_seq_align_end 
1 1 9M4R A 2 ? 73 ? Q9LIQ6 163 ? 234 ? 163 234 
2 2 9M4R P 1 ? 10 ? P59226 2   ? 11  ? 1   10  
# 
_struct_ref_seq_dif.align_id                     1 
_struct_ref_seq_dif.pdbx_pdb_id_code             9M4R 
_struct_ref_seq_dif.mon_id                       GLY 
_struct_ref_seq_dif.pdbx_pdb_strand_id           A 
_struct_ref_seq_dif.seq_num                      1 
_struct_ref_seq_dif.pdbx_pdb_ins_code            ? 
_struct_ref_seq_dif.pdbx_seq_db_name             UNP 
_struct_ref_seq_dif.pdbx_seq_db_accession_code   Q9LIQ6 
_struct_ref_seq_dif.db_mon_id                    ? 
_struct_ref_seq_dif.pdbx_seq_db_seq_num          ? 
_struct_ref_seq_dif.details                      'expression tag' 
_struct_ref_seq_dif.pdbx_auth_seq_num            162 
_struct_ref_seq_dif.pdbx_ordinal                 1 
# 
_pdbx_struct_assembly.id                   1 
_pdbx_struct_assembly.details              author_and_software_defined_assembly 
_pdbx_struct_assembly.method_details       PISA 
_pdbx_struct_assembly.oligomeric_details   dimeric 
_pdbx_struct_assembly.oligomeric_count     2 
# 
loop_
_pdbx_struct_assembly_prop.biol_id 
_pdbx_struct_assembly_prop.type 
_pdbx_struct_assembly_prop.value 
_pdbx_struct_assembly_prop.details 
1 'ABSA (A^2)' 990  ? 
1 MORE         -3   ? 
1 'SSA (A^2)'  3950 ? 
# 
_pdbx_struct_assembly_gen.assembly_id       1 
_pdbx_struct_assembly_gen.oper_expression   1 
_pdbx_struct_assembly_gen.asym_id_list      A,B,C,D,E,F 
# 
_pdbx_struct_assembly_auth_evidence.id                     1 
_pdbx_struct_assembly_auth_evidence.assembly_id            1 
_pdbx_struct_assembly_auth_evidence.experimental_support   'isothermal titration calorimetry' 
_pdbx_struct_assembly_auth_evidence.details                ? 
# 
_pdbx_struct_oper_list.id                   1 
_pdbx_struct_oper_list.type                 'identity operation' 
_pdbx_struct_oper_list.name                 1_555 
_pdbx_struct_oper_list.symmetry_operation   x,y,z 
_pdbx_struct_oper_list.matrix[1][1]         1.0000000000 
_pdbx_struct_oper_list.matrix[1][2]         0.0000000000 
_pdbx_struct_oper_list.matrix[1][3]         0.0000000000 
_pdbx_struct_oper_list.vector[1]            0.0000000000 
_pdbx_struct_oper_list.matrix[2][1]         0.0000000000 
_pdbx_struct_oper_list.matrix[2][2]         1.0000000000 
_pdbx_struct_oper_list.matrix[2][3]         0.0000000000 
_pdbx_struct_oper_list.vector[2]            0.0000000000 
_pdbx_struct_oper_list.matrix[3][1]         0.0000000000 
_pdbx_struct_oper_list.matrix[3][2]         0.0000000000 
_pdbx_struct_oper_list.matrix[3][3]         1.0000000000 
_pdbx_struct_oper_list.vector[3]            0.0000000000 
# 
_struct_conf.conf_type_id            HELX_P 
_struct_conf.id                      HELX_P1 
_struct_conf.pdbx_PDB_helix_id       AA1 
_struct_conf.beg_label_comp_id       GLY 
_struct_conf.beg_label_asym_id       A 
_struct_conf.beg_label_seq_id        46 
_struct_conf.pdbx_beg_PDB_ins_code   ? 
_struct_conf.end_label_comp_id       GLY 
_struct_conf.end_label_asym_id       A 
_struct_conf.end_label_seq_id        49 
_struct_conf.pdbx_end_PDB_ins_code   ? 
_struct_conf.beg_auth_comp_id        GLY 
_struct_conf.beg_auth_asym_id        A 
_struct_conf.beg_auth_seq_id         207 
_struct_conf.end_auth_comp_id        GLY 
_struct_conf.end_auth_asym_id        A 
_struct_conf.end_auth_seq_id         210 
_struct_conf.pdbx_PDB_helix_class    5 
_struct_conf.details                 ? 
_struct_conf.pdbx_PDB_helix_length   4 
# 
_struct_conf_type.id          HELX_P 
_struct_conf_type.criteria    ? 
_struct_conf_type.reference   ? 
# 
loop_
_struct_conn.id 
_struct_conn.conn_type_id 
_struct_conn.pdbx_leaving_atom_flag 
_struct_conn.pdbx_PDB_id 
_struct_conn.ptnr1_label_asym_id 
_struct_conn.ptnr1_label_comp_id 
_struct_conn.ptnr1_label_seq_id 
_struct_conn.ptnr1_label_atom_id 
_struct_conn.pdbx_ptnr1_label_alt_id 
_struct_conn.pdbx_ptnr1_PDB_ins_code 
_struct_conn.pdbx_ptnr1_standard_comp_id 
_struct_conn.ptnr1_symmetry 
_struct_conn.ptnr2_label_asym_id 
_struct_conn.ptnr2_label_comp_id 
_struct_conn.ptnr2_label_seq_id 
_struct_conn.ptnr2_label_atom_id 
_struct_conn.pdbx_ptnr2_label_alt_id 
_struct_conn.pdbx_ptnr2_PDB_ins_code 
_struct_conn.ptnr1_auth_asym_id 
_struct_conn.ptnr1_auth_comp_id 
_struct_conn.ptnr1_auth_seq_id 
_struct_conn.ptnr2_auth_asym_id 
_struct_conn.ptnr2_auth_comp_id 
_struct_conn.ptnr2_auth_seq_id 
_struct_conn.ptnr2_symmetry 
_struct_conn.pdbx_ptnr3_label_atom_id 
_struct_conn.pdbx_ptnr3_label_seq_id 
_struct_conn.pdbx_ptnr3_label_comp_id 
_struct_conn.pdbx_ptnr3_label_asym_id 
_struct_conn.pdbx_ptnr3_label_alt_id 
_struct_conn.pdbx_ptnr3_PDB_ins_code 
_struct_conn.details 
_struct_conn.pdbx_dist_value 
_struct_conn.pdbx_value_order 
_struct_conn.pdbx_role 
covale1 covale both ? B THR 3  C   ? ? ? 1_555 B M3L 4 N  ? ? P THR 3   P M3L 4   1_555 ? ? ? ? ? ? ? 1.322 ? ? 
covale2 covale both ? B M3L 4  C   ? ? ? 1_555 B GLN 5 N  ? ? P M3L 4   P GLN 5   1_555 ? ? ? ? ? ? ? 1.329 ? ? 
metalc1 metalc ?    ? A CYS 20 SG  ? ? ? 1_555 C ZN  . ZN ? ? A CYS 181 A ZN  501 1_555 ? ? ? ? ? ? ? 2.361 ? ? 
metalc2 metalc ?    ? A CYS 22 SG  ? ? ? 1_555 C ZN  . ZN ? ? A CYS 183 A ZN  501 1_555 ? ? ? ? ? ? ? 2.293 ? ? 
metalc3 metalc ?    ? A CYS 33 SG  ? ? ? 1_555 D ZN  . ZN ? ? A CYS 194 A ZN  502 1_555 ? ? ? ? ? ? ? 2.310 ? ? 
metalc4 metalc ?    ? A CYS 38 SG  ? ? ? 1_555 D ZN  . ZN ? ? A CYS 199 A ZN  502 1_555 ? ? ? ? ? ? ? 2.364 ? ? 
metalc5 metalc ?    ? A HIS 44 ND1 ? ? ? 1_555 C ZN  . ZN ? ? A HIS 205 A ZN  501 1_555 ? ? ? ? ? ? ? 2.121 ? ? 
metalc6 metalc ?    ? A CYS 47 SG  ? ? ? 1_555 C ZN  . ZN ? ? A CYS 208 A ZN  501 1_555 ? ? ? ? ? ? ? 2.291 ? ? 
metalc7 metalc ?    ? A CYS 60 SG  ? ? ? 1_555 D ZN  . ZN ? ? A CYS 221 A ZN  502 1_555 ? ? ? ? ? ? ? 2.314 ? ? 
metalc8 metalc ?    ? A CYS 63 SG  ? ? ? 1_555 D ZN  . ZN ? ? A CYS 224 A ZN  502 1_555 ? ? ? ? ? ? ? 2.309 ? ? 
# 
loop_
_struct_conn_type.id 
_struct_conn_type.criteria 
_struct_conn_type.reference 
covale ? ? 
metalc ? ? 
# 
loop_
_pdbx_struct_conn_angle.id 
_pdbx_struct_conn_angle.ptnr1_label_atom_id 
_pdbx_struct_conn_angle.ptnr1_label_alt_id 
_pdbx_struct_conn_angle.ptnr1_label_asym_id 
_pdbx_struct_conn_angle.ptnr1_label_comp_id 
_pdbx_struct_conn_angle.ptnr1_label_seq_id 
_pdbx_struct_conn_angle.ptnr1_auth_atom_id 
_pdbx_struct_conn_angle.ptnr1_auth_asym_id 
_pdbx_struct_conn_angle.ptnr1_auth_comp_id 
_pdbx_struct_conn_angle.ptnr1_auth_seq_id 
_pdbx_struct_conn_angle.ptnr1_PDB_ins_code 
_pdbx_struct_conn_angle.ptnr1_symmetry 
_pdbx_struct_conn_angle.ptnr2_label_atom_id 
_pdbx_struct_conn_angle.ptnr2_label_alt_id 
_pdbx_struct_conn_angle.ptnr2_label_asym_id 
_pdbx_struct_conn_angle.ptnr2_label_comp_id 
_pdbx_struct_conn_angle.ptnr2_label_seq_id 
_pdbx_struct_conn_angle.ptnr2_auth_atom_id 
_pdbx_struct_conn_angle.ptnr2_auth_asym_id 
_pdbx_struct_conn_angle.ptnr2_auth_comp_id 
_pdbx_struct_conn_angle.ptnr2_auth_seq_id 
_pdbx_struct_conn_angle.ptnr2_PDB_ins_code 
_pdbx_struct_conn_angle.ptnr2_symmetry 
_pdbx_struct_conn_angle.ptnr3_label_atom_id 
_pdbx_struct_conn_angle.ptnr3_label_alt_id 
_pdbx_struct_conn_angle.ptnr3_label_asym_id 
_pdbx_struct_conn_angle.ptnr3_label_comp_id 
_pdbx_struct_conn_angle.ptnr3_label_seq_id 
_pdbx_struct_conn_angle.ptnr3_auth_atom_id 
_pdbx_struct_conn_angle.ptnr3_auth_asym_id 
_pdbx_struct_conn_angle.ptnr3_auth_comp_id 
_pdbx_struct_conn_angle.ptnr3_auth_seq_id 
_pdbx_struct_conn_angle.ptnr3_PDB_ins_code 
_pdbx_struct_conn_angle.ptnr3_symmetry 
_pdbx_struct_conn_angle.value 
_pdbx_struct_conn_angle.value_esd 
1  SG  ? A CYS 20 ? A CYS 181 ? 1_555 ZN ? C ZN . ? A ZN 501 ? 1_555 SG  ? A CYS 22 ? A CYS 183 ? 1_555 114.4 ? 
2  SG  ? A CYS 20 ? A CYS 181 ? 1_555 ZN ? C ZN . ? A ZN 501 ? 1_555 ND1 ? A HIS 44 ? A HIS 205 ? 1_555 102.2 ? 
3  SG  ? A CYS 22 ? A CYS 183 ? 1_555 ZN ? C ZN . ? A ZN 501 ? 1_555 ND1 ? A HIS 44 ? A HIS 205 ? 1_555 97.3  ? 
4  SG  ? A CYS 20 ? A CYS 181 ? 1_555 ZN ? C ZN . ? A ZN 501 ? 1_555 SG  ? A CYS 47 ? A CYS 208 ? 1_555 108.6 ? 
5  SG  ? A CYS 22 ? A CYS 183 ? 1_555 ZN ? C ZN . ? A ZN 501 ? 1_555 SG  ? A CYS 47 ? A CYS 208 ? 1_555 116.0 ? 
6  ND1 ? A HIS 44 ? A HIS 205 ? 1_555 ZN ? C ZN . ? A ZN 501 ? 1_555 SG  ? A CYS 47 ? A CYS 208 ? 1_555 117.4 ? 
7  SG  ? A CYS 33 ? A CYS 194 ? 1_555 ZN ? D ZN . ? A ZN 502 ? 1_555 SG  ? A CYS 38 ? A CYS 199 ? 1_555 111.1 ? 
8  SG  ? A CYS 33 ? A CYS 194 ? 1_555 ZN ? D ZN . ? A ZN 502 ? 1_555 SG  ? A CYS 60 ? A CYS 221 ? 1_555 115.9 ? 
9  SG  ? A CYS 38 ? A CYS 199 ? 1_555 ZN ? D ZN . ? A ZN 502 ? 1_555 SG  ? A CYS 60 ? A CYS 221 ? 1_555 110.5 ? 
10 SG  ? A CYS 33 ? A CYS 194 ? 1_555 ZN ? D ZN . ? A ZN 502 ? 1_555 SG  ? A CYS 63 ? A CYS 224 ? 1_555 109.6 ? 
11 SG  ? A CYS 38 ? A CYS 199 ? 1_555 ZN ? D ZN . ? A ZN 502 ? 1_555 SG  ? A CYS 63 ? A CYS 224 ? 1_555 106.6 ? 
12 SG  ? A CYS 60 ? A CYS 221 ? 1_555 ZN ? D ZN . ? A ZN 502 ? 1_555 SG  ? A CYS 63 ? A CYS 224 ? 1_555 102.6 ? 
# 
_pdbx_modification_feature.ordinal                            1 
_pdbx_modification_feature.label_comp_id                      M3L 
_pdbx_modification_feature.label_asym_id                      B 
_pdbx_modification_feature.label_seq_id                       4 
_pdbx_modification_feature.label_alt_id                       ? 
_pdbx_modification_feature.modified_residue_label_comp_id     . 
_pdbx_modification_feature.modified_residue_label_asym_id     . 
_pdbx_modification_feature.modified_residue_label_seq_id      . 
_pdbx_modification_feature.modified_residue_label_alt_id      . 
_pdbx_modification_feature.auth_comp_id                       M3L 
_pdbx_modification_feature.auth_asym_id                       P 
_pdbx_modification_feature.auth_seq_id                        4 
_pdbx_modification_feature.PDB_ins_code                       ? 
_pdbx_modification_feature.symmetry                           1_555 
_pdbx_modification_feature.modified_residue_auth_comp_id      . 
_pdbx_modification_feature.modified_residue_auth_asym_id      . 
_pdbx_modification_feature.modified_residue_auth_seq_id       . 
_pdbx_modification_feature.modified_residue_PDB_ins_code      . 
_pdbx_modification_feature.modified_residue_symmetry          . 
_pdbx_modification_feature.comp_id_linking_atom               . 
_pdbx_modification_feature.modified_residue_id_linking_atom   . 
_pdbx_modification_feature.modified_residue_id                LYS 
_pdbx_modification_feature.ref_pcm_id                         1 
_pdbx_modification_feature.ref_comp_id                        M3L 
_pdbx_modification_feature.type                               Methylation 
_pdbx_modification_feature.category                           'Named protein modification' 
# 
loop_
_struct_sheet.id 
_struct_sheet.type 
_struct_sheet.number_strands 
_struct_sheet.details 
AA1 ? 2 ? 
AA2 ? 3 ? 
# 
loop_
_struct_sheet_order.sheet_id 
_struct_sheet_order.range_id_1 
_struct_sheet_order.range_id_2 
_struct_sheet_order.offset 
_struct_sheet_order.sense 
AA1 1 2 ? anti-parallel 
AA2 1 2 ? anti-parallel 
AA2 2 3 ? anti-parallel 
# 
loop_
_struct_sheet_range.sheet_id 
_struct_sheet_range.id 
_struct_sheet_range.beg_label_comp_id 
_struct_sheet_range.beg_label_asym_id 
_struct_sheet_range.beg_label_seq_id 
_struct_sheet_range.pdbx_beg_PDB_ins_code 
_struct_sheet_range.end_label_comp_id 
_struct_sheet_range.end_label_asym_id 
_struct_sheet_range.end_label_seq_id 
_struct_sheet_range.pdbx_end_PDB_ins_code 
_struct_sheet_range.beg_auth_comp_id 
_struct_sheet_range.beg_auth_asym_id 
_struct_sheet_range.beg_auth_seq_id 
_struct_sheet_range.end_auth_comp_id 
_struct_sheet_range.end_auth_asym_id 
_struct_sheet_range.end_auth_seq_id 
AA1 1 THR A 18 ? TYR A 19 ? THR A 179 TYR A 180 
AA1 2 GLN A 24 ? VAL A 25 ? GLN A 185 VAL A 186 
AA2 1 TRP A 42 ? HIS A 44 ? TRP A 203 HIS A 205 
AA2 2 GLU A 29 ? ALA A 32 ? GLU A 190 ALA A 193 
AA2 3 THR B 3  ? GLN B 5  ? THR P 3   GLN P 5   
# 
loop_
_pdbx_struct_sheet_hbond.sheet_id 
_pdbx_struct_sheet_hbond.range_id_1 
_pdbx_struct_sheet_hbond.range_id_2 
_pdbx_struct_sheet_hbond.range_1_label_atom_id 
_pdbx_struct_sheet_hbond.range_1_label_comp_id 
_pdbx_struct_sheet_hbond.range_1_label_asym_id 
_pdbx_struct_sheet_hbond.range_1_label_seq_id 
_pdbx_struct_sheet_hbond.range_1_PDB_ins_code 
_pdbx_struct_sheet_hbond.range_1_auth_atom_id 
_pdbx_struct_sheet_hbond.range_1_auth_comp_id 
_pdbx_struct_sheet_hbond.range_1_auth_asym_id 
_pdbx_struct_sheet_hbond.range_1_auth_seq_id 
_pdbx_struct_sheet_hbond.range_2_label_atom_id 
_pdbx_struct_sheet_hbond.range_2_label_comp_id 
_pdbx_struct_sheet_hbond.range_2_label_asym_id 
_pdbx_struct_sheet_hbond.range_2_label_seq_id 
_pdbx_struct_sheet_hbond.range_2_PDB_ins_code 
_pdbx_struct_sheet_hbond.range_2_auth_atom_id 
_pdbx_struct_sheet_hbond.range_2_auth_comp_id 
_pdbx_struct_sheet_hbond.range_2_auth_asym_id 
_pdbx_struct_sheet_hbond.range_2_auth_seq_id 
AA1 1 2 N TYR A 19 ? N TYR A 180 O GLN A 24 ? O GLN A 185 
AA2 1 2 O PHE A 43 ? O PHE A 204 N VAL A 31 ? N VAL A 192 
AA2 2 3 N MET A 30 ? N MET A 191 O M3L B 4  ? O M3L P 4   
# 
_pdbx_entry_details.entry_id                   9M4R 
_pdbx_entry_details.nonpolymer_details         ? 
_pdbx_entry_details.sequence_details           ? 
_pdbx_entry_details.compound_details           ? 
_pdbx_entry_details.source_details             ? 
_pdbx_entry_details.has_ligand_of_interest     Y 
_pdbx_entry_details.has_protein_modification   Y 
# 
loop_
_pdbx_validate_torsion.id 
_pdbx_validate_torsion.PDB_model_num 
_pdbx_validate_torsion.auth_comp_id 
_pdbx_validate_torsion.auth_asym_id 
_pdbx_validate_torsion.auth_seq_id 
_pdbx_validate_torsion.PDB_ins_code 
_pdbx_validate_torsion.label_alt_id 
_pdbx_validate_torsion.phi 
_pdbx_validate_torsion.psi 
1 1 CYS A 181 ? ? 74.38 177.73 
2 1 GLU A 202 ? ? 73.37 -56.51 
# 
_pdbx_struct_mod_residue.id               1 
_pdbx_struct_mod_residue.label_asym_id    B 
_pdbx_struct_mod_residue.label_comp_id    M3L 
_pdbx_struct_mod_residue.label_seq_id     4 
_pdbx_struct_mod_residue.auth_asym_id     P 
_pdbx_struct_mod_residue.auth_comp_id     M3L 
_pdbx_struct_mod_residue.auth_seq_id      4 
_pdbx_struct_mod_residue.PDB_ins_code     ? 
_pdbx_struct_mod_residue.parent_comp_id   LYS 
_pdbx_struct_mod_residue.details          'modified residue' 
# 
loop_
_pdbx_refine_tls.id 
_pdbx_refine_tls.pdbx_refine_id 
_pdbx_refine_tls.details 
_pdbx_refine_tls.method 
_pdbx_refine_tls.origin_x 
_pdbx_refine_tls.origin_y 
_pdbx_refine_tls.origin_z 
_pdbx_refine_tls.T[1][1] 
_pdbx_refine_tls.T[1][1]_esd 
_pdbx_refine_tls.T[1][2] 
_pdbx_refine_tls.T[1][2]_esd 
_pdbx_refine_tls.T[1][3] 
_pdbx_refine_tls.T[1][3]_esd 
_pdbx_refine_tls.T[2][2] 
_pdbx_refine_tls.T[2][2]_esd 
_pdbx_refine_tls.T[2][3] 
_pdbx_refine_tls.T[2][3]_esd 
_pdbx_refine_tls.T[3][3] 
_pdbx_refine_tls.T[3][3]_esd 
_pdbx_refine_tls.L[1][1] 
_pdbx_refine_tls.L[1][1]_esd 
_pdbx_refine_tls.L[1][2] 
_pdbx_refine_tls.L[1][2]_esd 
_pdbx_refine_tls.L[1][3] 
_pdbx_refine_tls.L[1][3]_esd 
_pdbx_refine_tls.L[2][2] 
_pdbx_refine_tls.L[2][2]_esd 
_pdbx_refine_tls.L[2][3] 
_pdbx_refine_tls.L[2][3]_esd 
_pdbx_refine_tls.L[3][3] 
_pdbx_refine_tls.L[3][3]_esd 
_pdbx_refine_tls.S[1][1] 
_pdbx_refine_tls.S[1][1]_esd 
_pdbx_refine_tls.S[1][2] 
_pdbx_refine_tls.S[1][2]_esd 
_pdbx_refine_tls.S[1][3] 
_pdbx_refine_tls.S[1][3]_esd 
_pdbx_refine_tls.S[2][1] 
_pdbx_refine_tls.S[2][1]_esd 
_pdbx_refine_tls.S[2][2] 
_pdbx_refine_tls.S[2][2]_esd 
_pdbx_refine_tls.S[2][3] 
_pdbx_refine_tls.S[2][3]_esd 
_pdbx_refine_tls.S[3][1] 
_pdbx_refine_tls.S[3][1]_esd 
_pdbx_refine_tls.S[3][2] 
_pdbx_refine_tls.S[3][2]_esd 
_pdbx_refine_tls.S[3][3] 
_pdbx_refine_tls.S[3][3]_esd 
1 'X-RAY DIFFRACTION' ? refined -4.7712 -6.6066 3.9641  0.2414 ? -0.0142 ? 0.0175  ? 0.1909 ? -0.0145 ? 0.2411 ? 2.4647 ? 1.5696  ? -2.8499 ? 1.8336 ? -1.4906 ? 4.0691  ? 0.1276  ? -0.2648 ? 0.0531  ? 0.3391  ? 0.1410  ? 0.4433  ? -0.0181 ? -0.4535 ? -0.1078 ? 
2 'X-RAY DIFFRACTION' ? refined -3.8853 5.2471  -0.6463 0.1958 ? 0.0052  ? 0.0276  ? 0.2024 ? -0.0090 ? 0.1943 ? 2.2246 ? -1.7374 ? 0.2038  ? 8.6211 ? -1.8640 ? 3.5793  ? -0.0201 ? 0.0150  ? 0.0662  ? 0.3072  ? 0.1666  ? 0.5167  ? -0.2525 ? -0.2577 ? -0.1213 ? 
3 'X-RAY DIFFRACTION' ? refined 5.5841  -0.3352 -0.4540 0.2099 ? 0.0097  ? -0.0032 ? 0.1922 ? -0.0208 ? 0.2082 ? 3.4421 ? 0.6935  ? -0.1049 ? 5.0872 ? -0.1118 ? 3.9589  ? -0.1170 ? 0.2193  ? 0.0079  ? 0.1096  ? 0.0964  ? -0.5740 ? 0.0054  ? 0.2815  ? -0.0158 ? 
4 'X-RAY DIFFRACTION' ? refined -1.3157 3.5901  -7.8820 0.2811 ? 0.0343  ? -0.0153 ? 0.2294 ? -0.0279 ? 0.1939 ? 3.2880 ? -1.0619 ? 1.6893  ? 6.5038 ? -2.2042 ? 9.4222  ? 0.0000  ? 1.0941  ? -0.2790 ? -1.0551 ? 0.1765  ? 0.0312  ? 0.5143  ? 0.5234  ? 0.1015  ? 
5 'X-RAY DIFFRACTION' ? refined 3.3202  1.2921  7.2382  0.3470 ? -0.0412 ? -0.0170 ? 0.2544 ? -0.0595 ? 0.2464 ? 0.7370 ? 1.6543  ? -2.6738 ? 7.4249 ? -6.7391 ? 10.0170 ? 0.2250  ? -0.4409 ? -0.2091 ? 0.7678  ? -0.3478 ? -0.2767 ? 0.1289  ? 0.2105  ? 0.1755  ? 
# 
loop_
_pdbx_refine_tls_group.id 
_pdbx_refine_tls_group.pdbx_refine_id 
_pdbx_refine_tls_group.refine_tls_id 
_pdbx_refine_tls_group.beg_label_asym_id 
_pdbx_refine_tls_group.beg_label_seq_id 
_pdbx_refine_tls_group.beg_auth_asym_id 
_pdbx_refine_tls_group.beg_auth_seq_id 
_pdbx_refine_tls_group.beg_PDB_ins_code 
_pdbx_refine_tls_group.end_label_asym_id 
_pdbx_refine_tls_group.end_label_seq_id 
_pdbx_refine_tls_group.end_auth_asym_id 
_pdbx_refine_tls_group.end_auth_seq_id 
_pdbx_refine_tls_group.end_PDB_ins_code 
_pdbx_refine_tls_group.selection 
_pdbx_refine_tls_group.selection_details 
1 'X-RAY DIFFRACTION' 1 ? ? ? ? ? ? ? ? ? ? ? 
;chain 'A' and (resid 177 through 190 )
;
2 'X-RAY DIFFRACTION' 2 ? ? ? ? ? ? ? ? ? ? ? 
;chain 'A' and (resid 191 through 202 )
;
3 'X-RAY DIFFRACTION' 3 ? ? ? ? ? ? ? ? ? ? ? 
;chain 'A' and (resid 203 through 218 )
;
4 'X-RAY DIFFRACTION' 4 ? ? ? ? ? ? ? ? ? ? ? 
;chain 'A' and (resid 219 through 226 )
;
5 'X-RAY DIFFRACTION' 5 ? ? ? ? ? ? ? ? ? ? ? 
;chain 'P' and (resid 1 through 6 )
;
# 
loop_
_pdbx_unobs_or_zero_occ_residues.id 
_pdbx_unobs_or_zero_occ_residues.PDB_model_num 
_pdbx_unobs_or_zero_occ_residues.polymer_flag 
_pdbx_unobs_or_zero_occ_residues.occupancy_flag 
_pdbx_unobs_or_zero_occ_residues.auth_asym_id 
_pdbx_unobs_or_zero_occ_residues.auth_comp_id 
_pdbx_unobs_or_zero_occ_residues.auth_seq_id 
_pdbx_unobs_or_zero_occ_residues.PDB_ins_code 
_pdbx_unobs_or_zero_occ_residues.label_asym_id 
_pdbx_unobs_or_zero_occ_residues.label_comp_id 
_pdbx_unobs_or_zero_occ_residues.label_seq_id 
1  1 Y 1 A GLY 162 ? A GLY 1  
2  1 Y 1 A THR 163 ? A THR 2  
3  1 Y 1 A SER 164 ? A SER 3  
4  1 Y 1 A SER 165 ? A SER 4  
5  1 Y 1 A ASN 166 ? A ASN 5  
6  1 Y 1 A MET 167 ? A MET 6  
7  1 Y 1 A ASP 168 ? A ASP 7  
8  1 Y 1 A LEU 169 ? A LEU 8  
9  1 Y 1 A ASP 170 ? A ASP 9  
10 1 Y 1 A LEU 171 ? A LEU 10 
11 1 Y 1 A PRO 172 ? A PRO 11 
12 1 Y 1 A VAL 173 ? A VAL 12 
13 1 Y 1 A ASP 174 ? A ASP 13 
14 1 Y 1 A PRO 175 ? A PRO 14 
15 1 Y 1 A ASN 176 ? A ASN 15 
16 1 Y 1 A VAL 227 ? A VAL 66 
17 1 Y 1 A LYS 228 ? A LYS 67 
18 1 Y 1 A LYS 229 ? A LYS 68 
19 1 Y 1 A SER 230 ? A SER 69 
20 1 Y 1 A ARG 231 ? A ARG 70 
21 1 Y 1 A LYS 232 ? A LYS 71 
22 1 Y 1 A GLY 233 ? A GLY 72 
23 1 Y 1 A ARG 234 ? A ARG 73 
24 1 Y 1 P ALA 7   ? B ALA 7  
25 1 Y 1 P ARG 8   ? B ARG 8  
26 1 Y 1 P LYS 9   ? B LYS 9  
27 1 Y 1 P SER 10  ? B SER 10 
# 
loop_
_chem_comp_atom.comp_id 
_chem_comp_atom.atom_id 
_chem_comp_atom.type_symbol 
_chem_comp_atom.pdbx_aromatic_flag 
_chem_comp_atom.pdbx_stereo_config 
_chem_comp_atom.pdbx_ordinal 
ALA N    N  N N 1   
ALA CA   C  N S 2   
ALA C    C  N N 3   
ALA O    O  N N 4   
ALA CB   C  N N 5   
ALA OXT  O  N N 6   
ALA H    H  N N 7   
ALA H2   H  N N 8   
ALA HA   H  N N 9   
ALA HB1  H  N N 10  
ALA HB2  H  N N 11  
ALA HB3  H  N N 12  
ALA HXT  H  N N 13  
ARG N    N  N N 14  
ARG CA   C  N S 15  
ARG C    C  N N 16  
ARG O    O  N N 17  
ARG CB   C  N N 18  
ARG CG   C  N N 19  
ARG CD   C  N N 20  
ARG NE   N  N N 21  
ARG CZ   C  N N 22  
ARG NH1  N  N N 23  
ARG NH2  N  N N 24  
ARG OXT  O  N N 25  
ARG H    H  N N 26  
ARG H2   H  N N 27  
ARG HA   H  N N 28  
ARG HB2  H  N N 29  
ARG HB3  H  N N 30  
ARG HG2  H  N N 31  
ARG HG3  H  N N 32  
ARG HD2  H  N N 33  
ARG HD3  H  N N 34  
ARG HE   H  N N 35  
ARG HH11 H  N N 36  
ARG HH12 H  N N 37  
ARG HH21 H  N N 38  
ARG HH22 H  N N 39  
ARG HXT  H  N N 40  
ASN N    N  N N 41  
ASN CA   C  N S 42  
ASN C    C  N N 43  
ASN O    O  N N 44  
ASN CB   C  N N 45  
ASN CG   C  N N 46  
ASN OD1  O  N N 47  
ASN ND2  N  N N 48  
ASN OXT  O  N N 49  
ASN H    H  N N 50  
ASN H2   H  N N 51  
ASN HA   H  N N 52  
ASN HB2  H  N N 53  
ASN HB3  H  N N 54  
ASN HD21 H  N N 55  
ASN HD22 H  N N 56  
ASN HXT  H  N N 57  
ASP N    N  N N 58  
ASP CA   C  N S 59  
ASP C    C  N N 60  
ASP O    O  N N 61  
ASP CB   C  N N 62  
ASP CG   C  N N 63  
ASP OD1  O  N N 64  
ASP OD2  O  N N 65  
ASP OXT  O  N N 66  
ASP H    H  N N 67  
ASP H2   H  N N 68  
ASP HA   H  N N 69  
ASP HB2  H  N N 70  
ASP HB3  H  N N 71  
ASP HD2  H  N N 72  
ASP HXT  H  N N 73  
CYS N    N  N N 74  
CYS CA   C  N R 75  
CYS C    C  N N 76  
CYS O    O  N N 77  
CYS CB   C  N N 78  
CYS SG   S  N N 79  
CYS OXT  O  N N 80  
CYS H    H  N N 81  
CYS H2   H  N N 82  
CYS HA   H  N N 83  
CYS HB2  H  N N 84  
CYS HB3  H  N N 85  
CYS HG   H  N N 86  
CYS HXT  H  N N 87  
GLN N    N  N N 88  
GLN CA   C  N S 89  
GLN C    C  N N 90  
GLN O    O  N N 91  
GLN CB   C  N N 92  
GLN CG   C  N N 93  
GLN CD   C  N N 94  
GLN OE1  O  N N 95  
GLN NE2  N  N N 96  
GLN OXT  O  N N 97  
GLN H    H  N N 98  
GLN H2   H  N N 99  
GLN HA   H  N N 100 
GLN HB2  H  N N 101 
GLN HB3  H  N N 102 
GLN HG2  H  N N 103 
GLN HG3  H  N N 104 
GLN HE21 H  N N 105 
GLN HE22 H  N N 106 
GLN HXT  H  N N 107 
GLU N    N  N N 108 
GLU CA   C  N S 109 
GLU C    C  N N 110 
GLU O    O  N N 111 
GLU CB   C  N N 112 
GLU CG   C  N N 113 
GLU CD   C  N N 114 
GLU OE1  O  N N 115 
GLU OE2  O  N N 116 
GLU OXT  O  N N 117 
GLU H    H  N N 118 
GLU H2   H  N N 119 
GLU HA   H  N N 120 
GLU HB2  H  N N 121 
GLU HB3  H  N N 122 
GLU HG2  H  N N 123 
GLU HG3  H  N N 124 
GLU HE2  H  N N 125 
GLU HXT  H  N N 126 
GLY N    N  N N 127 
GLY CA   C  N N 128 
GLY C    C  N N 129 
GLY O    O  N N 130 
GLY OXT  O  N N 131 
GLY H    H  N N 132 
GLY H2   H  N N 133 
GLY HA2  H  N N 134 
GLY HA3  H  N N 135 
GLY HXT  H  N N 136 
HIS N    N  N N 137 
HIS CA   C  N S 138 
HIS C    C  N N 139 
HIS O    O  N N 140 
HIS CB   C  N N 141 
HIS CG   C  Y N 142 
HIS ND1  N  Y N 143 
HIS CD2  C  Y N 144 
HIS CE1  C  Y N 145 
HIS NE2  N  Y N 146 
HIS OXT  O  N N 147 
HIS H    H  N N 148 
HIS H2   H  N N 149 
HIS HA   H  N N 150 
HIS HB2  H  N N 151 
HIS HB3  H  N N 152 
HIS HD1  H  N N 153 
HIS HD2  H  N N 154 
HIS HE1  H  N N 155 
HIS HE2  H  N N 156 
HIS HXT  H  N N 157 
HOH O    O  N N 158 
HOH H1   H  N N 159 
HOH H2   H  N N 160 
ILE N    N  N N 161 
ILE CA   C  N S 162 
ILE C    C  N N 163 
ILE O    O  N N 164 
ILE CB   C  N S 165 
ILE CG1  C  N N 166 
ILE CG2  C  N N 167 
ILE CD1  C  N N 168 
ILE OXT  O  N N 169 
ILE H    H  N N 170 
ILE H2   H  N N 171 
ILE HA   H  N N 172 
ILE HB   H  N N 173 
ILE HG12 H  N N 174 
ILE HG13 H  N N 175 
ILE HG21 H  N N 176 
ILE HG22 H  N N 177 
ILE HG23 H  N N 178 
ILE HD11 H  N N 179 
ILE HD12 H  N N 180 
ILE HD13 H  N N 181 
ILE HXT  H  N N 182 
LEU N    N  N N 183 
LEU CA   C  N S 184 
LEU C    C  N N 185 
LEU O    O  N N 186 
LEU CB   C  N N 187 
LEU CG   C  N N 188 
LEU CD1  C  N N 189 
LEU CD2  C  N N 190 
LEU OXT  O  N N 191 
LEU H    H  N N 192 
LEU H2   H  N N 193 
LEU HA   H  N N 194 
LEU HB2  H  N N 195 
LEU HB3  H  N N 196 
LEU HG   H  N N 197 
LEU HD11 H  N N 198 
LEU HD12 H  N N 199 
LEU HD13 H  N N 200 
LEU HD21 H  N N 201 
LEU HD22 H  N N 202 
LEU HD23 H  N N 203 
LEU HXT  H  N N 204 
LYS N    N  N N 205 
LYS CA   C  N S 206 
LYS C    C  N N 207 
LYS O    O  N N 208 
LYS CB   C  N N 209 
LYS CG   C  N N 210 
LYS CD   C  N N 211 
LYS CE   C  N N 212 
LYS NZ   N  N N 213 
LYS OXT  O  N N 214 
LYS H    H  N N 215 
LYS H2   H  N N 216 
LYS HA   H  N N 217 
LYS HB2  H  N N 218 
LYS HB3  H  N N 219 
LYS HG2  H  N N 220 
LYS HG3  H  N N 221 
LYS HD2  H  N N 222 
LYS HD3  H  N N 223 
LYS HE2  H  N N 224 
LYS HE3  H  N N 225 
LYS HZ1  H  N N 226 
LYS HZ2  H  N N 227 
LYS HZ3  H  N N 228 
LYS HXT  H  N N 229 
M3L N    N  N N 230 
M3L CA   C  N S 231 
M3L CB   C  N N 232 
M3L CG   C  N N 233 
M3L CD   C  N N 234 
M3L CE   C  N N 235 
M3L NZ   N  N N 236 
M3L C    C  N N 237 
M3L O    O  N N 238 
M3L OXT  O  N N 239 
M3L CM1  C  N N 240 
M3L CM2  C  N N 241 
M3L CM3  C  N N 242 
M3L H    H  N N 243 
M3L H2   H  N N 244 
M3L HA   H  N N 245 
M3L HB2  H  N N 246 
M3L HB3  H  N N 247 
M3L HG2  H  N N 248 
M3L HG3  H  N N 249 
M3L HD2  H  N N 250 
M3L HD3  H  N N 251 
M3L HE2  H  N N 252 
M3L HE3  H  N N 253 
M3L HXT  H  N N 254 
M3L HM11 H  N N 255 
M3L HM12 H  N N 256 
M3L HM13 H  N N 257 
M3L HM21 H  N N 258 
M3L HM22 H  N N 259 
M3L HM23 H  N N 260 
M3L HM31 H  N N 261 
M3L HM32 H  N N 262 
M3L HM33 H  N N 263 
MET N    N  N N 264 
MET CA   C  N S 265 
MET C    C  N N 266 
MET O    O  N N 267 
MET CB   C  N N 268 
MET CG   C  N N 269 
MET SD   S  N N 270 
MET CE   C  N N 271 
MET OXT  O  N N 272 
MET H    H  N N 273 
MET H2   H  N N 274 
MET HA   H  N N 275 
MET HB2  H  N N 276 
MET HB3  H  N N 277 
MET HG2  H  N N 278 
MET HG3  H  N N 279 
MET HE1  H  N N 280 
MET HE2  H  N N 281 
MET HE3  H  N N 282 
MET HXT  H  N N 283 
PHE N    N  N N 284 
PHE CA   C  N S 285 
PHE C    C  N N 286 
PHE O    O  N N 287 
PHE CB   C  N N 288 
PHE CG   C  Y N 289 
PHE CD1  C  Y N 290 
PHE CD2  C  Y N 291 
PHE CE1  C  Y N 292 
PHE CE2  C  Y N 293 
PHE CZ   C  Y N 294 
PHE OXT  O  N N 295 
PHE H    H  N N 296 
PHE H2   H  N N 297 
PHE HA   H  N N 298 
PHE HB2  H  N N 299 
PHE HB3  H  N N 300 
PHE HD1  H  N N 301 
PHE HD2  H  N N 302 
PHE HE1  H  N N 303 
PHE HE2  H  N N 304 
PHE HZ   H  N N 305 
PHE HXT  H  N N 306 
PRO N    N  N N 307 
PRO CA   C  N S 308 
PRO C    C  N N 309 
PRO O    O  N N 310 
PRO CB   C  N N 311 
PRO CG   C  N N 312 
PRO CD   C  N N 313 
PRO OXT  O  N N 314 
PRO H    H  N N 315 
PRO HA   H  N N 316 
PRO HB2  H  N N 317 
PRO HB3  H  N N 318 
PRO HG2  H  N N 319 
PRO HG3  H  N N 320 
PRO HD2  H  N N 321 
PRO HD3  H  N N 322 
PRO HXT  H  N N 323 
SER N    N  N N 324 
SER CA   C  N S 325 
SER C    C  N N 326 
SER O    O  N N 327 
SER CB   C  N N 328 
SER OG   O  N N 329 
SER OXT  O  N N 330 
SER H    H  N N 331 
SER H2   H  N N 332 
SER HA   H  N N 333 
SER HB2  H  N N 334 
SER HB3  H  N N 335 
SER HG   H  N N 336 
SER HXT  H  N N 337 
THR N    N  N N 338 
THR CA   C  N S 339 
THR C    C  N N 340 
THR O    O  N N 341 
THR CB   C  N R 342 
THR OG1  O  N N 343 
THR CG2  C  N N 344 
THR OXT  O  N N 345 
THR H    H  N N 346 
THR H2   H  N N 347 
THR HA   H  N N 348 
THR HB   H  N N 349 
THR HG1  H  N N 350 
THR HG21 H  N N 351 
THR HG22 H  N N 352 
THR HG23 H  N N 353 
THR HXT  H  N N 354 
TRP N    N  N N 355 
TRP CA   C  N S 356 
TRP C    C  N N 357 
TRP O    O  N N 358 
TRP CB   C  N N 359 
TRP CG   C  Y N 360 
TRP CD1  C  Y N 361 
TRP CD2  C  Y N 362 
TRP NE1  N  Y N 363 
TRP CE2  C  Y N 364 
TRP CE3  C  Y N 365 
TRP CZ2  C  Y N 366 
TRP CZ3  C  Y N 367 
TRP CH2  C  Y N 368 
TRP OXT  O  N N 369 
TRP H    H  N N 370 
TRP H2   H  N N 371 
TRP HA   H  N N 372 
TRP HB2  H  N N 373 
TRP HB3  H  N N 374 
TRP HD1  H  N N 375 
TRP HE1  H  N N 376 
TRP HE3  H  N N 377 
TRP HZ2  H  N N 378 
TRP HZ3  H  N N 379 
TRP HH2  H  N N 380 
TRP HXT  H  N N 381 
TYR N    N  N N 382 
TYR CA   C  N S 383 
TYR C    C  N N 384 
TYR O    O  N N 385 
TYR CB   C  N N 386 
TYR CG   C  Y N 387 
TYR CD1  C  Y N 388 
TYR CD2  C  Y N 389 
TYR CE1  C  Y N 390 
TYR CE2  C  Y N 391 
TYR CZ   C  Y N 392 
TYR OH   O  N N 393 
TYR OXT  O  N N 394 
TYR H    H  N N 395 
TYR H2   H  N N 396 
TYR HA   H  N N 397 
TYR HB2  H  N N 398 
TYR HB3  H  N N 399 
TYR HD1  H  N N 400 
TYR HD2  H  N N 401 
TYR HE1  H  N N 402 
TYR HE2  H  N N 403 
TYR HH   H  N N 404 
TYR HXT  H  N N 405 
VAL N    N  N N 406 
VAL CA   C  N S 407 
VAL C    C  N N 408 
VAL O    O  N N 409 
VAL CB   C  N N 410 
VAL CG1  C  N N 411 
VAL CG2  C  N N 412 
VAL OXT  O  N N 413 
VAL H    H  N N 414 
VAL H2   H  N N 415 
VAL HA   H  N N 416 
VAL HB   H  N N 417 
VAL HG11 H  N N 418 
VAL HG12 H  N N 419 
VAL HG13 H  N N 420 
VAL HG21 H  N N 421 
VAL HG22 H  N N 422 
VAL HG23 H  N N 423 
VAL HXT  H  N N 424 
ZN  ZN   ZN N N 425 
# 
loop_
_chem_comp_bond.comp_id 
_chem_comp_bond.atom_id_1 
_chem_comp_bond.atom_id_2 
_chem_comp_bond.value_order 
_chem_comp_bond.pdbx_aromatic_flag 
_chem_comp_bond.pdbx_stereo_config 
_chem_comp_bond.pdbx_ordinal 
ALA N   CA   sing N N 1   
ALA N   H    sing N N 2   
ALA N   H2   sing N N 3   
ALA CA  C    sing N N 4   
ALA CA  CB   sing N N 5   
ALA CA  HA   sing N N 6   
ALA C   O    doub N N 7   
ALA C   OXT  sing N N 8   
ALA CB  HB1  sing N N 9   
ALA CB  HB2  sing N N 10  
ALA CB  HB3  sing N N 11  
ALA OXT HXT  sing N N 12  
ARG N   CA   sing N N 13  
ARG N   H    sing N N 14  
ARG N   H2   sing N N 15  
ARG CA  C    sing N N 16  
ARG CA  CB   sing N N 17  
ARG CA  HA   sing N N 18  
ARG C   O    doub N N 19  
ARG C   OXT  sing N N 20  
ARG CB  CG   sing N N 21  
ARG CB  HB2  sing N N 22  
ARG CB  HB3  sing N N 23  
ARG CG  CD   sing N N 24  
ARG CG  HG2  sing N N 25  
ARG CG  HG3  sing N N 26  
ARG CD  NE   sing N N 27  
ARG CD  HD2  sing N N 28  
ARG CD  HD3  sing N N 29  
ARG NE  CZ   sing N N 30  
ARG NE  HE   sing N N 31  
ARG CZ  NH1  sing N N 32  
ARG CZ  NH2  doub N N 33  
ARG NH1 HH11 sing N N 34  
ARG NH1 HH12 sing N N 35  
ARG NH2 HH21 sing N N 36  
ARG NH2 HH22 sing N N 37  
ARG OXT HXT  sing N N 38  
ASN N   CA   sing N N 39  
ASN N   H    sing N N 40  
ASN N   H2   sing N N 41  
ASN CA  C    sing N N 42  
ASN CA  CB   sing N N 43  
ASN CA  HA   sing N N 44  
ASN C   O    doub N N 45  
ASN C   OXT  sing N N 46  
ASN CB  CG   sing N N 47  
ASN CB  HB2  sing N N 48  
ASN CB  HB3  sing N N 49  
ASN CG  OD1  doub N N 50  
ASN CG  ND2  sing N N 51  
ASN ND2 HD21 sing N N 52  
ASN ND2 HD22 sing N N 53  
ASN OXT HXT  sing N N 54  
ASP N   CA   sing N N 55  
ASP N   H    sing N N 56  
ASP N   H2   sing N N 57  
ASP CA  C    sing N N 58  
ASP CA  CB   sing N N 59  
ASP CA  HA   sing N N 60  
ASP C   O    doub N N 61  
ASP C   OXT  sing N N 62  
ASP CB  CG   sing N N 63  
ASP CB  HB2  sing N N 64  
ASP CB  HB3  sing N N 65  
ASP CG  OD1  doub N N 66  
ASP CG  OD2  sing N N 67  
ASP OD2 HD2  sing N N 68  
ASP OXT HXT  sing N N 69  
CYS N   CA   sing N N 70  
CYS N   H    sing N N 71  
CYS N   H2   sing N N 72  
CYS CA  C    sing N N 73  
CYS CA  CB   sing N N 74  
CYS CA  HA   sing N N 75  
CYS C   O    doub N N 76  
CYS C   OXT  sing N N 77  
CYS CB  SG   sing N N 78  
CYS CB  HB2  sing N N 79  
CYS CB  HB3  sing N N 80  
CYS SG  HG   sing N N 81  
CYS OXT HXT  sing N N 82  
GLN N   CA   sing N N 83  
GLN N   H    sing N N 84  
GLN N   H2   sing N N 85  
GLN CA  C    sing N N 86  
GLN CA  CB   sing N N 87  
GLN CA  HA   sing N N 88  
GLN C   O    doub N N 89  
GLN C   OXT  sing N N 90  
GLN CB  CG   sing N N 91  
GLN CB  HB2  sing N N 92  
GLN CB  HB3  sing N N 93  
GLN CG  CD   sing N N 94  
GLN CG  HG2  sing N N 95  
GLN CG  HG3  sing N N 96  
GLN CD  OE1  doub N N 97  
GLN CD  NE2  sing N N 98  
GLN NE2 HE21 sing N N 99  
GLN NE2 HE22 sing N N 100 
GLN OXT HXT  sing N N 101 
GLU N   CA   sing N N 102 
GLU N   H    sing N N 103 
GLU N   H2   sing N N 104 
GLU CA  C    sing N N 105 
GLU CA  CB   sing N N 106 
GLU CA  HA   sing N N 107 
GLU C   O    doub N N 108 
GLU C   OXT  sing N N 109 
GLU CB  CG   sing N N 110 
GLU CB  HB2  sing N N 111 
GLU CB  HB3  sing N N 112 
GLU CG  CD   sing N N 113 
GLU CG  HG2  sing N N 114 
GLU CG  HG3  sing N N 115 
GLU CD  OE1  doub N N 116 
GLU CD  OE2  sing N N 117 
GLU OE2 HE2  sing N N 118 
GLU OXT HXT  sing N N 119 
GLY N   CA   sing N N 120 
GLY N   H    sing N N 121 
GLY N   H2   sing N N 122 
GLY CA  C    sing N N 123 
GLY CA  HA2  sing N N 124 
GLY CA  HA3  sing N N 125 
GLY C   O    doub N N 126 
GLY C   OXT  sing N N 127 
GLY OXT HXT  sing N N 128 
HIS N   CA   sing N N 129 
HIS N   H    sing N N 130 
HIS N   H2   sing N N 131 
HIS CA  C    sing N N 132 
HIS CA  CB   sing N N 133 
HIS CA  HA   sing N N 134 
HIS C   O    doub N N 135 
HIS C   OXT  sing N N 136 
HIS CB  CG   sing N N 137 
HIS CB  HB2  sing N N 138 
HIS CB  HB3  sing N N 139 
HIS CG  ND1  sing Y N 140 
HIS CG  CD2  doub Y N 141 
HIS ND1 CE1  doub Y N 142 
HIS ND1 HD1  sing N N 143 
HIS CD2 NE2  sing Y N 144 
HIS CD2 HD2  sing N N 145 
HIS CE1 NE2  sing Y N 146 
HIS CE1 HE1  sing N N 147 
HIS NE2 HE2  sing N N 148 
HIS OXT HXT  sing N N 149 
HOH O   H1   sing N N 150 
HOH O   H2   sing N N 151 
ILE N   CA   sing N N 152 
ILE N   H    sing N N 153 
ILE N   H2   sing N N 154 
ILE CA  C    sing N N 155 
ILE CA  CB   sing N N 156 
ILE CA  HA   sing N N 157 
ILE C   O    doub N N 158 
ILE C   OXT  sing N N 159 
ILE CB  CG1  sing N N 160 
ILE CB  CG2  sing N N 161 
ILE CB  HB   sing N N 162 
ILE CG1 CD1  sing N N 163 
ILE CG1 HG12 sing N N 164 
ILE CG1 HG13 sing N N 165 
ILE CG2 HG21 sing N N 166 
ILE CG2 HG22 sing N N 167 
ILE CG2 HG23 sing N N 168 
ILE CD1 HD11 sing N N 169 
ILE CD1 HD12 sing N N 170 
ILE CD1 HD13 sing N N 171 
ILE OXT HXT  sing N N 172 
LEU N   CA   sing N N 173 
LEU N   H    sing N N 174 
LEU N   H2   sing N N 175 
LEU CA  C    sing N N 176 
LEU CA  CB   sing N N 177 
LEU CA  HA   sing N N 178 
LEU C   O    doub N N 179 
LEU C   OXT  sing N N 180 
LEU CB  CG   sing N N 181 
LEU CB  HB2  sing N N 182 
LEU CB  HB3  sing N N 183 
LEU CG  CD1  sing N N 184 
LEU CG  CD2  sing N N 185 
LEU CG  HG   sing N N 186 
LEU CD1 HD11 sing N N 187 
LEU CD1 HD12 sing N N 188 
LEU CD1 HD13 sing N N 189 
LEU CD2 HD21 sing N N 190 
LEU CD2 HD22 sing N N 191 
LEU CD2 HD23 sing N N 192 
LEU OXT HXT  sing N N 193 
LYS N   CA   sing N N 194 
LYS N   H    sing N N 195 
LYS N   H2   sing N N 196 
LYS CA  C    sing N N 197 
LYS CA  CB   sing N N 198 
LYS CA  HA   sing N N 199 
LYS C   O    doub N N 200 
LYS C   OXT  sing N N 201 
LYS CB  CG   sing N N 202 
LYS CB  HB2  sing N N 203 
LYS CB  HB3  sing N N 204 
LYS CG  CD   sing N N 205 
LYS CG  HG2  sing N N 206 
LYS CG  HG3  sing N N 207 
LYS CD  CE   sing N N 208 
LYS CD  HD2  sing N N 209 
LYS CD  HD3  sing N N 210 
LYS CE  NZ   sing N N 211 
LYS CE  HE2  sing N N 212 
LYS CE  HE3  sing N N 213 
LYS NZ  HZ1  sing N N 214 
LYS NZ  HZ2  sing N N 215 
LYS NZ  HZ3  sing N N 216 
LYS OXT HXT  sing N N 217 
M3L N   CA   sing N N 218 
M3L N   H    sing N N 219 
M3L N   H2   sing N N 220 
M3L CA  CB   sing N N 221 
M3L CA  C    sing N N 222 
M3L CA  HA   sing N N 223 
M3L CB  CG   sing N N 224 
M3L CB  HB2  sing N N 225 
M3L CB  HB3  sing N N 226 
M3L CG  CD   sing N N 227 
M3L CG  HG2  sing N N 228 
M3L CG  HG3  sing N N 229 
M3L CD  CE   sing N N 230 
M3L CD  HD2  sing N N 231 
M3L CD  HD3  sing N N 232 
M3L CE  NZ   sing N N 233 
M3L CE  HE2  sing N N 234 
M3L CE  HE3  sing N N 235 
M3L NZ  CM1  sing N N 236 
M3L NZ  CM2  sing N N 237 
M3L NZ  CM3  sing N N 238 
M3L C   O    doub N N 239 
M3L C   OXT  sing N N 240 
M3L OXT HXT  sing N N 241 
M3L CM1 HM11 sing N N 242 
M3L CM1 HM12 sing N N 243 
M3L CM1 HM13 sing N N 244 
M3L CM2 HM21 sing N N 245 
M3L CM2 HM22 sing N N 246 
M3L CM2 HM23 sing N N 247 
M3L CM3 HM31 sing N N 248 
M3L CM3 HM32 sing N N 249 
M3L CM3 HM33 sing N N 250 
MET N   CA   sing N N 251 
MET N   H    sing N N 252 
MET N   H2   sing N N 253 
MET CA  C    sing N N 254 
MET CA  CB   sing N N 255 
MET CA  HA   sing N N 256 
MET C   O    doub N N 257 
MET C   OXT  sing N N 258 
MET CB  CG   sing N N 259 
MET CB  HB2  sing N N 260 
MET CB  HB3  sing N N 261 
MET CG  SD   sing N N 262 
MET CG  HG2  sing N N 263 
MET CG  HG3  sing N N 264 
MET SD  CE   sing N N 265 
MET CE  HE1  sing N N 266 
MET CE  HE2  sing N N 267 
MET CE  HE3  sing N N 268 
MET OXT HXT  sing N N 269 
PHE N   CA   sing N N 270 
PHE N   H    sing N N 271 
PHE N   H2   sing N N 272 
PHE CA  C    sing N N 273 
PHE CA  CB   sing N N 274 
PHE CA  HA   sing N N 275 
PHE C   O    doub N N 276 
PHE C   OXT  sing N N 277 
PHE CB  CG   sing N N 278 
PHE CB  HB2  sing N N 279 
PHE CB  HB3  sing N N 280 
PHE CG  CD1  doub Y N 281 
PHE CG  CD2  sing Y N 282 
PHE CD1 CE1  sing Y N 283 
PHE CD1 HD1  sing N N 284 
PHE CD2 CE2  doub Y N 285 
PHE CD2 HD2  sing N N 286 
PHE CE1 CZ   doub Y N 287 
PHE CE1 HE1  sing N N 288 
PHE CE2 CZ   sing Y N 289 
PHE CE2 HE2  sing N N 290 
PHE CZ  HZ   sing N N 291 
PHE OXT HXT  sing N N 292 
PRO N   CA   sing N N 293 
PRO N   CD   sing N N 294 
PRO N   H    sing N N 295 
PRO CA  C    sing N N 296 
PRO CA  CB   sing N N 297 
PRO CA  HA   sing N N 298 
PRO C   O    doub N N 299 
PRO C   OXT  sing N N 300 
PRO CB  CG   sing N N 301 
PRO CB  HB2  sing N N 302 
PRO CB  HB3  sing N N 303 
PRO CG  CD   sing N N 304 
PRO CG  HG2  sing N N 305 
PRO CG  HG3  sing N N 306 
PRO CD  HD2  sing N N 307 
PRO CD  HD3  sing N N 308 
PRO OXT HXT  sing N N 309 
SER N   CA   sing N N 310 
SER N   H    sing N N 311 
SER N   H2   sing N N 312 
SER CA  C    sing N N 313 
SER CA  CB   sing N N 314 
SER CA  HA   sing N N 315 
SER C   O    doub N N 316 
SER C   OXT  sing N N 317 
SER CB  OG   sing N N 318 
SER CB  HB2  sing N N 319 
SER CB  HB3  sing N N 320 
SER OG  HG   sing N N 321 
SER OXT HXT  sing N N 322 
THR N   CA   sing N N 323 
THR N   H    sing N N 324 
THR N   H2   sing N N 325 
THR CA  C    sing N N 326 
THR CA  CB   sing N N 327 
THR CA  HA   sing N N 328 
THR C   O    doub N N 329 
THR C   OXT  sing N N 330 
THR CB  OG1  sing N N 331 
THR CB  CG2  sing N N 332 
THR CB  HB   sing N N 333 
THR OG1 HG1  sing N N 334 
THR CG2 HG21 sing N N 335 
THR CG2 HG22 sing N N 336 
THR CG2 HG23 sing N N 337 
THR OXT HXT  sing N N 338 
TRP N   CA   sing N N 339 
TRP N   H    sing N N 340 
TRP N   H2   sing N N 341 
TRP CA  C    sing N N 342 
TRP CA  CB   sing N N 343 
TRP CA  HA   sing N N 344 
TRP C   O    doub N N 345 
TRP C   OXT  sing N N 346 
TRP CB  CG   sing N N 347 
TRP CB  HB2  sing N N 348 
TRP CB  HB3  sing N N 349 
TRP CG  CD1  doub Y N 350 
TRP CG  CD2  sing Y N 351 
TRP CD1 NE1  sing Y N 352 
TRP CD1 HD1  sing N N 353 
TRP CD2 CE2  doub Y N 354 
TRP CD2 CE3  sing Y N 355 
TRP NE1 CE2  sing Y N 356 
TRP NE1 HE1  sing N N 357 
TRP CE2 CZ2  sing Y N 358 
TRP CE3 CZ3  doub Y N 359 
TRP CE3 HE3  sing N N 360 
TRP CZ2 CH2  doub Y N 361 
TRP CZ2 HZ2  sing N N 362 
TRP CZ3 CH2  sing Y N 363 
TRP CZ3 HZ3  sing N N 364 
TRP CH2 HH2  sing N N 365 
TRP OXT HXT  sing N N 366 
TYR N   CA   sing N N 367 
TYR N   H    sing N N 368 
TYR N   H2   sing N N 369 
TYR CA  C    sing N N 370 
TYR CA  CB   sing N N 371 
TYR CA  HA   sing N N 372 
TYR C   O    doub N N 373 
TYR C   OXT  sing N N 374 
TYR CB  CG   sing N N 375 
TYR CB  HB2  sing N N 376 
TYR CB  HB3  sing N N 377 
TYR CG  CD1  doub Y N 378 
TYR CG  CD2  sing Y N 379 
TYR CD1 CE1  sing Y N 380 
TYR CD1 HD1  sing N N 381 
TYR CD2 CE2  doub Y N 382 
TYR CD2 HD2  sing N N 383 
TYR CE1 CZ   doub Y N 384 
TYR CE1 HE1  sing N N 385 
TYR CE2 CZ   sing Y N 386 
TYR CE2 HE2  sing N N 387 
TYR CZ  OH   sing N N 388 
TYR OH  HH   sing N N 389 
TYR OXT HXT  sing N N 390 
VAL N   CA   sing N N 391 
VAL N   H    sing N N 392 
VAL N   H2   sing N N 393 
VAL CA  C    sing N N 394 
VAL CA  CB   sing N N 395 
VAL CA  HA   sing N N 396 
VAL C   O    doub N N 397 
VAL C   OXT  sing N N 398 
VAL CB  CG1  sing N N 399 
VAL CB  CG2  sing N N 400 
VAL CB  HB   sing N N 401 
VAL CG1 HG11 sing N N 402 
VAL CG1 HG12 sing N N 403 
VAL CG1 HG13 sing N N 404 
VAL CG2 HG21 sing N N 405 
VAL CG2 HG22 sing N N 406 
VAL CG2 HG23 sing N N 407 
VAL OXT HXT  sing N N 408 
# 
_pdbx_audit_support.funding_organization   'National Natural Science Foundation of China (NSFC)' 
_pdbx_audit_support.country                China 
_pdbx_audit_support.grant_number           32325008 
_pdbx_audit_support.ordinal                1 
# 
_atom_sites.entry_id                    9M4R 
_atom_sites.Cartn_transf_matrix[1][1]   ? 
_atom_sites.Cartn_transf_matrix[1][2]   ? 
_atom_sites.Cartn_transf_matrix[1][3]   ? 
_atom_sites.Cartn_transf_matrix[2][1]   ? 
_atom_sites.Cartn_transf_matrix[2][2]   ? 
_atom_sites.Cartn_transf_matrix[2][3]   ? 
_atom_sites.Cartn_transf_matrix[3][1]   ? 
_atom_sites.Cartn_transf_matrix[3][2]   ? 
_atom_sites.Cartn_transf_matrix[3][3]   ? 
_atom_sites.Cartn_transf_vector[1]      ? 
_atom_sites.Cartn_transf_vector[2]      ? 
_atom_sites.Cartn_transf_vector[3]      ? 
_atom_sites.Cartn_transform_axes        ? 
_atom_sites.fract_transf_matrix[1][1]   0.01856195 
_atom_sites.fract_transf_matrix[1][2]   0.01669831 
_atom_sites.fract_transf_matrix[1][3]   0.01177338 
_atom_sites.fract_transf_matrix[2][1]   -0.00458558 
_atom_sites.fract_transf_matrix[2][2]   0.01008801 
_atom_sites.fract_transf_matrix[2][3]   0.02528320 
_atom_sites.fract_transf_matrix[3][1]   0.00662168 
_atom_sites.fract_transf_matrix[3][2]   -0.01142019 
_atom_sites.fract_transf_matrix[3][3]   0.00575763 
_atom_sites.fract_transf_vector[1]      0.433859 
_atom_sites.fract_transf_vector[2]      0.771046 
_atom_sites.fract_transf_vector[3]      0.419939 
_atom_sites.solution_primary            ? 
_atom_sites.solution_secondary          ? 
_atom_sites.solution_hydrogens          ? 
_atom_sites.special_details             ? 
# 
loop_
_atom_type.symbol 
C  
N  
O  
S  
ZN 
# 
loop_
_atom_site.group_PDB 
_atom_site.id 
_atom_site.type_symbol 
_atom_site.label_atom_id 
_atom_site.label_alt_id 
_atom_site.label_comp_id 
_atom_site.label_asym_id 
_atom_site.label_entity_id 
_atom_site.label_seq_id 
_atom_site.pdbx_PDB_ins_code 
_atom_site.Cartn_x 
_atom_site.Cartn_y 
_atom_site.Cartn_z 
_atom_site.occupancy 
_atom_site.B_iso_or_equiv 
_atom_site.pdbx_formal_charge 
_atom_site.auth_seq_id 
_atom_site.auth_comp_id 
_atom_site.auth_asym_id 
_atom_site.auth_atom_id 
_atom_site.pdbx_PDB_model_num 
ATOM   1   N  N   . GLU A 1 16 ? -10.168 -7.078  11.713  1.00 56.90 ? 177 GLU A N   1 
ATOM   2   C  CA  . GLU A 1 16 ? -11.313 -7.186  10.815  1.00 55.08 ? 177 GLU A CA  1 
ATOM   3   C  C   . GLU A 1 16 ? -11.069 -6.503  9.463   1.00 46.25 ? 177 GLU A C   1 
ATOM   4   O  O   . GLU A 1 16 ? -11.392 -7.112  8.449   1.00 47.35 ? 177 GLU A O   1 
ATOM   5   C  CB  . GLU A 1 16 ? -12.597 -6.623  11.469  1.00 57.50 ? 177 GLU A CB  1 
ATOM   6   C  CG  . GLU A 1 16 ? -13.868 -7.456  11.206  1.00 65.34 ? 177 GLU A CG  1 
ATOM   7   C  CD  . GLU A 1 16 ? -13.940 -8.743  12.040  1.00 68.68 ? 177 GLU A CD  1 
ATOM   8   O  OE1 . GLU A 1 16 ? -13.611 -8.695  13.254  1.00 71.00 ? 177 GLU A OE1 1 
ATOM   9   O  OE2 . GLU A 1 16 ? -14.335 -9.796  11.477  1.00 68.92 ? 177 GLU A OE2 1 
ATOM   10  N  N   . PRO A 1 17 ? -10.522 -5.259  9.425   1.00 45.00 ? 178 PRO A N   1 
ATOM   11  C  CA  . PRO A 1 17 ? -10.512 -4.630  8.093   1.00 35.90 ? 178 PRO A CA  1 
ATOM   12  C  C   . PRO A 1 17 ? -9.568  -5.283  7.102   1.00 28.43 ? 178 PRO A C   1 
ATOM   13  O  O   . PRO A 1 17 ? -8.519  -5.766  7.481   1.00 31.98 ? 178 PRO A O   1 
ATOM   14  C  CB  . PRO A 1 17 ? -10.043 -3.198  8.356   1.00 40.18 ? 178 PRO A CB  1 
ATOM   15  C  CG  . PRO A 1 17 ? -9.370  -3.235  9.656   1.00 46.99 ? 178 PRO A CG  1 
ATOM   16  C  CD  . PRO A 1 17 ? -9.996  -4.342  10.456  1.00 41.58 ? 178 PRO A CD  1 
ATOM   17  N  N   . THR A 1 18 ? -9.942  -5.247  5.843   1.00 31.36 ? 179 THR A N   1 
ATOM   18  C  CA  . THR A 1 18 ? -9.057  -5.771  4.803   1.00 24.79 ? 179 THR A CA  1 
ATOM   19  C  C   . THR A 1 18 ? -8.540  -4.589  3.933   1.00 23.62 ? 179 THR A C   1 
ATOM   20  O  O   . THR A 1 18 ? -9.110  -3.471  3.892   1.00 29.12 ? 179 THR A O   1 
ATOM   21  C  CB  . THR A 1 18 ? -9.745  -6.812  3.928   1.00 27.27 ? 179 THR A CB  1 
ATOM   22  O  OG1 . THR A 1 18 ? -10.920 -6.242  3.362   1.00 32.83 ? 179 THR A OG1 1 
ATOM   23  C  CG2 . THR A 1 18 ? -10.118 -8.054  4.770   1.00 31.74 ? 179 THR A CG2 1 
ATOM   24  N  N   . TYR A 1 19 ? -7.434  -4.862  3.251   1.00 22.12 ? 180 TYR A N   1 
ATOM   25  C  CA  . TYR A 1 19 ? -6.691  -3.858  2.520   1.00 22.38 ? 180 TYR A CA  1 
ATOM   26  C  C   . TYR A 1 19 ? -6.201  -4.381  1.187   1.00 20.73 ? 180 TYR A C   1 
ATOM   27  O  O   . TYR A 1 19 ? -6.376  -5.567  0.859   1.00 22.53 ? 180 TYR A O   1 
ATOM   28  C  CB  . TYR A 1 19 ? -5.492  -3.408  3.381   1.00 22.15 ? 180 TYR A CB  1 
ATOM   29  C  CG  . TYR A 1 19 ? -5.919  -2.742  4.658   1.00 25.28 ? 180 TYR A CG  1 
ATOM   30  C  CD1 . TYR A 1 19 ? -5.881  -3.444  5.873   1.00 29.20 ? 180 TYR A CD1 1 
ATOM   31  C  CD2 . TYR A 1 19 ? -6.379  -1.445  4.651   1.00 29.55 ? 180 TYR A CD2 1 
ATOM   32  C  CE1 . TYR A 1 19 ? -6.293  -2.825  7.038   1.00 32.74 ? 180 TYR A CE1 1 
ATOM   33  C  CE2 . TYR A 1 19 ? -6.770  -0.833  5.801   1.00 33.79 ? 180 TYR A CE2 1 
ATOM   34  C  CZ  . TYR A 1 19 ? -6.722  -1.519  6.981   1.00 32.04 ? 180 TYR A CZ  1 
ATOM   35  O  OH  . TYR A 1 19 ? -7.143  -0.842  8.100   1.00 40.19 ? 180 TYR A OH  1 
ATOM   36  N  N   . CYS A 1 20 ? -5.547  -3.509  0.432   1.00 20.80 ? 181 CYS A N   1 
ATOM   37  C  CA  . CYS A 1 20 ? -4.671  -3.885  -0.651  1.00 19.40 ? 181 CYS A CA  1 
ATOM   38  C  C   . CYS A 1 20 ? -5.466  -4.359  -1.864  1.00 19.43 ? 181 CYS A C   1 
ATOM   39  O  O   . CYS A 1 20 ? -6.695  -4.421  -1.828  1.00 26.17 ? 181 CYS A O   1 
ATOM   40  C  CB  . CYS A 1 20 ? -3.677  -4.992  -0.205  1.00 18.96 ? 181 CYS A CB  1 
ATOM   41  S  SG  . CYS A 1 20 ? -2.252  -5.279  -1.334  1.00 20.51 ? 181 CYS A SG  1 
ATOM   42  N  N   . ILE A 1 21 ? -4.748  -4.685  -2.937  1.00 21.43 ? 182 ILE A N   1 
ATOM   43  C  CA  . ILE A 1 21 ? -5.440  -5.250  -4.119  1.00 22.26 ? 182 ILE A CA  1 
ATOM   44  C  C   . ILE A 1 21 ? -5.876  -6.714  -3.847  1.00 26.87 ? 182 ILE A C   1 
ATOM   45  O  O   . ILE A 1 21 ? -6.679  -7.292  -4.592  1.00 27.05 ? 182 ILE A O   1 
ATOM   46  C  CB  . ILE A 1 21 ? -4.552  -5.216  -5.332  1.00 25.34 ? 182 ILE A CB  1 
ATOM   47  C  CG1 . ILE A 1 21 ? -3.267  -6.018  -5.089  1.00 31.27 ? 182 ILE A CG1 1 
ATOM   48  C  CG2 . ILE A 1 21 ? -4.387  -3.752  -5.772  1.00 30.25 ? 182 ILE A CG2 1 
ATOM   49  C  CD1 . ILE A 1 21 ? -2.232  -5.961  -6.238  1.00 38.58 ? 182 ILE A CD1 1 
ATOM   50  N  N   . CYS A 1 22 ? -5.356  -7.315  -2.775  1.00 24.61 ? 183 CYS A N   1 
ATOM   51  C  CA  . CYS A 1 22 ? -5.617  -8.712  -2.479  1.00 23.68 ? 183 CYS A CA  1 
ATOM   52  C  C   . CYS A 1 22 ? -6.746  -8.920  -1.489  1.00 23.52 ? 183 CYS A C   1 
ATOM   53  O  O   . CYS A 1 22 ? -7.219  -10.030 -1.281  1.00 23.36 ? 183 CYS A O   1 
ATOM   54  C  CB  . CYS A 1 22 ? -4.322  -9.393  -1.907  1.00 20.90 ? 183 CYS A CB  1 
ATOM   55  S  SG  . CYS A 1 22 ? -3.910  -8.669  -0.297  1.00 20.83 ? 183 CYS A SG  1 
ATOM   56  N  N   . ASN A 1 23 ? -7.226  -7.804  -0.907  1.00 24.45 ? 184 ASN A N   1 
ATOM   57  C  CA  . ASN A 1 23 ? -8.364  -7.838  -0.009  1.00 22.41 ? 184 ASN A CA  1 
ATOM   58  C  C   . ASN A 1 23 ? -8.110  -8.770  1.191   1.00 21.35 ? 184 ASN A C   1 
ATOM   59  O  O   . ASN A 1 23 ? -9.000  -9.474  1.616   1.00 27.55 ? 184 ASN A O   1 
ATOM   60  C  CB  . ASN A 1 23 ? -9.610  -8.286  -0.714  1.00 26.13 ? 184 ASN A CB  1 
ATOM   61  C  CG  . ASN A 1 23 ? -10.059 -7.305  -1.752  1.00 42.50 ? 184 ASN A CG  1 
ATOM   62  O  OD1 . ASN A 1 23 ? -10.475 -6.204  -1.406  1.00 42.07 ? 184 ASN A OD1 1 
ATOM   63  N  ND2 . ASN A 1 23 ? -9.908  -7.659  -3.038  1.00 40.00 ? 184 ASN A ND2 1 
ATOM   64  N  N   . GLN A 1 24 ? -6.928  -8.694  1.756   1.00 19.71 ? 185 GLN A N   1 
ATOM   65  C  CA  . GLN A 1 24 ? -6.574  -9.390  2.950   1.00 20.11 ? 185 GLN A CA  1 
ATOM   66  C  C   . GLN A 1 24 ? -6.321  -8.455  4.122   1.00 19.43 ? 185 GLN A C   1 
ATOM   67  O  O   . GLN A 1 24 ? -6.031  -7.267  3.931   1.00 22.05 ? 185 GLN A O   1 
ATOM   68  C  CB  . GLN A 1 24 ? -5.281  -10.178 2.710   1.00 19.64 ? 185 GLN A CB  1 
ATOM   69  C  CG  . GLN A 1 24 ? -5.489  -11.292 1.712   1.00 21.42 ? 185 GLN A CG  1 
ATOM   70  C  CD  . GLN A 1 24 ? -4.245  -12.162 1.599   1.00 18.77 ? 185 GLN A CD  1 
ATOM   71  O  OE1 . GLN A 1 24 ? -4.202  -13.251 2.154   1.00 20.01 ? 185 GLN A OE1 1 
ATOM   72  N  NE2 . GLN A 1 24 ? -3.259  -11.651 0.888   1.00 21.35 ? 185 GLN A NE2 1 
ATOM   73  N  N   . VAL A 1 25 ? -6.327  -9.028  5.339   1.00 21.72 ? 186 VAL A N   1 
ATOM   74  C  CA  . VAL A 1 25 ? -5.971  -8.241  6.525   1.00 23.76 ? 186 VAL A CA  1 
ATOM   75  C  C   . VAL A 1 25 ? -4.537  -7.690  6.478   1.00 21.13 ? 186 VAL A C   1 
ATOM   76  O  O   . VAL A 1 25 ? -3.702  -8.083  5.655   1.00 23.33 ? 186 VAL A O   1 
ATOM   77  C  CB  . VAL A 1 25 ? -6.180  -9.079  7.825   1.00 25.49 ? 186 VAL A CB  1 
ATOM   78  C  CG1 . VAL A 1 25 ? -7.642  -9.435  7.955   1.00 24.10 ? 186 VAL A CG1 1 
ATOM   79  C  CG2 . VAL A 1 25 ? -5.309  -10.328 7.809   1.00 27.20 ? 186 VAL A CG2 1 
ATOM   80  N  N   . SER A 1 26 ? -4.247  -6.742  7.355   1.00 22.49 ? 187 SER A N   1 
ATOM   81  C  CA  . SER A 1 26 ? -2.871  -6.255  7.476   1.00 22.06 ? 187 SER A CA  1 
ATOM   82  C  C   . SER A 1 26 ? -1.914  -7.344  7.867   1.00 25.44 ? 187 SER A C   1 
ATOM   83  O  O   . SER A 1 26 ? -2.240  -8.190  8.731   1.00 25.23 ? 187 SER A O   1 
ATOM   84  C  CB  . SER A 1 26 ? -2.754  -5.146  8.508   1.00 29.66 ? 187 SER A CB  1 
ATOM   85  O  OG  . SER A 1 26 ? -3.614  -4.129  8.138   1.00 36.79 ? 187 SER A OG  1 
ATOM   86  N  N   . PHE A 1 27 ? -0.758  -7.343  7.212   1.00 22.09 ? 188 PHE A N   1 
ATOM   87  C  CA  . PHE A 1 27 ? 0.359   -8.147  7.680   1.00 23.87 ? 188 PHE A CA  1 
ATOM   88  C  C   . PHE A 1 27 ? 1.626   -7.555  7.117   1.00 22.06 ? 188 PHE A C   1 
ATOM   89  O  O   . PHE A 1 27 ? 1.607   -6.859  6.099   1.00 22.72 ? 188 PHE A O   1 
ATOM   90  C  CB  . PHE A 1 27 ? 0.224   -9.651  7.277   1.00 22.45 ? 188 PHE A CB  1 
ATOM   91  C  CG  . PHE A 1 27 ? 0.213   -9.895  5.787   1.00 21.47 ? 188 PHE A CG  1 
ATOM   92  C  CD1 . PHE A 1 27 ? -1.029  -10.042 5.100   1.00 21.57 ? 188 PHE A CD1 1 
ATOM   93  C  CD2 . PHE A 1 27 ? 1.389   -9.935  5.050   1.00 21.40 ? 188 PHE A CD2 1 
ATOM   94  C  CE1 . PHE A 1 27 ? -1.091  -10.283 3.715   1.00 21.81 ? 188 PHE A CE1 1 
ATOM   95  C  CE2 . PHE A 1 27 ? 1.330   -10.102 3.619   1.00 21.78 ? 188 PHE A CE2 1 
ATOM   96  C  CZ  . PHE A 1 27 ? 0.057   -10.281 2.955   1.00 20.83 ? 188 PHE A CZ  1 
ATOM   97  N  N   . GLY A 1 28 ? 2.748   -7.843  7.779   1.00 22.79 ? 189 GLY A N   1 
ATOM   98  C  CA  . GLY A 1 28 ? 4.027   -7.452  7.229   1.00 23.17 ? 189 GLY A CA  1 
ATOM   99  C  C   . GLY A 1 28 ? 4.135   -5.935  7.032   1.00 25.88 ? 189 GLY A C   1 
ATOM   100 O  O   . GLY A 1 28 ? 3.486   -5.185  7.742   1.00 23.92 ? 189 GLY A O   1 
ATOM   101 N  N   . GLU A 1 29 ? 5.015   -5.539  6.135   1.00 21.10 ? 190 GLU A N   1 
ATOM   102 C  CA  . GLU A 1 29 ? 5.248   -4.088  5.887   1.00 21.52 ? 190 GLU A CA  1 
ATOM   103 C  C   . GLU A 1 29 ? 4.220   -3.665  4.853   1.00 17.59 ? 190 GLU A C   1 
ATOM   104 O  O   . GLU A 1 29 ? 3.989   -4.358  3.852   1.00 19.42 ? 190 GLU A O   1 
ATOM   105 C  CB  . GLU A 1 29 ? 6.640   -3.845  5.331   1.00 28.74 ? 190 GLU A CB  1 
ATOM   106 C  CG  . GLU A 1 29 ? 7.805   -4.203  6.212   1.00 35.94 ? 190 GLU A CG  1 
ATOM   107 C  CD  . GLU A 1 29 ? 9.070   -3.614  5.587   1.00 49.85 ? 190 GLU A CD  1 
ATOM   108 O  OE1 . GLU A 1 29 ? 9.773   -4.344  4.859   1.00 52.08 ? 190 GLU A OE1 1 
ATOM   109 O  OE2 . GLU A 1 29 ? 9.305   -2.401  5.759   1.00 55.71 ? 190 GLU A OE2 1 
ATOM   110 N  N   . MET A 1 30 ? 3.634   -2.469  5.038   1.00 18.45 ? 191 MET A N   1 
ATOM   111 C  CA  . MET A 1 30 ? 2.638   -2.033  4.097   1.00 16.75 ? 191 MET A CA  1 
ATOM   112 C  C   . MET A 1 30 ? 2.937   -0.576  3.742   1.00 17.86 ? 191 MET A C   1 
ATOM   113 O  O   . MET A 1 30 ? 3.565   0.160   4.563   1.00 19.67 ? 191 MET A O   1 
ATOM   114 C  CB  . MET A 1 30 ? 1.231   -2.117  4.710   1.00 20.40 ? 191 MET A CB  1 
ATOM   115 C  CG  . MET A 1 30 ? 0.864   -3.546  5.129   1.00 20.61 ? 191 MET A CG  1 
ATOM   116 S  SD  . MET A 1 30 ? -0.807  -3.692  5.764   1.00 23.43 ? 191 MET A SD  1 
ATOM   117 C  CE  . MET A 1 30 ? -1.697  -3.551  4.228   1.00 21.54 ? 191 MET A CE  1 
ATOM   118 N  N   . VAL A 1 31 ? 2.530   -0.192  2.562   1.00 17.89 ? 192 VAL A N   1 
ATOM   119 C  CA  . VAL A 1 31 ? 2.729   1.190   2.053   1.00 17.98 ? 192 VAL A CA  1 
ATOM   120 C  C   . VAL A 1 31 ? 1.397   1.837   1.791   1.00 18.30 ? 192 VAL A C   1 
ATOM   121 O  O   . VAL A 1 31 ? 0.417   1.176   1.449   1.00 17.16 ? 192 VAL A O   1 
ATOM   122 C  CB  . VAL A 1 31 ? 3.579   1.192   0.783   1.00 17.56 ? 192 VAL A CB  1 
ATOM   123 C  CG1 . VAL A 1 31 ? 2.885   0.399   -0.369  1.00 17.41 ? 192 VAL A CG1 1 
ATOM   124 C  CG2 . VAL A 1 31 ? 3.970   2.620   0.295   1.00 16.09 ? 192 VAL A CG2 1 
ATOM   125 N  N   . ALA A 1 32 ? 1.373   3.169   1.968   1.00 16.39 ? 193 ALA A N   1 
ATOM   126 C  CA  . ALA A 1 32 ? 0.141   3.958   1.712   1.00 17.50 ? 193 ALA A CA  1 
ATOM   127 C  C   . ALA A 1 32 ? 0.273   4.699   0.407   1.00 17.52 ? 193 ALA A C   1 
ATOM   128 O  O   . ALA A 1 32 ? 1.259   5.315   0.159   1.00 19.03 ? 193 ALA A O   1 
ATOM   129 C  CB  . ALA A 1 32 ? -0.105  4.949   2.835   1.00 19.76 ? 193 ALA A CB  1 
ATOM   130 N  N   . CYS A 1 33 ? -0.789  4.642   -0.403  1.00 17.46 ? 194 CYS A N   1 
ATOM   131 C  CA  . CYS A 1 33 ? -0.890  5.410   -1.634  1.00 16.35 ? 194 CYS A CA  1 
ATOM   132 C  C   . CYS A 1 33 ? -0.845  6.903   -1.333  1.00 17.98 ? 194 CYS A C   1 
ATOM   133 O  O   . CYS A 1 33 ? -1.518  7.374   -0.414  1.00 18.98 ? 194 CYS A O   1 
ATOM   134 C  CB  . CYS A 1 33 ? -2.212  5.052   -2.304  1.00 19.39 ? 194 CYS A CB  1 
ATOM   135 S  SG  . CYS A 1 33 ? -2.350  5.721   -3.998  1.00 19.40 ? 194 CYS A SG  1 
ATOM   136 N  N   . ASP A 1 34 ? -0.065  7.630   -2.119  1.00 18.15 ? 195 ASP A N   1 
ATOM   137 C  CA  . ASP A 1 34 ? 0.006   9.073   -1.956  1.00 17.50 ? 195 ASP A CA  1 
ATOM   138 C  C   . ASP A 1 34 ? -1.190  9.859   -2.566  1.00 18.31 ? 195 ASP A C   1 
ATOM   139 O  O   . ASP A 1 34 ? -1.212  11.091  -2.437  1.00 20.79 ? 195 ASP A O   1 
ATOM   140 C  CB  . ASP A 1 34 ? 1.318   9.545   -2.555  1.00 21.12 ? 195 ASP A CB  1 
ATOM   141 C  CG  . ASP A 1 34 ? 2.436   9.444   -1.524  1.00 27.16 ? 195 ASP A CG  1 
ATOM   142 O  OD1 . ASP A 1 34 ? 2.152   9.627   -0.337  1.00 28.65 ? 195 ASP A OD1 1 
ATOM   143 O  OD2 . ASP A 1 34 ? 3.569   9.173   -1.884  1.00 30.00 ? 195 ASP A OD2 1 
ATOM   144 N  N   . ASN A 1 35 ? -2.119  9.159   -3.220  1.00 18.12 ? 196 ASN A N   1 
ATOM   145 C  CA  . ASN A 1 35 ? -3.363  9.815   -3.647  1.00 17.84 ? 196 ASN A CA  1 
ATOM   146 C  C   . ASN A 1 35 ? -4.318  9.908   -2.450  1.00 18.85 ? 196 ASN A C   1 
ATOM   147 O  O   . ASN A 1 35 ? -4.723  8.855   -1.928  1.00 19.51 ? 196 ASN A O   1 
ATOM   148 C  CB  . ASN A 1 35 ? -4.021  9.011   -4.756  1.00 20.41 ? 196 ASN A CB  1 
ATOM   149 C  CG  . ASN A 1 35 ? -5.405  9.537   -5.131  1.00 19.45 ? 196 ASN A CG  1 
ATOM   150 O  OD1 . ASN A 1 35 ? -5.765  10.651  -4.796  1.00 19.80 ? 196 ASN A OD1 1 
ATOM   151 N  ND2 . ASN A 1 35 ? -6.180  8.727   -5.883  1.00 21.84 ? 196 ASN A ND2 1 
ATOM   152 N  N   . ASN A 1 36 ? -4.612  11.107  -1.962  1.00 19.64 ? 197 ASN A N   1 
ATOM   153 C  CA  . ASN A 1 36 ? -5.375  11.181  -0.721  1.00 23.98 ? 197 ASN A CA  1 
ATOM   154 C  C   . ASN A 1 36 ? -6.827  10.770  -0.980  1.00 26.82 ? 197 ASN A C   1 
ATOM   155 O  O   . ASN A 1 36 ? -7.571  10.573  -0.040  1.00 25.93 ? 197 ASN A O   1 
ATOM   156 C  CB  . ASN A 1 36 ? -5.248  12.594  -0.062  1.00 24.54 ? 197 ASN A CB  1 
ATOM   157 C  CG  . ASN A 1 36 ? -5.807  13.680  -0.853  1.00 29.12 ? 197 ASN A CG  1 
ATOM   158 O  OD1 . ASN A 1 36 ? -6.861  13.535  -1.496  1.00 32.07 ? 197 ASN A OD1 1 
ATOM   159 N  ND2 . ASN A 1 36 ? -5.180  14.906  -0.723  1.00 36.59 ? 197 ASN A ND2 1 
ATOM   160 N  N   . ALA A 1 37 ? -7.190  10.593  -2.252  1.00 21.83 ? 198 ALA A N   1 
ATOM   161 C  CA  . ALA A 1 37 ? -8.491  10.056  -2.625  1.00 25.20 ? 198 ALA A CA  1 
ATOM   162 C  C   . ALA A 1 37 ? -8.535  8.546   -2.887  1.00 23.43 ? 198 ALA A C   1 
ATOM   163 O  O   . ALA A 1 37 ? -9.590  8.019   -3.335  1.00 25.82 ? 198 ALA A O   1 
ATOM   164 C  CB  . ALA A 1 37 ? -8.995  10.853  -3.870  1.00 25.30 ? 198 ALA A CB  1 
ATOM   165 N  N   . CYS A 1 38 ? -7.438  7.832   -2.610  1.00 21.71 ? 199 CYS A N   1 
ATOM   166 C  CA  . CYS A 1 38 ? -7.386  6.438   -2.855  1.00 20.02 ? 199 CYS A CA  1 
ATOM   167 C  C   . CYS A 1 38 ? -8.439  5.725   -2.030  1.00 24.35 ? 199 CYS A C   1 
ATOM   168 O  O   . CYS A 1 38 ? -8.607  5.991   -0.849  1.00 28.06 ? 199 CYS A O   1 
ATOM   169 C  CB  . CYS A 1 38 ? -5.993  5.924   -2.523  1.00 17.60 ? 199 CYS A CB  1 
ATOM   170 S  SG  . CYS A 1 38 ? -5.740  4.184   -2.999  1.00 20.63 ? 199 CYS A SG  1 
ATOM   171 N  N   . LYS A 1 39 ? -9.166  4.824   -2.666  1.00 24.97 ? 200 LYS A N   1 
ATOM   172 C  CA  . LYS A 1 39 ? -10.219 4.094   -1.986  1.00 25.43 ? 200 LYS A CA  1 
ATOM   173 C  C   . LYS A 1 39 ? -9.702  2.899   -1.195  1.00 25.13 ? 200 LYS A C   1 
ATOM   174 O  O   . LYS A 1 39 ? -10.440 2.332   -0.416  1.00 29.91 ? 200 LYS A O   1 
ATOM   175 C  CB  . LYS A 1 39 ? -11.277 3.595   -2.999  1.00 32.71 ? 200 LYS A CB  1 
ATOM   176 C  CG  . LYS A 1 39 ? -11.828 4.647   -3.967  1.00 44.17 ? 200 LYS A CG  1 
ATOM   177 C  CD  . LYS A 1 39 ? -12.391 3.997   -5.245  1.00 48.68 ? 200 LYS A CD  1 
ATOM   178 C  CE  . LYS A 1 39 ? -12.693 5.066   -6.323  1.00 53.56 ? 200 LYS A CE  1 
ATOM   179 N  NZ  . LYS A 1 39 ? -13.578 6.113   -5.756  1.00 54.94 ? 200 LYS A NZ  1 
ATOM   180 N  N   . ILE A 1 40 ? -8.456  2.519   -1.416  1.00 24.75 ? 201 ILE A N   1 
ATOM   181 C  CA  . ILE A 1 40 ? -7.883  1.350   -0.716  1.00 23.42 ? 201 ILE A CA  1 
ATOM   182 C  C   . ILE A 1 40 ? -6.885  1.808   0.350   1.00 22.49 ? 201 ILE A C   1 
ATOM   183 O  O   . ILE A 1 40 ? -6.911  1.272   1.460   1.00 24.04 ? 201 ILE A O   1 
ATOM   184 C  CB  . ILE A 1 40 ? -7.222  0.396   -1.729  1.00 20.42 ? 201 ILE A CB  1 
ATOM   185 C  CG1 . ILE A 1 40 ? -8.284  -0.159  -2.638  1.00 27.46 ? 201 ILE A CG1 1 
ATOM   186 C  CG2 . ILE A 1 40 ? -6.467  -0.791  -1.015  1.00 22.03 ? 201 ILE A CG2 1 
ATOM   187 C  CD1 . ILE A 1 40 ? -7.643  -0.856  -3.781  1.00 35.30 ? 201 ILE A CD1 1 
ATOM   188 N  N   . GLU A 1 41 ? -6.029  2.749   -0.031  1.00 19.01 ? 202 GLU A N   1 
ATOM   189 C  CA  . GLU A 1 41 ? -4.999  3.419   0.799   1.00 21.56 ? 202 GLU A CA  1 
ATOM   190 C  C   . GLU A 1 41 ? -3.794  2.529   1.119   1.00 19.92 ? 202 GLU A C   1 
ATOM   191 O  O   . GLU A 1 41 ? -2.688  2.901   0.765   1.00 20.09 ? 202 GLU A O   1 
ATOM   192 C  CB  . GLU A 1 41 ? -5.576  3.948   2.121   1.00 28.36 ? 202 GLU A CB  1 
ATOM   193 C  CG  . GLU A 1 41 ? -4.531  4.741   2.921   1.00 25.49 ? 202 GLU A CG  1 
ATOM   194 C  CD  . GLU A 1 41 ? -5.173  5.563   4.027   1.00 31.09 ? 202 GLU A CD  1 
ATOM   195 O  OE1 . GLU A 1 41 ? -6.317  5.257   4.426   1.00 38.68 ? 202 GLU A OE1 1 
ATOM   196 O  OE2 . GLU A 1 41 ? -4.492  6.486   4.484   1.00 41.11 ? 202 GLU A OE2 1 
ATOM   197 N  N   . TRP A 1 42 ? -3.986  1.347   1.731   1.00 18.39 ? 203 TRP A N   1 
ATOM   198 C  CA  . TRP A 1 42 ? -2.859  0.578   2.241   1.00 17.15 ? 203 TRP A CA  1 
ATOM   199 C  C   . TRP A 1 42 ? -2.642  -0.723  1.473   1.00 18.65 ? 203 TRP A C   1 
ATOM   200 O  O   . TRP A 1 42 ? -3.627  -1.405  1.138   1.00 18.53 ? 203 TRP A O   1 
ATOM   201 C  CB  . TRP A 1 42 ? -3.046  0.205   3.717   1.00 17.11 ? 203 TRP A CB  1 
ATOM   202 C  CG  . TRP A 1 42 ? -2.944  1.429   4.646   1.00 20.11 ? 203 TRP A CG  1 
ATOM   203 C  CD1 . TRP A 1 42 ? -3.938  2.118   5.225   1.00 22.52 ? 203 TRP A CD1 1 
ATOM   204 C  CD2 . TRP A 1 42 ? -1.730  1.992   5.092   1.00 19.74 ? 203 TRP A CD2 1 
ATOM   205 N  NE1 . TRP A 1 42 ? -3.419  3.157   6.023   1.00 22.52 ? 203 TRP A NE1 1 
ATOM   206 C  CE2 . TRP A 1 42 ? -2.044  3.038   5.970   1.00 21.49 ? 203 TRP A CE2 1 
ATOM   207 C  CE3 . TRP A 1 42 ? -0.374  1.643   4.884   1.00 21.18 ? 203 TRP A CE3 1 
ATOM   208 C  CZ2 . TRP A 1 42 ? -1.048  3.814   6.588   1.00 24.25 ? 203 TRP A CZ2 1 
ATOM   209 C  CZ3 . TRP A 1 42 ? 0.605   2.412   5.508   1.00 21.52 ? 203 TRP A CZ3 1 
ATOM   210 C  CH2 . TRP A 1 42 ? 0.260   3.469   6.347   1.00 21.78 ? 203 TRP A CH2 1 
ATOM   211 N  N   . PHE A 1 43 ? -1.364  -1.044  1.202   1.00 16.18 ? 204 PHE A N   1 
ATOM   212 C  CA  . PHE A 1 43 ? -0.999  -2.184  0.345   1.00 15.83 ? 204 PHE A CA  1 
ATOM   213 C  C   . PHE A 1 43 ? 0.125   -2.932  0.939   1.00 19.55 ? 204 PHE A C   1 
ATOM   214 O  O   . PHE A 1 43 ? 1.060   -2.329  1.450   1.00 17.47 ? 204 PHE A O   1 
ATOM   215 C  CB  . PHE A 1 43 ? -0.575  -1.696  -1.049  1.00 16.39 ? 204 PHE A CB  1 
ATOM   216 C  CG  . PHE A 1 43 ? -1.697  -0.961  -1.773  1.00 18.25 ? 204 PHE A CG  1 
ATOM   217 C  CD1 . PHE A 1 43 ? -2.013  0.358   -1.406  1.00 16.22 ? 204 PHE A CD1 1 
ATOM   218 C  CD2 . PHE A 1 43 ? -2.465  -1.634  -2.699  1.00 20.50 ? 204 PHE A CD2 1 
ATOM   219 C  CE1 . PHE A 1 43 ? -3.098  1.017   -2.024  1.00 18.30 ? 204 PHE A CE1 1 
ATOM   220 C  CE2 . PHE A 1 43 ? -3.562  -0.993  -3.340  1.00 21.50 ? 204 PHE A CE2 1 
ATOM   221 C  CZ  . PHE A 1 43 ? -3.862  0.328   -2.984  1.00 21.51 ? 204 PHE A CZ  1 
ATOM   222 N  N   . HIS A 1 44 ? 0.065   -4.253  0.836   1.00 16.36 ? 205 HIS A N   1 
ATOM   223 C  CA  . HIS A 1 44 ? 1.214   -5.070  1.325   1.00 16.54 ? 205 HIS A CA  1 
ATOM   224 C  C   . HIS A 1 44 ? 2.396   -4.906  0.370   1.00 18.44 ? 205 HIS A C   1 
ATOM   225 O  O   . HIS A 1 44 ? 2.217   -4.972  -0.832  1.00 18.61 ? 205 HIS A O   1 
ATOM   226 C  CB  . HIS A 1 44 ? 0.850   -6.564  1.374   1.00 18.32 ? 205 HIS A CB  1 
ATOM   227 C  CG  . HIS A 1 44 ? -0.400  -6.854  2.157   1.00 19.13 ? 205 HIS A CG  1 
ATOM   228 N  ND1 . HIS A 1 44 ? -1.602  -7.154  1.539   1.00 18.83 ? 205 HIS A ND1 1 
ATOM   229 C  CD2 . HIS A 1 44 ? -0.632  -6.897  3.493   1.00 21.20 ? 205 HIS A CD2 1 
ATOM   230 C  CE1 . HIS A 1 44 ? -2.526  -7.358  2.472   1.00 18.93 ? 205 HIS A CE1 1 
ATOM   231 N  NE2 . HIS A 1 44 ? -1.963  -7.224  3.671   1.00 18.21 ? 205 HIS A NE2 1 
ATOM   232 N  N   . PHE A 1 45 ? 3.609   -4.742  0.904   1.00 18.93 ? 206 PHE A N   1 
ATOM   233 C  CA  . PHE A 1 45 ? 4.806   -4.524  0.043   1.00 20.78 ? 206 PHE A CA  1 
ATOM   234 C  C   . PHE A 1 45 ? 4.891   -5.588  -1.051  1.00 21.08 ? 206 PHE A C   1 
ATOM   235 O  O   . PHE A 1 45 ? 5.116   -5.217  -2.225  1.00 22.09 ? 206 PHE A O   1 
ATOM   236 C  CB  . PHE A 1 45 ? 6.071   -4.577  0.903   1.00 18.50 ? 206 PHE A CB  1 
ATOM   237 C  CG  . PHE A 1 45 ? 6.539   -3.242  1.462   1.00 19.59 ? 206 PHE A CG  1 
ATOM   238 C  CD1 . PHE A 1 45 ? 5.643   -2.200  1.673   1.00 21.54 ? 206 PHE A CD1 1 
ATOM   239 C  CD2 . PHE A 1 45 ? 7.877   -3.034  1.779   1.00 23.16 ? 206 PHE A CD2 1 
ATOM   240 C  CE1 . PHE A 1 45 ? 6.075   -0.988  2.186   1.00 20.94 ? 206 PHE A CE1 1 
ATOM   241 C  CE2 . PHE A 1 45 ? 8.302   -1.820  2.293   1.00 23.91 ? 206 PHE A CE2 1 
ATOM   242 C  CZ  . PHE A 1 45 ? 7.401   -0.800  2.493   1.00 20.51 ? 206 PHE A CZ  1 
ATOM   243 N  N   . GLY A 1 46 ? 4.722   -6.866  -0.697  1.00 18.97 ? 207 GLY A N   1 
ATOM   244 C  CA  . GLY A 1 46 ? 4.865   -7.955  -1.631  1.00 22.62 ? 207 GLY A CA  1 
ATOM   245 C  C   . GLY A 1 46 ? 3.837   -7.931  -2.758  1.00 25.34 ? 207 GLY A C   1 
ATOM   246 O  O   . GLY A 1 46 ? 4.124   -8.418  -3.845  1.00 28.19 ? 207 GLY A O   1 
ATOM   247 N  N   . CYS A 1 47 ? 2.653   -7.416  -2.478  1.00 20.54 ? 208 CYS A N   1 
ATOM   248 C  CA  . CYS A 1 47 ? 1.585   -7.363  -3.480  1.00 18.72 ? 208 CYS A CA  1 
ATOM   249 C  C   . CYS A 1 47 ? 1.836   -6.338  -4.561  1.00 21.87 ? 208 CYS A C   1 
ATOM   250 O  O   . CYS A 1 47 ? 1.267   -6.476  -5.691  1.00 22.87 ? 208 CYS A O   1 
ATOM   251 C  CB  . CYS A 1 47 ? 0.226   -7.085  -2.796  1.00 18.28 ? 208 CYS A CB  1 
ATOM   252 S  SG  . CYS A 1 47 ? -0.303  -8.490  -1.738  1.00 21.04 ? 208 CYS A SG  1 
ATOM   253 N  N   . VAL A 1 48 ? 2.663   -5.334  -4.260  1.00 19.20 ? 209 VAL A N   1 
ATOM   254 C  CA  . VAL A 1 48 ? 2.880   -4.253  -5.216  1.00 17.57 ? 209 VAL A CA  1 
ATOM   255 C  C   . VAL A 1 48 ? 4.364   -4.159  -5.548  1.00 23.82 ? 209 VAL A C   1 
ATOM   256 O  O   . VAL A 1 48 ? 4.869   -3.157  -6.060  1.00 24.24 ? 209 VAL A O   1 
ATOM   257 C  CB  . VAL A 1 48 ? 2.338   -2.886  -4.656  1.00 17.21 ? 209 VAL A CB  1 
ATOM   258 C  CG1 . VAL A 1 48 ? 0.782   -2.924  -4.522  1.00 20.10 ? 209 VAL A CG1 1 
ATOM   259 C  CG2 . VAL A 1 48 ? 2.990   -2.584  -3.307  1.00 21.02 ? 209 VAL A CG2 1 
ATOM   260 N  N   . GLY A 1 49 ? 5.106   -5.252  -5.303  1.00 24.76 ? 210 GLY A N   1 
ATOM   261 C  CA  . GLY A 1 49 ? 6.461   -5.308  -5.816  1.00 28.93 ? 210 GLY A CA  1 
ATOM   262 C  C   . GLY A 1 49 ? 7.523   -4.501  -5.100  1.00 32.48 ? 210 GLY A C   1 
ATOM   263 O  O   . GLY A 1 49 ? 8.591   -4.224  -5.678  1.00 31.84 ? 210 GLY A O   1 
ATOM   264 N  N   . LEU A 1 50 ? 7.257   -4.139  -3.846  1.00 22.11 ? 211 LEU A N   1 
ATOM   265 C  CA  . LEU A 1 50 ? 8.184   -3.331  -3.088  1.00 26.74 ? 211 LEU A CA  1 
ATOM   266 C  C   . LEU A 1 50 ? 9.058   -4.150  -2.165  1.00 27.74 ? 211 LEU A C   1 
ATOM   267 O  O   . LEU A 1 50 ? 8.615   -5.128  -1.576  1.00 26.58 ? 211 LEU A O   1 
ATOM   268 C  CB  . LEU A 1 50 ? 7.440   -2.278  -2.244  1.00 21.59 ? 211 LEU A CB  1 
ATOM   269 C  CG  . LEU A 1 50 ? 6.722   -1.211  -3.048  1.00 20.29 ? 211 LEU A CG  1 
ATOM   270 C  CD1 . LEU A 1 50 ? 6.054   -0.290  -2.044  1.00 20.85 ? 211 LEU A CD1 1 
ATOM   271 C  CD2 . LEU A 1 50 ? 7.684   -0.417  -3.917  1.00 28.72 ? 211 LEU A CD2 1 
ATOM   272 N  N   . LYS A 1 51 ? 10.320  -3.729  -2.042  1.00 26.87 ? 212 LYS A N   1 
ATOM   273 C  CA  . LYS A 1 51 ? 11.200  -4.320  -1.084  1.00 24.83 ? 212 LYS A CA  1 
ATOM   274 C  C   . LYS A 1 51 ? 11.482  -3.432  0.101   1.00 30.36 ? 212 LYS A C   1 
ATOM   275 O  O   . LYS A 1 51 ? 11.890  -3.915  1.161   1.00 33.61 ? 212 LYS A O   1 
ATOM   276 C  CB  . LYS A 1 51 ? 12.550  -4.665  -1.759  1.00 28.81 ? 212 LYS A CB  1 
ATOM   277 C  CG  . LYS A 1 51 ? 12.372  -5.607  -2.903  1.00 42.37 ? 212 LYS A CG  1 
ATOM   278 C  CD  . LYS A 1 51 ? 11.860  -6.931  -2.352  1.00 48.29 ? 212 LYS A CD  1 
ATOM   279 C  CE  . LYS A 1 51 ? 12.865  -7.537  -1.354  1.00 51.21 ? 212 LYS A CE  1 
ATOM   280 N  NZ  . LYS A 1 51 ? 13.614  -8.695  -1.913  1.00 58.41 ? 212 LYS A NZ  1 
ATOM   281 N  N   . GLU A 1 52 ? 11.461  -2.131  -0.129  1.00 25.21 ? 213 GLU A N   1 
ATOM   282 C  CA  . GLU A 1 52 ? 11.762  -1.127  0.915   1.00 23.84 ? 213 GLU A CA  1 
ATOM   283 C  C   . GLU A 1 52 ? 10.752  -0.004  0.818   1.00 25.72 ? 213 GLU A C   1 
ATOM   284 O  O   . GLU A 1 52 ? 10.097  0.166   -0.210  1.00 25.80 ? 213 GLU A O   1 
ATOM   285 C  CB  . GLU A 1 52 ? 13.194  -0.534  0.788   1.00 26.46 ? 213 GLU A CB  1 
ATOM   286 C  CG  . GLU A 1 52 ? 14.379  -1.522  0.813   1.00 28.84 ? 213 GLU A CG  1 
ATOM   287 C  CD  . GLU A 1 52 ? 14.545  -2.206  2.167   1.00 35.92 ? 213 GLU A CD  1 
ATOM   288 O  OE1 . GLU A 1 52 ? 13.815  -1.846  3.114   1.00 35.75 ? 213 GLU A OE1 1 
ATOM   289 O  OE2 . GLU A 1 52 ? 15.370  -3.144  2.285   1.00 37.78 ? 213 GLU A OE2 1 
ATOM   290 N  N   . GLN A 1 53 ? 10.651  0.784   1.881   1.00 27.45 ? 214 GLN A N   1 
ATOM   291 C  CA  . GLN A 1 53 ? 9.878   2.012   1.853   1.00 25.51 ? 214 GLN A CA  1 
ATOM   292 C  C   . GLN A 1 53 ? 10.325  2.927   0.691   1.00 23.59 ? 214 GLN A C   1 
ATOM   293 O  O   . GLN A 1 53 ? 11.504  3.275   0.644   1.00 24.77 ? 214 GLN A O   1 
ATOM   294 C  CB  . GLN A 1 53 ? 10.066  2.768   3.165   1.00 28.64 ? 214 GLN A CB  1 
ATOM   295 C  CG  . GLN A 1 53 ? 9.540   4.173   3.100   1.00 28.09 ? 214 GLN A CG  1 
ATOM   296 C  CD  . GLN A 1 53 ? 9.599   4.863   4.445   1.00 35.78 ? 214 GLN A CD  1 
ATOM   297 O  OE1 . GLN A 1 53 ? 10.544  4.657   5.230   1.00 38.63 ? 214 GLN A OE1 1 
ATOM   298 N  NE2 . GLN A 1 53 ? 8.582   5.684   4.728   1.00 34.63 ? 214 GLN A NE2 1 
ATOM   299 N  N   . PRO A 1 54 ? 9.396   3.337   -0.189  1.00 25.41 ? 215 PRO A N   1 
ATOM   300 C  CA  . PRO A 1 54 ? 9.709   4.384   -1.166  1.00 24.37 ? 215 PRO A CA  1 
ATOM   301 C  C   . PRO A 1 54 ? 10.080  5.663   -0.466  1.00 25.83 ? 215 PRO A C   1 
ATOM   302 O  O   . PRO A 1 54 ? 9.343   6.043   0.446   1.00 30.22 ? 215 PRO A O   1 
ATOM   303 C  CB  . PRO A 1 54 ? 8.395   4.566   -1.917  1.00 23.92 ? 215 PRO A CB  1 
ATOM   304 C  CG  . PRO A 1 54 ? 7.663   3.251   -1.741  1.00 22.39 ? 215 PRO A CG  1 
ATOM   305 C  CD  . PRO A 1 54 ? 8.020   2.834   -0.345  1.00 26.10 ? 215 PRO A CD  1 
ATOM   306 N  N   . LYS A 1 55 ? 11.136  6.344   -0.868  1.00 24.96 ? 216 LYS A N   1 
ATOM   307 C  CA  . LYS A 1 55 ? 11.528  7.551   -0.164  1.00 28.56 ? 216 LYS A CA  1 
ATOM   308 C  C   . LYS A 1 55 ? 10.739  8.742   -0.651  1.00 35.40 ? 216 LYS A C   1 
ATOM   309 O  O   . LYS A 1 55 ? 10.612  9.704   0.071   1.00 40.78 ? 216 LYS A O   1 
ATOM   310 C  CB  . LYS A 1 55 ? 13.017  7.786   -0.296  1.00 31.62 ? 216 LYS A CB  1 
ATOM   311 C  CG  . LYS A 1 55 ? 13.774  6.773   0.593   1.00 34.88 ? 216 LYS A CG  1 
ATOM   312 C  CD  . LYS A 1 55 ? 15.254  7.012   0.603   1.00 39.95 ? 216 LYS A CD  1 
ATOM   313 C  CE  . LYS A 1 55 ? 15.961  5.923   1.426   1.00 41.95 ? 216 LYS A CE  1 
ATOM   314 N  NZ  . LYS A 1 55 ? 17.428  6.142   1.338   1.00 43.94 ? 216 LYS A NZ  1 
ATOM   315 N  N   . GLY A 1 56 ? 10.191  8.676   -1.852  1.00 28.75 ? 217 GLY A N   1 
ATOM   316 C  CA  . GLY A 1 56 ? 9.445   9.800   -2.396  1.00 28.76 ? 217 GLY A CA  1 
ATOM   317 C  C   . GLY A 1 56 ? 8.017   9.361   -2.656  1.00 26.41 ? 217 GLY A C   1 
ATOM   318 O  O   . GLY A 1 56 ? 7.477   8.564   -1.915  1.00 28.31 ? 217 GLY A O   1 
ATOM   319 N  N   . LYS A 1 57 ? 7.387   9.882   -3.705  1.00 30.09 ? 218 LYS A N   1 
ATOM   320 C  CA  . LYS A 1 57 ? 5.966   9.514   -3.920  1.00 25.16 ? 218 LYS A CA  1 
ATOM   321 C  C   . LYS A 1 57 ? 5.784   8.087   -4.318  1.00 28.90 ? 218 LYS A C   1 
ATOM   322 O  O   . LYS A 1 57 ? 6.658   7.451   -4.949  1.00 31.72 ? 218 LYS A O   1 
ATOM   323 C  CB  . LYS A 1 57 ? 5.342   10.387  -5.016  1.00 27.21 ? 218 LYS A CB  1 
ATOM   324 C  CG  . LYS A 1 57 ? 5.373   11.895  -4.717  1.00 36.60 ? 218 LYS A CG  1 
ATOM   325 C  CD  . LYS A 1 57 ? 4.379   12.221  -3.590  1.00 39.97 ? 218 LYS A CD  1 
ATOM   326 C  CE  . LYS A 1 57 ? 3.950   13.706  -3.662  1.00 47.70 ? 218 LYS A CE  1 
ATOM   327 N  NZ  . LYS A 1 57 ? 2.856   13.990  -2.679  1.00 46.95 ? 218 LYS A NZ  1 
ATOM   328 N  N   . TRP A 1 58 ? 4.630   7.532   -3.937  1.00 25.68 ? 219 TRP A N   1 
ATOM   329 C  CA  . TRP A 1 58 ? 4.293   6.146   -4.347  1.00 23.78 ? 219 TRP A CA  1 
ATOM   330 C  C   . TRP A 1 58 ? 2.786   6.068   -4.585  1.00 22.23 ? 219 TRP A C   1 
ATOM   331 O  O   . TRP A 1 58 ? 2.015   6.415   -3.663  1.00 20.59 ? 219 TRP A O   1 
ATOM   332 C  CB  . TRP A 1 58 ? 4.730   5.119   -3.295  1.00 24.04 ? 219 TRP A CB  1 
ATOM   333 C  CG  . TRP A 1 58 ? 4.378   3.705   -3.683  1.00 22.20 ? 219 TRP A CG  1 
ATOM   334 C  CD1 . TRP A 1 58 ? 5.164   2.826   -4.367  1.00 26.05 ? 219 TRP A CD1 1 
ATOM   335 C  CD2 . TRP A 1 58 ? 3.133   3.017   -3.431  1.00 21.28 ? 219 TRP A CD2 1 
ATOM   336 N  NE1 . TRP A 1 58 ? 4.506   1.641   -4.550  1.00 26.49 ? 219 TRP A NE1 1 
ATOM   337 C  CE2 . TRP A 1 58 ? 3.259   1.727   -3.990  1.00 20.84 ? 219 TRP A CE2 1 
ATOM   338 C  CE3 . TRP A 1 58 ? 1.937   3.359   -2.792  1.00 22.89 ? 219 TRP A CE3 1 
ATOM   339 C  CZ2 . TRP A 1 58 ? 2.233   0.787   -3.926  1.00 24.35 ? 219 TRP A CZ2 1 
ATOM   340 C  CZ3 . TRP A 1 58 ? 0.923   2.429   -2.731  1.00 22.35 ? 219 TRP A CZ3 1 
ATOM   341 C  CH2 . TRP A 1 58 ? 1.071   1.162   -3.292  1.00 20.38 ? 219 TRP A CH2 1 
ATOM   342 N  N   . TYR A 1 59 ? 2.383   5.637   -5.780  1.00 20.04 ? 220 TYR A N   1 
ATOM   343 C  CA  . TYR A 1 59 ? 0.946   5.494   -6.081  1.00 20.12 ? 220 TYR A CA  1 
ATOM   344 C  C   . TYR A 1 59 ? 0.642   4.069   -6.412  1.00 18.88 ? 220 TYR A C   1 
ATOM   345 O  O   . TYR A 1 59 ? 1.450   3.368   -7.060  1.00 21.45 ? 220 TYR A O   1 
ATOM   346 C  CB  . TYR A 1 59 ? 0.523   6.419   -7.250  1.00 20.75 ? 220 TYR A CB  1 
ATOM   347 C  CG  . TYR A 1 59 ? 0.753   7.889   -6.943  1.00 24.21 ? 220 TYR A CG  1 
ATOM   348 C  CD1 . TYR A 1 59 ? -0.213  8.638   -6.258  1.00 27.19 ? 220 TYR A CD1 1 
ATOM   349 C  CD2 . TYR A 1 59 ? 1.920   8.505   -7.272  1.00 25.89 ? 220 TYR A CD2 1 
ATOM   350 C  CE1 . TYR A 1 59 ? 0.008   10.013  -5.983  1.00 24.80 ? 220 TYR A CE1 1 
ATOM   351 C  CE2 . TYR A 1 59 ? 2.162   9.849   -6.986  1.00 26.52 ? 220 TYR A CE2 1 
ATOM   352 C  CZ  . TYR A 1 59 ? 1.206   10.579  -6.306  1.00 28.29 ? 220 TYR A CZ  1 
ATOM   353 O  OH  . TYR A 1 59 ? 1.462   11.897  -6.065  1.00 30.26 ? 220 TYR A OH  1 
ATOM   354 N  N   . CYS A 1 60 ? -0.528  3.614   -5.966  1.00 20.85 ? 221 CYS A N   1 
ATOM   355 C  CA  . CYS A 1 60 ? -0.897  2.220   -6.095  1.00 21.05 ? 221 CYS A CA  1 
ATOM   356 C  C   . CYS A 1 60 ? -1.268  1.860   -7.523  1.00 23.62 ? 221 CYS A C   1 
ATOM   357 O  O   . CYS A 1 60 ? -1.374  2.771   -8.389  1.00 24.29 ? 221 CYS A O   1 
ATOM   358 C  CB  . CYS A 1 60 ? -2.039  1.930   -5.126  1.00 20.86 ? 221 CYS A CB  1 
ATOM   359 S  SG  . CYS A 1 60 ? -3.666  2.469   -5.744  1.00 22.33 ? 221 CYS A SG  1 
ATOM   360 N  N   . PRO A 1 61 ? -1.466  0.568   -7.819  1.00 23.12 ? 222 PRO A N   1 
ATOM   361 C  CA  . PRO A 1 61 ? -1.686  0.204   -9.225  1.00 25.16 ? 222 PRO A CA  1 
ATOM   362 C  C   . PRO A 1 61 ? -3.046  0.631   -9.702  1.00 26.89 ? 222 PRO A C   1 
ATOM   363 O  O   . PRO A 1 61 ? -3.324  0.579   -10.912 1.00 31.20 ? 222 PRO A O   1 
ATOM   364 C  CB  . PRO A 1 61 ? -1.612  -1.325  -9.240  1.00 32.00 ? 222 PRO A CB  1 
ATOM   365 C  CG  . PRO A 1 61 ? -0.788  -1.640  -8.008  1.00 32.49 ? 222 PRO A CG  1 
ATOM   366 C  CD  . PRO A 1 61 ? -1.010  -0.595  -7.019  1.00 24.37 ? 222 PRO A CD  1 
ATOM   367 N  N   . GLU A 1 62 ? -3.922  0.953   -8.778  1.00 26.23 ? 223 GLU A N   1 
ATOM   368 C  CA  . GLU A 1 62 ? -5.264  1.434   -9.220  1.00 28.39 ? 223 GLU A CA  1 
ATOM   369 C  C   . GLU A 1 62 ? -5.299  2.931   -9.518  1.00 23.73 ? 223 GLU A C   1 
ATOM   370 O  O   . GLU A 1 62 ? -6.095  3.413   -10.387 1.00 29.80 ? 223 GLU A O   1 
ATOM   371 C  CB  . GLU A 1 62 ? -6.316  1.062   -8.188  1.00 31.72 ? 223 GLU A CB  1 
ATOM   372 C  CG  . GLU A 1 62 ? -6.563  -0.450  -8.295  1.00 46.45 ? 223 GLU A CG  1 
ATOM   373 C  CD  . GLU A 1 62 ? -7.898  -0.922  -7.769  1.00 60.52 ? 223 GLU A CD  1 
ATOM   374 O  OE1 . GLU A 1 62 ? -8.872  -0.127  -7.724  1.00 65.91 ? 223 GLU A OE1 1 
ATOM   375 O  OE2 . GLU A 1 62 ? -7.979  -2.119  -7.427  1.00 69.33 ? 223 GLU A OE2 1 
ATOM   376 N  N   . CYS A 1 63 ? -4.457  3.662   -8.820  1.00 23.47 ? 224 CYS A N   1 
ATOM   377 C  CA  . CYS A 1 63 ? -4.379  5.127   -8.981  1.00 21.39 ? 224 CYS A CA  1 
ATOM   378 C  C   . CYS A 1 63 ? -3.448  5.489   -10.089 1.00 28.33 ? 224 CYS A C   1 
ATOM   379 O  O   . CYS A 1 63 ? -3.665  6.465   -10.821 1.00 28.50 ? 224 CYS A O   1 
ATOM   380 C  CB  . CYS A 1 63 ? -3.930  5.771   -7.673  1.00 24.56 ? 224 CYS A CB  1 
ATOM   381 S  SG  . CYS A 1 63 ? -5.248  5.641   -6.415  1.00 23.46 ? 224 CYS A SG  1 
ATOM   382 N  N   . ALA A 1 64 ? -2.402  4.686   -10.253 1.00 25.97 ? 225 ALA A N   1 
ATOM   383 C  CA  . ALA A 1 64 ? -1.514  4.955   -11.337 1.00 30.08 ? 225 ALA A CA  1 
ATOM   384 C  C   . ALA A 1 64 ? -1.388  3.676   -12.095 1.00 41.07 ? 225 ALA A C   1 
ATOM   385 O  O   . ALA A 1 64 ? -0.549  2.851   -11.760 1.00 34.57 ? 225 ALA A O   1 
ATOM   386 C  CB  . ALA A 1 64 ? -0.170  5.436   -10.822 1.00 28.89 ? 225 ALA A CB  1 
ATOM   387 N  N   . THR A 1 65 ? -2.265  3.494   -13.064 1.00 35.29 ? 226 THR A N   1 
ATOM   388 C  CA  . THR A 1 65 ? -2.358  2.239   -13.829 1.00 43.89 ? 226 THR A CA  1 
ATOM   389 C  C   . THR A 1 65 ? -1.283  2.130   -14.922 1.00 49.37 ? 226 THR A C   1 
ATOM   390 O  O   . THR A 1 65 ? -0.184  2.680   -14.795 1.00 53.96 ? 226 THR A O   1 
ATOM   391 C  CB  . THR A 1 65 ? -3.726  2.135   -14.494 1.00 49.57 ? 226 THR A CB  1 
ATOM   392 O  OG1 . THR A 1 65 ? -3.856  3.232   -15.398 1.00 52.26 ? 226 THR A OG1 1 
ATOM   393 C  CG2 . THR A 1 65 ? -4.865  2.181   -13.422 1.00 37.40 ? 226 THR A CG2 1 
ATOM   394 N  N   . ALA B 2 1  ? 7.100   7.854   0.856   1.00 22.94 ? 1   ALA P N   1 
ATOM   395 C  CA  . ALA B 2 1  ? 5.711   7.406   1.034   1.00 26.15 ? 1   ALA P CA  1 
ATOM   396 C  C   . ALA B 2 1  ? 5.581   6.829   2.444   1.00 26.86 ? 1   ALA P C   1 
ATOM   397 O  O   . ALA B 2 1  ? 6.557   6.325   3.003   1.00 29.32 ? 1   ALA P O   1 
ATOM   398 C  CB  . ALA B 2 1  ? 5.319   6.352   0.000   1.00 25.79 ? 1   ALA P CB  1 
ATOM   399 N  N   . ARG B 2 2  ? 4.397   6.963   3.025   1.00 21.85 ? 2   ARG P N   1 
ATOM   400 C  CA  . ARG B 2 2  ? 4.120   6.470   4.369   1.00 20.48 ? 2   ARG P CA  1 
ATOM   401 C  C   . ARG B 2 2  ? 4.158   4.947   4.381   1.00 19.88 ? 2   ARG P C   1 
ATOM   402 O  O   . ARG B 2 2  ? 3.666   4.270   3.479   1.00 21.01 ? 2   ARG P O   1 
ATOM   403 C  CB  . ARG B 2 2  ? 2.750   6.920   4.846   1.00 24.51 ? 2   ARG P CB  1 
ATOM   404 C  CG  . ARG B 2 2  ? 2.730   8.236   5.467   1.00 38.86 ? 2   ARG P CG  1 
ATOM   405 C  CD  . ARG B 2 2  ? 1.429   8.867   5.135   1.00 44.87 ? 2   ARG P CD  1 
ATOM   406 N  NE  . ARG B 2 2  ? 0.230   8.114   5.472   1.00 42.80 ? 2   ARG P NE  1 
ATOM   407 C  CZ  . ARG B 2 2  ? -0.738  7.851   4.604   1.00 29.16 ? 2   ARG P CZ  1 
ATOM   408 N  NH1 . ARG B 2 2  ? -1.840  7.245   5.036   1.00 38.91 ? 2   ARG P NH1 1 
ATOM   409 N  NH2 . ARG B 2 2  ? -0.619  8.240   3.319   1.00 41.30 ? 2   ARG P NH2 1 
ATOM   410 N  N   . THR B 2 3  ? 4.721   4.384   5.449   1.00 20.89 ? 3   THR P N   1 
ATOM   411 C  CA  . THR B 2 3  ? 4.657   2.928   5.582   1.00 20.96 ? 3   THR P CA  1 
ATOM   412 C  C   . THR B 2 3  ? 4.317   2.550   7.015   1.00 22.61 ? 3   THR P C   1 
ATOM   413 O  O   . THR B 2 3  ? 4.452   3.348   7.959   1.00 24.64 ? 3   THR P O   1 
ATOM   414 C  CB  . THR B 2 3  ? 5.991   2.222   5.181   1.00 26.58 ? 3   THR P CB  1 
ATOM   415 O  OG1 . THR B 2 3  ? 7.052   2.674   6.050   1.00 29.53 ? 3   THR P OG1 1 
ATOM   416 C  CG2 . THR B 2 3  ? 6.324   2.555   3.695   1.00 28.60 ? 3   THR P CG2 1 
HETATM 417 N  N   . M3L B 2 4  ? 3.930   1.295   7.163   1.00 22.55 ? 4   M3L P N   1 
HETATM 418 C  CA  . M3L B 2 4  ? 3.733   0.797   8.495   1.00 26.02 ? 4   M3L P CA  1 
HETATM 419 C  CB  . M3L B 2 4  ? 2.328   0.950   9.003   1.00 25.77 ? 4   M3L P CB  1 
HETATM 420 C  CG  . M3L B 2 4  ? 1.386   0.026   8.331   1.00 26.74 ? 4   M3L P CG  1 
HETATM 421 C  CD  . M3L B 2 4  ? 0.033   0.440   8.840   1.00 30.33 ? 4   M3L P CD  1 
HETATM 422 C  CE  . M3L B 2 4  ? -1.025  -0.338  8.130   1.00 24.34 ? 4   M3L P CE  1 
HETATM 423 N  NZ  . M3L B 2 4  ? -2.394  -0.398  8.749   1.00 26.02 ? 4   M3L P NZ  1 
HETATM 424 C  C   . M3L B 2 4  ? 4.192   -0.629  8.546   1.00 25.11 ? 4   M3L P C   1 
HETATM 425 O  O   . M3L B 2 4  ? 4.349   -1.359  7.576   1.00 24.72 ? 4   M3L P O   1 
HETATM 426 C  CM1 . M3L B 2 4  ? -2.910  0.957   8.983   1.00 30.38 ? 4   M3L P CM1 1 
HETATM 427 C  CM2 . M3L B 2 4  ? -2.517  -1.260  9.959   1.00 27.80 ? 4   M3L P CM2 1 
HETATM 428 C  CM3 . M3L B 2 4  ? -3.232  -1.028  7.765   1.00 26.49 ? 4   M3L P CM3 1 
ATOM   429 N  N   . GLN B 2 5  ? 4.458   -1.037  9.782   1.00 27.00 ? 5   GLN P N   1 
ATOM   430 C  CA  . GLN B 2 5  ? 5.003   -2.372  10.013  1.00 30.04 ? 5   GLN P CA  1 
ATOM   431 C  C   . GLN B 2 5  ? 4.172   -2.995  11.066  1.00 34.51 ? 5   GLN P C   1 
ATOM   432 O  O   . GLN B 2 5  ? 4.127   -2.467  12.172  1.00 31.88 ? 5   GLN P O   1 
ATOM   433 C  CB  . GLN B 2 5  ? 6.464   -2.300  10.471  1.00 44.13 ? 5   GLN P CB  1 
ATOM   434 C  CG  . GLN B 2 5  ? 7.465   -3.099  9.626   1.00 56.29 ? 5   GLN P CG  1 
ATOM   435 C  CD  . GLN B 2 5  ? 7.317   -4.615  9.753   1.00 59.30 ? 5   GLN P CD  1 
ATOM   436 O  OE1 . GLN B 2 5  ? 6.326   -5.124  10.287  1.00 58.97 ? 5   GLN P OE1 1 
ATOM   437 N  NE2 . GLN B 2 5  ? 8.314   -5.346  9.250   1.00 67.28 ? 5   GLN P NE2 1 
ATOM   438 N  N   . THR B 2 6  ? 3.559   -4.126  10.750  1.00 39.73 ? 6   THR P N   1 
ATOM   439 C  CA  . THR B 2 6  ? 2.549   -4.699  11.623  1.00 47.55 ? 6   THR P CA  1 
ATOM   440 C  C   . THR B 2 6  ? 3.024   -6.005  12.199  1.00 45.51 ? 6   THR P C   1 
ATOM   441 O  O   . THR B 2 6  ? 4.087   -6.526  11.806  1.00 54.26 ? 6   THR P O   1 
ATOM   442 C  CB  . THR B 2 6  ? 1.211   -4.904  10.846  1.00 49.72 ? 6   THR P CB  1 
ATOM   443 O  OG1 . THR B 2 6  ? 1.458   -5.675  9.671   1.00 44.31 ? 6   THR P OG1 1 
ATOM   444 C  CG2 . THR B 2 6  ? 0.587   -3.599  10.411  1.00 53.77 ? 6   THR P CG2 1 
HETATM 445 ZN ZN  . ZN  C 3 .  ? -1.963  -7.479  -0.526  1.00 26.29 ? 501 ZN  A ZN  1 
HETATM 446 ZN ZN  . ZN  D 3 .  ? -4.162  4.491   -4.733  1.00 26.99 ? 502 ZN  A ZN  1 
HETATM 447 O  O   . HOH E 4 .  ? -10.700 -5.296  0.932   1.00 42.98 ? 601 HOH A O   1 
HETATM 448 O  O   . HOH E 4 .  ? 15.653  -5.310  0.885   1.00 37.47 ? 602 HOH A O   1 
HETATM 449 O  O   . HOH E 4 .  ? 0.743   11.036  1.374   1.00 45.38 ? 603 HOH A O   1 
HETATM 450 O  O   . HOH E 4 .  ? -9.303  14.337  -2.052  1.00 38.62 ? 604 HOH A O   1 
HETATM 451 O  O   . HOH E 4 .  ? 2.154   7.635   1.388   1.00 22.03 ? 605 HOH A O   1 
HETATM 452 O  O   . HOH E 4 .  ? 13.564  3.011   2.269   1.00 31.22 ? 606 HOH A O   1 
HETATM 453 O  O   . HOH E 4 .  ? -6.254  -14.077 3.626   1.00 34.96 ? 607 HOH A O   1 
HETATM 454 O  O   . HOH E 4 .  ? -4.096  7.113   0.231   1.00 27.91 ? 608 HOH A O   1 
HETATM 455 O  O   . HOH E 4 .  ? -7.091  5.332   -11.983 1.00 36.45 ? 609 HOH A O   1 
HETATM 456 O  O   . HOH E 4 .  ? 4.652   -0.560  -6.769  1.00 32.16 ? 610 HOH A O   1 
HETATM 457 O  O   . HOH E 4 .  ? -10.592 8.081   -5.880  1.00 42.37 ? 611 HOH A O   1 
HETATM 458 O  O   . HOH E 4 .  ? -8.881  -12.078 -0.548  1.00 33.22 ? 612 HOH A O   1 
HETATM 459 O  O   . HOH E 4 .  ? 0.269   -8.927  -6.419  1.00 41.94 ? 613 HOH A O   1 
HETATM 460 O  O   . HOH E 4 .  ? 3.150   -6.976  3.762   1.00 20.33 ? 614 HOH A O   1 
HETATM 461 O  O   . HOH E 4 .  ? 5.156   10.583  -0.136  1.00 38.11 ? 615 HOH A O   1 
HETATM 462 O  O   . HOH E 4 .  ? -4.198  6.115   -13.498 1.00 27.28 ? 616 HOH A O   1 
HETATM 463 O  O   . HOH E 4 .  ? 13.180  4.234   4.550   1.00 41.54 ? 617 HOH A O   1 
HETATM 464 O  O   . HOH E 4 .  ? 8.987   11.605  -5.163  1.00 50.48 ? 618 HOH A O   1 
HETATM 465 O  O   . HOH E 4 .  ? -9.983  -0.993  4.764   1.00 43.00 ? 619 HOH A O   1 
HETATM 466 O  O   . HOH E 4 .  ? -6.324  -5.790  9.195   1.00 32.16 ? 620 HOH A O   1 
HETATM 467 O  O   . HOH E 4 .  ? 3.085   12.780  -8.155  1.00 44.00 ? 621 HOH A O   1 
HETATM 468 O  O   . HOH E 4 .  ? 4.389   -8.273  1.707   1.00 25.17 ? 622 HOH A O   1 
HETATM 469 O  O   . HOH E 4 .  ? -0.443  13.073  -4.361  1.00 39.28 ? 623 HOH A O   1 
HETATM 470 O  O   . HOH E 4 .  ? 11.896  -0.122  4.253   1.00 36.24 ? 624 HOH A O   1 
HETATM 471 O  O   . HOH E 4 .  ? -8.652  9.289   -7.187  1.00 35.59 ? 625 HOH A O   1 
HETATM 472 O  O   . HOH E 4 .  ? 11.467  -1.614  -3.655  1.00 33.09 ? 626 HOH A O   1 
HETATM 473 O  O   . HOH E 4 .  ? -1.361  12.030  0.301   1.00 42.51 ? 627 HOH A O   1 
HETATM 474 O  O   . HOH E 4 .  ? -9.530  -11.653 3.468   1.00 41.54 ? 628 HOH A O   1 
HETATM 475 O  O   . HOH E 4 .  ? 8.714   -7.268  0.394   1.00 41.27 ? 629 HOH A O   1 
HETATM 476 O  O   . HOH E 4 .  ? -3.764  -8.025  11.211  1.00 48.51 ? 630 HOH A O   1 
HETATM 477 O  O   . HOH E 4 .  ? -9.303  8.384   0.816   1.00 41.58 ? 631 HOH A O   1 
HETATM 478 O  O   . HOH E 4 .  ? 2.528   -9.458  10.214  1.00 31.61 ? 632 HOH A O   1 
HETATM 479 O  O   . HOH E 4 .  ? 10.973  0.962   -2.911  1.00 32.60 ? 633 HOH A O   1 
HETATM 480 O  O   . HOH E 4 .  ? 9.692   7.039   -4.261  1.00 39.31 ? 634 HOH A O   1 
HETATM 481 O  O   . HOH E 4 .  ? 1.925   0.641   -8.118  1.00 45.89 ? 635 HOH A O   1 
HETATM 482 O  O   . HOH E 4 .  ? 0.563   -5.001  -8.190  1.00 38.79 ? 636 HOH A O   1 
HETATM 483 O  O   . HOH E 4 .  ? -7.120  -11.914 5.244   1.00 28.73 ? 637 HOH A O   1 
HETATM 484 O  O   . HOH E 4 .  ? -7.042  2.173   8.053   1.00 49.77 ? 638 HOH A O   1 
HETATM 485 O  O   . HOH E 4 .  ? 4.507   5.252   -7.952  1.00 33.60 ? 639 HOH A O   1 
HETATM 486 O  O   . HOH E 4 .  ? -9.063  -3.388  -0.112  1.00 37.19 ? 640 HOH A O   1 
HETATM 487 O  O   . HOH E 4 .  ? 8.343   -7.716  -3.272  1.00 40.36 ? 641 HOH A O   1 
HETATM 488 O  O   . HOH E 4 .  ? -9.123  1.371   3.641   1.00 54.71 ? 642 HOH A O   1 
HETATM 489 O  O   . HOH E 4 .  ? -5.658  -3.721  10.488  1.00 47.60 ? 643 HOH A O   1 
HETATM 490 O  O   . HOH E 4 .  ? -7.365  7.418   -8.676  1.00 32.25 ? 644 HOH A O   1 
HETATM 491 O  O   . HOH E 4 .  ? 16.623  -7.189  -2.855  1.00 43.67 ? 645 HOH A O   1 
HETATM 492 O  O   . HOH E 4 .  ? 4.395   10.783  2.261   1.00 53.46 ? 646 HOH A O   1 
HETATM 493 O  O   . HOH E 4 .  ? 2.565   -3.482  -8.852  1.00 54.81 ? 647 HOH A O   1 
HETATM 494 O  O   . HOH E 4 .  ? -6.302  -7.798  11.335  1.00 42.23 ? 648 HOH A O   1 
HETATM 495 O  O   . HOH E 4 .  ? -8.878  5.129   -8.152  1.00 45.28 ? 649 HOH A O   1 
HETATM 496 O  O   . HOH E 4 .  ? 2.585   11.211  3.502   1.00 56.75 ? 650 HOH A O   1 
HETATM 497 O  O   . HOH E 4 .  ? 16.187  -4.733  -1.621  1.00 36.96 ? 651 HOH A O   1 
HETATM 498 O  O   . HOH E 4 .  ? -1.326  -8.691  -8.736  1.00 52.29 ? 652 HOH A O   1 
HETATM 499 O  O   . HOH E 4 .  ? -11.166 13.544  -3.050  1.00 39.59 ? 653 HOH A O   1 
HETATM 500 O  O   . HOH E 4 .  ? -1.622  -9.868  -4.412  1.00 30.73 ? 654 HOH A O   1 
HETATM 501 O  O   . HOH F 4 .  ? -1.333  7.196   7.403   1.00 47.91 ? 101 HOH P O   1 
HETATM 502 O  O   . HOH F 4 .  ? 4.649   3.607   10.687  1.00 45.22 ? 102 HOH P O   1 
HETATM 503 O  O   . HOH F 4 .  ? 7.270   9.780   2.979   1.00 38.44 ? 103 HOH P O   1 
HETATM 504 O  O   . HOH F 4 .  ? 1.320   -1.570  12.335  1.00 45.53 ? 104 HOH P O   1 
HETATM 505 O  O   . HOH F 4 .  ? 5.708   6.281   7.513   1.00 35.51 ? 105 HOH P O   1 
HETATM 506 O  O   . HOH F 4 .  ? 2.945   5.755   8.993   1.00 48.48 ? 106 HOH P O   1 
# 
loop_
_atom_site_anisotrop.id 
_atom_site_anisotrop.type_symbol 
_atom_site_anisotrop.pdbx_label_atom_id 
_atom_site_anisotrop.pdbx_label_alt_id 
_atom_site_anisotrop.pdbx_label_comp_id 
_atom_site_anisotrop.pdbx_label_asym_id 
_atom_site_anisotrop.pdbx_label_seq_id 
_atom_site_anisotrop.pdbx_PDB_ins_code 
_atom_site_anisotrop.U[1][1] 
_atom_site_anisotrop.U[2][2] 
_atom_site_anisotrop.U[3][3] 
_atom_site_anisotrop.U[1][2] 
_atom_site_anisotrop.U[1][3] 
_atom_site_anisotrop.U[2][3] 
_atom_site_anisotrop.pdbx_auth_seq_id 
_atom_site_anisotrop.pdbx_auth_comp_id 
_atom_site_anisotrop.pdbx_auth_asym_id 
_atom_site_anisotrop.pdbx_auth_atom_id 
1   N N   . GLU A 16 ? 0.7467 0.6992 0.7160 -0.0300 0.1405  -0.0059 177 GLU A N   
2   C CA  . GLU A 16 ? 0.6978 0.6817 0.7132 -0.0226 0.1414  0.0022  177 GLU A CA  
3   C C   . GLU A 16 ? 0.5749 0.5703 0.6123 -0.0119 0.1289  0.0035  177 GLU A C   
4   O O   . GLU A 16 ? 0.5711 0.5929 0.6352 -0.0147 0.1143  0.0100  177 GLU A O   
5   C CB  . GLU A 16 ? 0.7190 0.7133 0.7525 -0.0152 0.1691  0.0058  177 GLU A CB  
6   C CG  . GLU A 16 ? 0.7926 0.8259 0.8643 -0.0188 0.1707  0.0171  177 GLU A CG  
7   C CD  . GLU A 16 ? 0.8434 0.8696 0.8964 -0.0360 0.1704  0.0163  177 GLU A CD  
8   O OE1 . GLU A 16 ? 0.8938 0.8920 0.9122 -0.0402 0.1827  0.0107  177 GLU A OE1 
9   O OE2 . GLU A 16 ? 0.8335 0.8812 0.9039 -0.0471 0.1596  0.0215  177 GLU A OE2 
10  N N   . PRO A 17 ? 0.5704 0.5453 0.5942 -0.0019 0.1359  -0.0031 178 PRO A N   
11  C CA  . PRO A 17 ? 0.4413 0.4312 0.4915 0.0101  0.1264  0.0014  178 PRO A CA  
12  C C   . PRO A 17 ? 0.3472 0.3393 0.3939 0.0025  0.0978  -0.0005 178 PRO A C   
13  O O   . PRO A 17 ? 0.4095 0.3801 0.4254 -0.0071 0.0880  -0.0071 178 PRO A O   
14  C CB  . PRO A 17 ? 0.5128 0.4713 0.5424 0.0206  0.1437  -0.0068 178 PRO A CB  
15  C CG  . PRO A 17 ? 0.6255 0.5516 0.6084 0.0069  0.1525  -0.0189 178 PRO A CG  
16  C CD  . PRO A 17 ? 0.5519 0.4911 0.5370 -0.0029 0.1545  -0.0141 178 PRO A CD  
17  N N   . THR A 18 ? 0.3645 0.3842 0.4428 0.0071  0.0864  0.0071  179 THR A N   
18  C CA  . THR A 18 ? 0.2834 0.3013 0.3571 -0.0005 0.0624  0.0043  179 THR A CA  
19  C C   . THR A 18 ? 0.2695 0.2816 0.3463 0.0125  0.0583  0.0028  179 THR A C   
20  O O   . THR A 18 ? 0.3323 0.3500 0.4243 0.0283  0.0738  0.0080  179 THR A O   
21  C CB  . THR A 18 ? 0.2954 0.3463 0.3945 -0.0129 0.0503  0.0117  179 THR A CB  
22  O OG1 . THR A 18 ? 0.3392 0.4319 0.4762 -0.0049 0.0553  0.0241  179 THR A OG1 
23  C CG2 . THR A 18 ? 0.3559 0.4041 0.4462 -0.0277 0.0560  0.0116  179 THR A CG2 
24  N N   . TYR A 19 ? 0.2601 0.2584 0.3220 0.0067  0.0398  -0.0034 180 TYR A N   
25  C CA  . TYR A 19 ? 0.2694 0.2551 0.3260 0.0158  0.0347  -0.0074 180 TYR A CA  
26  C C   . TYR A 19 ? 0.2429 0.2376 0.3071 0.0090  0.0128  -0.0068 180 TYR A C   
27  O O   . TYR A 19 ? 0.2599 0.2663 0.3297 -0.0047 0.0033  -0.0047 180 TYR A O   
28  C CB  . TYR A 19 ? 0.2921 0.2407 0.3087 0.0135  0.0389  -0.0197 180 TYR A CB  
29  C CG  . TYR A 19 ? 0.3416 0.2757 0.3433 0.0165  0.0634  -0.0232 180 TYR A CG  
30  C CD1 . TYR A 19 ? 0.4001 0.3280 0.3816 0.0055  0.0685  -0.0252 180 TYR A CD1 
31  C CD2 . TYR A 19 ? 0.3975 0.3215 0.4039 0.0302  0.0842  -0.0233 180 TYR A CD2 
32  C CE1 . TYR A 19 ? 0.4557 0.3681 0.4200 0.0054  0.0927  -0.0297 180 TYR A CE1 
33  C CE2 . TYR A 19 ? 0.4635 0.3676 0.4529 0.0314  0.1114  -0.0279 180 TYR A CE2 
34  C CZ  . TYR A 19 ? 0.4505 0.3491 0.4177 0.0176  0.1148  -0.0321 180 TYR A CZ  
35  O OH  . TYR A 19 ? 0.5679 0.4440 0.5152 0.0169  0.1444  -0.0380 180 TYR A OH  
36  N N   . CYS A 20 ? 0.2483 0.2332 0.3089 0.0168  0.0073  -0.0100 181 CYS A N   
37  C CA  . CYS A 20 ? 0.2339 0.2139 0.2893 0.0097  -0.0118 -0.0137 181 CYS A CA  
38  C C   . CYS A 20 ? 0.2137 0.2280 0.2968 0.0029  -0.0225 -0.0047 181 CYS A C   
39  O O   . CYS A 20 ? 0.2795 0.3271 0.3875 0.0032  -0.0167 0.0060  181 CYS A O   
40  C CB  . CYS A 20 ? 0.2431 0.2023 0.2747 -0.0025 -0.0189 -0.0201 181 CYS A CB  
41  S SG  . CYS A 20 ? 0.2729 0.2145 0.2918 -0.0074 -0.0364 -0.0258 181 CYS A SG  
42  N N   . ILE A 21 ? 0.2429 0.2514 0.3201 -0.0055 -0.0377 -0.0088 182 ILE A N   
43  C CA  . ILE A 21 ? 0.2363 0.2771 0.3323 -0.0196 -0.0485 -0.0022 182 ILE A CA  
44  C C   . ILE A 21 ? 0.2944 0.3392 0.3874 -0.0408 -0.0472 -0.0036 182 ILE A C   
45  O O   . ILE A 21 ? 0.2819 0.3575 0.3882 -0.0586 -0.0523 0.0012  182 ILE A O   
46  C CB  . ILE A 21 ? 0.2827 0.3114 0.3689 -0.0254 -0.0622 -0.0079 182 ILE A CB  
47  C CG1 . ILE A 21 ? 0.3808 0.3681 0.4392 -0.0323 -0.0638 -0.0197 182 ILE A CG1 
48  C CG2 . ILE A 21 ? 0.3416 0.3730 0.4349 -0.0062 -0.0625 -0.0038 182 ILE A CG2 
49  C CD1 . ILE A 21 ? 0.4832 0.4527 0.5299 -0.0365 -0.0747 -0.0262 182 ILE A CD1 
50  N N   . CYS A 22 ? 0.2821 0.2971 0.3560 -0.0406 -0.0391 -0.0094 183 CYS A N   
51  C CA  . CYS A 22 ? 0.2748 0.2834 0.3415 -0.0585 -0.0342 -0.0106 183 CYS A CA  
52  C C   . CYS A 22 ? 0.2621 0.2908 0.3407 -0.0595 -0.0225 -0.0045 183 CYS A C   
53  O O   . CYS A 22 ? 0.2610 0.2899 0.3367 -0.0763 -0.0166 -0.0045 183 CYS A O   
54  C CB  . CYS A 22 ? 0.2633 0.2283 0.3026 -0.0566 -0.0308 -0.0158 183 CYS A CB  
55  S SG  . CYS A 22 ? 0.2699 0.2240 0.2976 -0.0379 -0.0227 -0.0144 183 CYS A SG  
56  N N   . ASN A 23 ? 0.2642 0.3085 0.3562 -0.0415 -0.0163 0.0007  184 ASN A N   
57  C CA  . ASN A 23 ? 0.2262 0.2923 0.3331 -0.0399 -0.0031 0.0076  184 ASN A CA  
58  C C   . ASN A 23 ? 0.2292 0.2678 0.3142 -0.0461 0.0066  0.0032  184 ASN A C   
59  O O   . ASN A 23 ? 0.3001 0.3537 0.3931 -0.0567 0.0145  0.0068  184 ASN A O   
60  C CB  . ASN A 23 ? 0.2483 0.3619 0.3826 -0.0553 -0.0061 0.0166  184 ASN A CB  
61  C CG  . ASN A 23 ? 0.4337 0.5862 0.5947 -0.0468 -0.0142 0.0273  184 ASN A CG  
62  O OD1 . ASN A 23 ? 0.4181 0.5838 0.5966 -0.0247 -0.0047 0.0365  184 ASN A OD1 
63  N ND2 . ASN A 23 ? 0.3973 0.5640 0.5587 -0.0636 -0.0295 0.0266  184 ASN A ND2 
64  N N   . GLN A 24 ? 0.2289 0.2325 0.2877 -0.0391 0.0064  -0.0025 185 GLN A N   
65  C CA  . GLN A 24 ? 0.2484 0.2298 0.2858 -0.0413 0.0150  -0.0028 185 GLN A CA  
66  C C   . GLN A 24 ? 0.2477 0.2197 0.2708 -0.0293 0.0239  -0.0046 185 GLN A C   
67  O O   . GLN A 24 ? 0.2818 0.2519 0.3042 -0.0188 0.0233  -0.0083 185 GLN A O   
68  C CB  . GLN A 24 ? 0.2591 0.2120 0.2754 -0.0449 0.0081  -0.0041 185 GLN A CB  
69  C CG  . GLN A 24 ? 0.2808 0.2309 0.3021 -0.0609 0.0061  -0.0044 185 GLN A CG  
70  C CD  . GLN A 24 ? 0.2653 0.1816 0.2664 -0.0613 0.0065  -0.0030 185 GLN A CD  
71  O OE1 . GLN A 24 ? 0.2907 0.1890 0.2808 -0.0665 0.0179  0.0023  185 GLN A OE1 
72  N NE2 . GLN A 24 ? 0.3019 0.2100 0.2992 -0.0545 -0.0040 -0.0059 185 GLN A NE2 
73  N N   . VAL A 25 ? 0.2857 0.2474 0.2921 -0.0329 0.0335  -0.0023 186 VAL A N   
74  C CA  . VAL A 25 ? 0.3228 0.2730 0.3069 -0.0276 0.0426  -0.0054 186 VAL A CA  
75  C C   . VAL A 25 ? 0.3026 0.2372 0.2631 -0.0249 0.0327  -0.0098 186 VAL A C   
76  O O   . VAL A 25 ? 0.3317 0.2620 0.2926 -0.0251 0.0192  -0.0085 186 VAL A O   
77  C CB  . VAL A 25 ? 0.3520 0.2966 0.3197 -0.0347 0.0529  -0.0005 186 VAL A CB  
78  C CG1 . VAL A 25 ? 0.3212 0.2828 0.3118 -0.0381 0.0649  0.0024  186 VAL A CG1 
79  C CG2 . VAL A 25 ? 0.3819 0.3148 0.3368 -0.0397 0.0450  0.0071  186 VAL A CG2 
80  N N   . SER A 26 ? 0.3302 0.2560 0.2682 -0.0246 0.0414  -0.0157 187 SER A N   
81  C CA  . SER A 26 ? 0.3370 0.2529 0.2482 -0.0275 0.0326  -0.0197 187 SER A CA  
82  C C   . SER A 26 ? 0.3835 0.3023 0.2809 -0.0327 0.0222  -0.0091 187 SER A C   
83  O O   . SER A 26 ? 0.3818 0.3035 0.2734 -0.0367 0.0284  -0.0006 187 SER A O   
84  C CB  . SER A 26 ? 0.4469 0.3516 0.3285 -0.0334 0.0470  -0.0291 187 SER A CB  
85  O OG  . SER A 26 ? 0.5347 0.4325 0.4304 -0.0248 0.0615  -0.0360 187 SER A OG  
86  N N   . PHE A 27 ? 0.3422 0.2611 0.2362 -0.0310 0.0081  -0.0074 188 PHE A N   
87  C CA  . PHE A 27 ? 0.3672 0.2931 0.2468 -0.0333 0.0000  0.0062  188 PHE A CA  
88  C C   . PHE A 27 ? 0.3456 0.2751 0.2174 -0.0329 -0.0127 0.0040  188 PHE A C   
89  O O   . PHE A 27 ? 0.3531 0.2745 0.2356 -0.0292 -0.0164 -0.0070 188 PHE A O   
90  C CB  . PHE A 27 ? 0.3447 0.2664 0.2419 -0.0280 0.0002  0.0200  188 PHE A CB  
91  C CG  . PHE A 27 ? 0.3282 0.2402 0.2473 -0.0234 -0.0055 0.0159  188 PHE A CG  
92  C CD1 . PHE A 27 ? 0.3238 0.2327 0.2632 -0.0257 -0.0004 0.0085  188 PHE A CD1 
93  C CD2 . PHE A 27 ? 0.3280 0.2377 0.2473 -0.0188 -0.0157 0.0193  188 PHE A CD2 
94  C CE1 . PHE A 27 ? 0.3231 0.2263 0.2790 -0.0266 -0.0060 0.0045  188 PHE A CE1 
95  C CE2 . PHE A 27 ? 0.3311 0.2293 0.2673 -0.0173 -0.0197 0.0133  188 PHE A CE2 
96  C CZ  . PHE A 27 ? 0.3144 0.2095 0.2675 -0.0226 -0.0151 0.0054  188 PHE A CZ  
97  N N   . GLY A 28 ? 0.3555 0.3010 0.2095 -0.0371 -0.0194 0.0166  189 GLY A N   
98  C CA  . GLY A 28 ? 0.3585 0.3136 0.2084 -0.0370 -0.0322 0.0180  189 GLY A CA  
99  C C   . GLY A 28 ? 0.4004 0.3483 0.2347 -0.0459 -0.0318 -0.0028 189 GLY A C   
100 O O   . GLY A 28 ? 0.3841 0.3240 0.2008 -0.0548 -0.0201 -0.0145 189 GLY A O   
101 N N   . GLU A 29 ? 0.3382 0.2870 0.1763 -0.0438 -0.0421 -0.0060 190 GLU A N   
102 C CA  . GLU A 29 ? 0.3530 0.2911 0.1735 -0.0526 -0.0399 -0.0254 190 GLU A CA  
103 C C   . GLU A 29 ? 0.3041 0.2176 0.1466 -0.0409 -0.0334 -0.0370 190 GLU A C   
104 O O   . GLU A 29 ? 0.3190 0.2297 0.1890 -0.0293 -0.0396 -0.0316 190 GLU A O   
105 C CB  . GLU A 29 ? 0.4369 0.3917 0.2634 -0.0524 -0.0507 -0.0221 190 GLU A CB  
106 C CG  . GLU A 29 ? 0.5181 0.5080 0.3396 -0.0585 -0.0558 -0.0067 190 GLU A CG  
107 C CD  . GLU A 29 ? 0.6858 0.6875 0.5207 -0.0557 -0.0596 -0.0089 190 GLU A CD  
108 O OE1 . GLU A 29 ? 0.7050 0.7164 0.5573 -0.0450 -0.0677 0.0026  190 GLU A OE1 
109 O OE2 . GLU A 29 ? 0.7643 0.7608 0.5917 -0.0641 -0.0524 -0.0219 190 GLU A OE2 
110 N N   . MET A 30 ? 0.3007 0.2217 0.1788 0.0088  -0.0352 -0.0189 191 MET A N   
111 C CA  . MET A 30 ? 0.2671 0.2059 0.1632 0.0028  -0.0170 -0.0203 191 MET A CA  
112 C C   . MET A 30 ? 0.2734 0.2222 0.1829 -0.0023 -0.0247 -0.0236 191 MET A C   
113 O O   . MET A 30 ? 0.3081 0.2381 0.2011 -0.0024 -0.0428 -0.0260 191 MET A O   
114 C CB  . MET A 30 ? 0.3280 0.2472 0.1997 0.0050  0.0024  -0.0178 191 MET A CB  
115 C CG  . MET A 30 ? 0.3390 0.2440 0.2000 0.0078  0.0127  -0.0116 191 MET A CG  
116 S SD  . MET A 30 ? 0.3828 0.2722 0.2351 0.0091  0.0428  -0.0024 191 MET A SD  
117 C CE  . MET A 30 ? 0.3256 0.2559 0.2367 -0.0031 0.0456  -0.0035 191 MET A CE  
118 N N   . VAL A 31 ? 0.2581 0.2291 0.1925 -0.0067 -0.0149 -0.0235 192 VAL A N   
119 C CA  . VAL A 31 ? 0.2520 0.2309 0.2002 -0.0115 -0.0183 -0.0243 192 VAL A CA  
120 C C   . VAL A 31 ? 0.2593 0.2355 0.2007 -0.0109 -0.0051 -0.0249 192 VAL A C   
121 O O   . VAL A 31 ? 0.2412 0.2239 0.1868 -0.0096 0.0056  -0.0232 192 VAL A O   
122 C CB  . VAL A 31 ? 0.2266 0.2315 0.2090 -0.0139 -0.0164 -0.0201 192 VAL A CB  
123 C CG1 . VAL A 31 ? 0.2222 0.2354 0.2039 -0.0107 -0.0028 -0.0200 192 VAL A CG1 
124 C CG2 . VAL A 31 ? 0.2003 0.2107 0.2003 -0.0199 -0.0186 -0.0174 192 VAL A CG2 
125 N N   . ALA A 32 ? 0.2410 0.2058 0.1759 -0.0120 -0.0085 -0.0266 193 ALA A N   
126 C CA  . ALA A 32 ? 0.2566 0.2189 0.1893 -0.0082 0.0042  -0.0255 193 ALA A CA  
127 C C   . ALA A 32 ? 0.2439 0.2230 0.1989 -0.0120 0.0033  -0.0226 193 ALA A C   
128 O O   . ALA A 32 ? 0.2606 0.2390 0.2236 -0.0175 -0.0045 -0.0218 193 ALA A O   
129 C CB  . ALA A 32 ? 0.3087 0.2350 0.2072 -0.0022 0.0047  -0.0293 193 ALA A CB  
130 N N   . CYS A 33 ? 0.2350 0.2271 0.2013 -0.0089 0.0108  -0.0193 194 CYS A N   
131 C CA  . CYS A 33 ? 0.2157 0.2148 0.1907 -0.0089 0.0098  -0.0154 194 CYS A CA  
132 C C   . CYS A 33 ? 0.2449 0.2259 0.2125 -0.0074 0.0104  -0.0148 194 CYS A C   
133 O O   . CYS A 33 ? 0.2671 0.2315 0.2226 -0.0012 0.0154  -0.0168 194 CYS A O   
134 C CB  . CYS A 33 ? 0.2462 0.2573 0.2332 -0.0048 0.0101  -0.0125 194 CYS A CB  
135 S SG  . CYS A 33 ? 0.2474 0.2590 0.2307 -0.0019 0.0031  -0.0073 194 CYS A SG  
136 N N   . ASP A 34 ? 0.2459 0.2254 0.2184 -0.0118 0.0082  -0.0106 195 ASP A N   
137 C CA  . ASP A 34 ? 0.2471 0.2044 0.2134 -0.0123 0.0074  -0.0090 195 ASP A CA  
138 C C   . ASP A 34 ? 0.2602 0.2128 0.2228 -0.0019 0.0130  -0.0043 195 ASP A C   
139 O O   . ASP A 34 ? 0.3023 0.2312 0.2565 0.0000  0.0137  -0.0028 195 ASP A O   
140 C CB  . ASP A 34 ? 0.2875 0.2456 0.2694 -0.0226 0.0054  -0.0026 195 ASP A CB  
141 C CG  . ASP A 34 ? 0.3628 0.3147 0.3545 -0.0331 -0.0077 -0.0070 195 ASP A CG  
142 O OD1 . ASP A 34 ? 0.3974 0.3252 0.3660 -0.0316 -0.0172 -0.0161 195 ASP A OD1 
143 O OD2 . ASP A 34 ? 0.3836 0.3519 0.4043 -0.0411 -0.0089 -0.0004 195 ASP A OD2 
144 N N   . ASN A 35 ? 0.2482 0.2207 0.2193 0.0044  0.0134  -0.0016 196 ASN A N   
145 C CA  . ASN A 35 ? 0.2427 0.2151 0.2201 0.0158  0.0138  0.0041  196 ASN A CA  
146 C C   . ASN A 35 ? 0.2540 0.2234 0.2389 0.0249  0.0238  0.0023  196 ASN A C   
147 O O   . ASN A 35 ? 0.2528 0.2380 0.2504 0.0241  0.0272  0.0007  196 ASN A O   
148 C CB  . ASN A 35 ? 0.2652 0.2572 0.2528 0.0179  0.0033  0.0078  196 ASN A CB  
149 C CG  . ASN A 35 ? 0.2444 0.2432 0.2516 0.0297  -0.0028 0.0153  196 ASN A CG  
150 O OD1 . ASN A 35 ? 0.2524 0.2391 0.2610 0.0388  0.0047  0.0193  196 ASN A OD1 
151 N ND2 . ASN A 35 ? 0.2633 0.2793 0.2870 0.0299  -0.0198 0.0177  196 ASN A ND2 
152 N N   . ASN A 36 ? 0.2762 0.2204 0.2494 0.0346  0.0316  0.0032  197 ASN A N   
153 C CA  . ASN A 36 ? 0.3370 0.2685 0.3055 0.0471  0.0482  0.0017  197 ASN A CA  
154 C C   . ASN A 36 ? 0.3471 0.3116 0.3603 0.0586  0.0561  0.0126  197 ASN A C   
155 O O   . ASN A 36 ? 0.3334 0.2968 0.3549 0.0699  0.0763  0.0159  197 ASN A O   
156 C CB  . ASN A 36 ? 0.3720 0.2552 0.3051 0.0570  0.0554  -0.0020 197 ASN A CB  
157 C CG  . ASN A 36 ? 0.4281 0.3065 0.3716 0.0673  0.0557  0.0062  197 ASN A CG  
158 O OD1 . ASN A 36 ? 0.4428 0.3520 0.4236 0.0775  0.0575  0.0167  197 ASN A OD1 
159 N ND2 . ASN A 36 ? 0.5488 0.3818 0.4595 0.0665  0.0523  0.0020  197 ASN A ND2 
160 N N   . ALA A 37 ? 0.2655 0.2568 0.3070 0.0556  0.0393  0.0191  198 ALA A N   
161 C CA  . ALA A 37 ? 0.2785 0.3054 0.3736 0.0612  0.0355  0.0297  198 ALA A CA  
162 C C   . ALA A 37 ? 0.2399 0.2930 0.3571 0.0466  0.0231  0.0281  198 ALA A C   
163 O O   . ALA A 37 ? 0.2431 0.3260 0.4120 0.0466  0.0114  0.0371  198 ALA A O   
164 C CB  . ALA A 37 ? 0.2739 0.3053 0.3818 0.0690  0.0166  0.0381  198 ALA A CB  
165 N N   . CYS A 38 ? 0.2332 0.2747 0.3171 0.0342  0.0228  0.0177  199 CYS A N   
166 C CA  . CYS A 38 ? 0.2025 0.2594 0.2987 0.0219  0.0121  0.0152  199 CYS A CA  
167 C C   . CYS A 38 ? 0.2355 0.3125 0.3771 0.0233  0.0258  0.0234  199 CYS A C   
168 O O   . CYS A 38 ? 0.2874 0.3545 0.4242 0.0324  0.0526  0.0264  199 CYS A O   
169 C CB  . CYS A 38 ? 0.1913 0.2309 0.2467 0.0130  0.0142  0.0047  199 CYS A CB  
170 S SG  . CYS A 38 ? 0.2254 0.2739 0.2843 0.0001  0.0004  0.0002  199 CYS A SG  
171 N N   . LYS A 39 ? 0.2215 0.3218 0.4057 0.0146  0.0077  0.0283  200 LYS A N   
172 C CA  . LYS A 39 ? 0.1997 0.3236 0.4428 0.0128  0.0209  0.0402  200 LYS A CA  
173 C C   . LYS A 39 ? 0.2052 0.3185 0.4311 0.0030  0.0333  0.0362  200 LYS A C   
174 O O   . LYS A 39 ? 0.2483 0.3738 0.5144 0.0027  0.0537  0.0480  200 LYS A O   
175 C CB  . LYS A 39 ? 0.2608 0.4137 0.5683 0.0040  -0.0109 0.0484  200 LYS A CB  
176 C CG  . LYS A 39 ? 0.3975 0.5594 0.7215 0.0139  -0.0331 0.0535  200 LYS A CG  
177 C CD  . LYS A 39 ? 0.4422 0.6133 0.7942 0.0015  -0.0817 0.0536  200 LYS A CD  
178 C CE  . LYS A 39 ? 0.5084 0.6752 0.8516 0.0135  -0.1088 0.0565  200 LYS A CE  
179 N NZ  . LYS A 39 ? 0.4978 0.6914 0.8982 0.0314  -0.0872 0.0732  200 LYS A NZ  
180 N N   . ILE A 40 ? 0.2264 0.3171 0.3968 -0.0037 0.0231  0.0221  201 ILE A N   
181 C CA  . ILE A 40 ? 0.2205 0.2981 0.3713 -0.0111 0.0315  0.0184  201 ILE A CA  
182 C C   . ILE A 40 ? 0.2356 0.2865 0.3325 -0.0025 0.0503  0.0126  201 ILE A C   
183 O O   . ILE A 40 ? 0.2632 0.3011 0.3491 0.0003  0.0699  0.0167  201 ILE A O   
184 C CB  . ILE A 40 ? 0.1913 0.2610 0.3235 -0.0230 0.0046  0.0081  201 ILE A CB  
185 C CG1 . ILE A 40 ? 0.2596 0.3448 0.4388 -0.0328 -0.0199 0.0126  201 ILE A CG1 
186 C CG2 . ILE A 40 ? 0.2259 0.2781 0.3331 -0.0280 0.0131  0.0041  201 ILE A CG2 
187 C CD1 . ILE A 40 ? 0.3785 0.4422 0.5205 -0.0394 -0.0474 0.0002  201 ILE A CD1 
188 N N   . GLU A 41 ? 0.2062 0.2459 0.2702 0.0009  0.0416  0.0043  202 GLU A N   
189 C CA  . GLU A 41 ? 0.2633 0.2756 0.2802 0.0064  0.0480  -0.0025 202 GLU A CA  
190 C C   . GLU A 41 ? 0.2555 0.2560 0.2454 -0.0001 0.0403  -0.0093 202 GLU A C   
191 O O   . GLU A 41 ? 0.2646 0.2603 0.2386 -0.0030 0.0283  -0.0152 202 GLU A O   
192 C CB  . GLU A 41 ? 0.3619 0.3529 0.3627 0.0198  0.0728  0.0023  202 GLU A CB  
193 C CG  . GLU A 41 ? 0.3574 0.3093 0.3018 0.0245  0.0697  -0.0072 202 GLU A CG  
194 C CD  . GLU A 41 ? 0.4502 0.3677 0.3633 0.0423  0.0932  -0.0046 202 GLU A CD  
195 O OE1 . GLU A 41 ? 0.5365 0.4617 0.4714 0.0524  0.1197  0.0071  202 GLU A OE1 
196 O OE2 . GLU A 41 ? 0.6047 0.4850 0.4723 0.0460  0.0852  -0.0136 202 GLU A OE2 
197 N N   . TRP A 42 ? 0.2628 0.2355 0.2003 0.0275  0.0214  0.0016  203 TRP A N   
198 C CA  . TRP A 42 ? 0.2592 0.2135 0.1789 0.0229  0.0179  -0.0039 203 TRP A CA  
199 C C   . TRP A 42 ? 0.2749 0.2377 0.1960 0.0134  0.0159  -0.0046 203 TRP A C   
200 O O   . TRP A 42 ? 0.2667 0.2437 0.1937 0.0073  0.0199  -0.0030 203 TRP A O   
201 C CB  . TRP A 42 ? 0.2720 0.2074 0.1706 0.0251  0.0242  -0.0078 203 TRP A CB  
202 C CG  . TRP A 42 ? 0.3206 0.2368 0.2066 0.0338  0.0258  -0.0122 203 TRP A CG  
203 C CD1 . TRP A 42 ? 0.3518 0.2669 0.2371 0.0415  0.0382  -0.0141 203 TRP A CD1 
204 C CD2 . TRP A 42 ? 0.3274 0.2222 0.2004 0.0344  0.0147  -0.0171 203 TRP A CD2 
205 N NE1 . TRP A 42 ? 0.3675 0.2547 0.2337 0.0475  0.0363  -0.0219 203 TRP A NE1 
206 C CE2 . TRP A 42 ? 0.3612 0.2363 0.2189 0.0411  0.0198  -0.0233 203 TRP A CE2 
207 C CE3 . TRP A 42 ? 0.3461 0.2377 0.2209 0.0294  0.0008  -0.0178 203 TRP A CE3 
208 C CZ2 . TRP A 42 ? 0.4102 0.2598 0.2513 0.0402  0.0088  -0.0308 203 TRP A CZ2 
209 C CZ3 . TRP A 42 ? 0.3594 0.2329 0.2253 0.0290  -0.0104 -0.0234 203 TRP A CZ3 
210 C CH2 . TRP A 42 ? 0.3765 0.2277 0.2234 0.0328  -0.0077 -0.0301 203 TRP A CH2 
211 N N   . PHE A 43 ? 0.2473 0.2019 0.1658 0.0121  0.0102  -0.0079 204 PHE A N   
212 C CA  . PHE A 43 ? 0.2410 0.1995 0.1608 0.0056  0.0104  -0.0113 204 PHE A CA  
213 C C   . PHE A 43 ? 0.2951 0.2366 0.2111 0.0092  0.0070  -0.0154 204 PHE A C   
214 O O   . PHE A 43 ? 0.2693 0.2057 0.1888 0.0145  0.0008  -0.0157 204 PHE A O   
215 C CB  . PHE A 43 ? 0.2407 0.2140 0.1681 0.0021  0.0098  -0.0108 204 PHE A CB  
216 C CG  . PHE A 43 ? 0.2575 0.2479 0.1881 -0.0003 0.0087  -0.0035 204 PHE A CG  
217 C CD1 . PHE A 43 ? 0.2298 0.2198 0.1669 0.0069  0.0069  0.0034  204 PHE A CD1 
218 C CD2 . PHE A 43 ? 0.2824 0.2864 0.2102 -0.0092 0.0078  -0.0041 204 PHE A CD2 
219 C CE1 . PHE A 43 ? 0.2481 0.2541 0.1932 0.0085  0.0039  0.0121  204 PHE A CE1 
220 C CE2 . PHE A 43 ? 0.2862 0.3102 0.2206 -0.0106 0.0020  0.0044  204 PHE A CE2 
221 C CZ  . PHE A 43 ? 0.2820 0.3077 0.2273 -0.0001 0.0002  0.0136  204 PHE A CZ  
222 N N   . HIS A 44 ? 0.2595 0.1917 0.1704 0.0061  0.0094  -0.0186 205 HIS A N   
223 C CA  . HIS A 44 ? 0.2673 0.1821 0.1789 0.0131  0.0044  -0.0213 205 HIS A CA  
224 C C   . HIS A 44 ? 0.2802 0.2085 0.2118 0.0164  0.0051  -0.0270 205 HIS A C   
225 O O   . HIS A 44 ? 0.2778 0.2179 0.2115 0.0104  0.0129  -0.0315 205 HIS A O   
226 C CB  . HIS A 44 ? 0.3000 0.1945 0.2014 0.0097  0.0081  -0.0231 205 HIS A CB  
227 C CG  . HIS A 44 ? 0.3196 0.2038 0.2036 0.0021  0.0120  -0.0169 205 HIS A CG  
228 N ND1 . HIS A 44 ? 0.3118 0.2067 0.1971 -0.0107 0.0194  -0.0182 205 HIS A ND1 
229 C CD2 . HIS A 44 ? 0.3579 0.2243 0.2233 0.0043  0.0108  -0.0094 205 HIS A CD2 
230 C CE1 . HIS A 44 ? 0.3192 0.2066 0.1935 -0.0163 0.0247  -0.0116 205 HIS A CE1 
231 N NE2 . HIS A 44 ? 0.3221 0.1896 0.1802 -0.0073 0.0212  -0.0061 205 HIS A NE2 
232 N N   . PHE A 45 ? 0.2816 0.2099 0.2278 0.0248  -0.0029 -0.0270 206 PHE A N   
233 C CA  . PHE A 45 ? 0.2899 0.2370 0.2624 0.0271  0.0013  -0.0323 206 PHE A CA  
234 C C   . PHE A 45 ? 0.2935 0.2398 0.2677 0.0270  0.0143  -0.0414 206 PHE A C   
235 O O   . PHE A 45 ? 0.2998 0.2619 0.2776 0.0214  0.0258  -0.0463 206 PHE A O   
236 C CB  . PHE A 45 ? 0.2524 0.2019 0.2488 0.0374  -0.0107 -0.0319 206 PHE A CB  
237 C CG  . PHE A 45 ? 0.2605 0.2190 0.2649 0.0346  -0.0225 -0.0278 206 PHE A CG  
238 C CD1 . PHE A 45 ? 0.2943 0.2465 0.2776 0.0271  -0.0237 -0.0240 206 PHE A CD1 
239 C CD2 . PHE A 45 ? 0.2893 0.2630 0.3276 0.0403  -0.0337 -0.0288 206 PHE A CD2 
240 C CE1 . PHE A 45 ? 0.2845 0.2377 0.2734 0.0241  -0.0355 -0.0231 206 PHE A CE1 
241 C CE2 . PHE A 45 ? 0.2935 0.2743 0.3408 0.0346  -0.0473 -0.0269 206 PHE A CE2 
242 C CZ  . PHE A 45 ? 0.2644 0.2312 0.2837 0.0262  -0.0483 -0.0249 206 PHE A CZ  
243 N N   . GLY A 46 ? 0.2768 0.2000 0.2439 0.0325  0.0132  -0.0441 207 GLY A N   
244 C CA  . GLY A 46 ? 0.3262 0.2402 0.2931 0.0336  0.0254  -0.0557 207 GLY A CA  
245 C C   . GLY A 46 ? 0.3673 0.2845 0.3111 0.0181  0.0353  -0.0615 207 GLY A C   
246 O O   . GLY A 46 ? 0.4044 0.3217 0.3450 0.0163  0.0477  -0.0737 207 GLY A O   
247 N N   . CYS A 47 ? 0.3108 0.2310 0.2387 0.0078  0.0294  -0.0533 208 CYS A N   
248 C CA  . CYS A 47 ? 0.2913 0.2192 0.2009 -0.0070 0.0330  -0.0564 208 CYS A CA  
249 C C   . CYS A 47 ? 0.3235 0.2755 0.2321 -0.0112 0.0372  -0.0557 208 CYS A C   
250 O O   . CYS A 47 ? 0.3410 0.2978 0.2300 -0.0227 0.0403  -0.0609 208 CYS A O   
251 C CB  . CYS A 47 ? 0.2871 0.2174 0.1900 -0.0146 0.0255  -0.0465 208 CYS A CB  
252 S SG  . CYS A 47 ? 0.3359 0.2333 0.2303 -0.0171 0.0249  -0.0463 208 CYS A SG  
253 N N   . VAL A 48 ? 0.2795 0.2445 0.2055 -0.0042 0.0364  -0.0490 209 VAL A N   
254 C CA  . VAL A 48 ? 0.2536 0.2373 0.1769 -0.0100 0.0409  -0.0446 209 VAL A CA  
255 C C   . VAL A 48 ? 0.3230 0.3160 0.2662 -0.0048 0.0523  -0.0497 209 VAL A C   
256 O O   . VAL A 48 ? 0.3215 0.3294 0.2702 -0.0092 0.0574  -0.0437 209 VAL A O   
257 C CB  . VAL A 48 ? 0.2451 0.2362 0.1725 -0.0103 0.0306  -0.0298 209 VAL A CB  
258 C CG1 . VAL A 48 ? 0.2861 0.2770 0.2006 -0.0148 0.0227  -0.0247 209 VAL A CG1 
259 C CG2 . VAL A 48 ? 0.2891 0.2739 0.2358 -0.0009 0.0240  -0.0275 209 VAL A CG2 
260 N N   . GLY A 49 ? 0.3328 0.3175 0.2905 0.0048  0.0578  -0.0607 210 GLY A N   
261 C CA  . GLY A 49 ? 0.3724 0.3720 0.3548 0.0104  0.0725  -0.0681 210 GLY A CA  
262 C C   . GLY A 49 ? 0.3980 0.4168 0.4194 0.0161  0.0671  -0.0608 210 GLY A C   
263 O O   . GLY A 49 ? 0.3741 0.4147 0.4207 0.0160  0.0814  -0.0642 210 GLY A O   
264 N N   . LEU A 50 ? 0.2675 0.2786 0.2939 0.0195  0.0475  -0.0518 211 LEU A N   
265 C CA  . LEU A 50 ? 0.3105 0.3366 0.3689 0.0218  0.0373  -0.0460 211 LEU A CA  
266 C C   . LEU A 50 ? 0.3132 0.3392 0.4017 0.0370  0.0266  -0.0492 211 LEU A C   
267 O O   . LEU A 50 ? 0.3110 0.3138 0.3850 0.0457  0.0191  -0.0502 211 LEU A O   
268 C CB  . LEU A 50 ? 0.2545 0.2699 0.2961 0.0158  0.0214  -0.0357 211 LEU A CB  
269 C CG  . LEU A 50 ? 0.2444 0.2612 0.2655 0.0036  0.0280  -0.0288 211 LEU A CG  
270 C CD1 . LEU A 50 ? 0.2600 0.2624 0.2696 0.0027  0.0133  -0.0214 211 LEU A CD1 
271 C CD2 . LEU A 50 ? 0.3377 0.3749 0.3786 -0.0054 0.0402  -0.0266 211 LEU A CD2 
272 N N   . LYS A 51 ? 0.2783 0.3315 0.4110 0.0393  0.0246  -0.0493 212 LYS A N   
273 C CA  . LYS A 51 ? 0.2395 0.2978 0.4060 0.0541  0.0080  -0.0493 212 LYS A CA  
274 C C   . LYS A 51 ? 0.3060 0.3673 0.4799 0.0497  -0.0179 -0.0411 212 LYS A C   
275 O O   . LYS A 51 ? 0.3460 0.4013 0.5298 0.0609  -0.0399 -0.0380 212 LYS A O   
276 C CB  . LYS A 51 ? 0.2593 0.3532 0.4822 0.0625  0.0229  -0.0570 212 LYS A CB  
277 C CG  . LYS A 51 ? 0.4370 0.5238 0.6492 0.0682  0.0501  -0.0688 212 LYS A CG  
278 C CD  . LYS A 51 ? 0.5309 0.5811 0.7229 0.0837  0.0410  -0.0712 212 LYS A CD  
279 C CE  . LYS A 51 ? 0.5501 0.6076 0.7880 0.1047  0.0212  -0.0676 212 LYS A CE  
280 N NZ  . LYS A 51 ? 0.6287 0.6893 0.9014 0.1255  0.0380  -0.0795 212 LYS A NZ  
281 N N   . GLU A 52 ? 0.2378 0.3092 0.4108 0.0333  -0.0159 -0.0381 213 GLU A N   
282 C CA  . GLU A 52 ? 0.2192 0.2898 0.3968 0.0255  -0.0394 -0.0336 213 GLU A CA  
283 C C   . GLU A 52 ? 0.2633 0.3126 0.4013 0.0117  -0.0356 -0.0298 213 GLU A C   
284 O O   . GLU A 52 ? 0.2711 0.3177 0.3916 0.0066  -0.0159 -0.0285 213 GLU A O   
285 C CB  . GLU A 52 ? 0.2191 0.3295 0.4566 0.0184  -0.0430 -0.0347 213 GLU A CB  
286 C CG  . GLU A 52 ? 0.2196 0.3624 0.5139 0.0341  -0.0461 -0.0383 213 GLU A CG  
287 C CD  . GLU A 52 ? 0.3148 0.4439 0.6062 0.0489  -0.0786 -0.0350 213 GLU A CD  
288 O OE1 . GLU A 52 ? 0.3395 0.4359 0.5831 0.0443  -0.0970 -0.0311 213 GLU A OE1 
289 O OE2 . GLU A 52 ? 0.3174 0.4662 0.6516 0.0668  -0.0848 -0.0358 213 GLU A OE2 
290 N N   . GLN A 53 ? 0.2955 0.3286 0.4190 0.0063  -0.0555 -0.0284 214 GLN A N   
291 C CA  . GLN A 53 ? 0.2872 0.2997 0.3825 -0.0050 -0.0525 -0.0259 214 GLN A CA  
292 C C   . GLN A 53 ? 0.2492 0.2791 0.3679 -0.0193 -0.0364 -0.0226 214 GLN A C   
293 O O   . GLN A 53 ? 0.2424 0.2963 0.4023 -0.0281 -0.0402 -0.0237 214 GLN A O   
294 C CB  . GLN A 53 ? 0.3370 0.3309 0.4203 -0.0099 -0.0760 -0.0288 214 GLN A CB  
295 C CG  . GLN A 53 ? 0.3438 0.3154 0.4080 -0.0217 -0.0724 -0.0283 214 GLN A CG  
296 C CD  . GLN A 53 ? 0.4575 0.4025 0.4993 -0.0261 -0.0940 -0.0351 214 GLN A CD  
297 O OE1 . GLN A 53 ? 0.4854 0.4397 0.5424 -0.0287 -0.1161 -0.0393 214 GLN A OE1 
298 N NE2 . GLN A 53 ? 0.4667 0.3776 0.4713 -0.0263 -0.0886 -0.0369 214 GLN A NE2 
299 N N   . PRO A 54 ? 0.2847 0.3028 0.3778 -0.0227 -0.0201 -0.0170 215 PRO A N   
300 C CA  . PRO A 54 ? 0.2662 0.2902 0.3697 -0.0379 -0.0071 -0.0101 215 PRO A CA  
301 C C   . PRO A 54 ? 0.2878 0.2959 0.3978 -0.0502 -0.0208 -0.0095 215 PRO A C   
302 O O   . PRO A 54 ? 0.3628 0.3411 0.4446 -0.0453 -0.0334 -0.0122 215 PRO A O   
303 C CB  . PRO A 54 ? 0.2793 0.2852 0.3443 -0.0353 0.0037  -0.0027 215 PRO A CB  
304 C CG  . PRO A 54 ? 0.2657 0.2716 0.3133 -0.0210 0.0035  -0.0081 215 PRO A CG  
305 C CD  . PRO A 54 ? 0.3122 0.3124 0.3671 -0.0136 -0.0142 -0.0153 215 PRO A CD  
306 N N   . LYS A 55 ? 0.2596 0.2847 0.4039 -0.0669 -0.0167 -0.0069 216 LYS A N   
307 C CA  . LYS A 55 ? 0.3095 0.3154 0.4604 -0.0817 -0.0316 -0.0082 216 LYS A CA  
308 C C   . LYS A 55 ? 0.4181 0.3874 0.5393 -0.0891 -0.0234 0.0013  216 LYS A C   
309 O O   . LYS A 55 ? 0.5010 0.4378 0.6108 -0.0957 -0.0359 -0.0019 216 LYS A O   
310 C CB  . LYS A 55 ? 0.3179 0.3588 0.5247 -0.0992 -0.0329 -0.0096 216 LYS A CB  
311 C CG  . LYS A 55 ? 0.3388 0.4096 0.5768 -0.0888 -0.0521 -0.0196 216 LYS A CG  
312 C CD  . LYS A 55 ? 0.3674 0.4800 0.6708 -0.1052 -0.0579 -0.0215 216 LYS A CD  
313 C CE  . LYS A 55 ? 0.3710 0.5150 0.7078 -0.0902 -0.0794 -0.0288 216 LYS A CE  
314 N NZ  . LYS A 55 ? 0.3538 0.5490 0.7668 -0.1055 -0.0844 -0.0300 216 LYS A NZ  
315 N N   . GLY A 56 ? 0.3384 0.3098 0.4444 -0.0872 -0.0038 0.0128  217 GLY A N   
316 C CA  . GLY A 56 ? 0.3591 0.2955 0.4381 -0.0921 0.0020  0.0258  217 GLY A CA  
317 C C   . GLY A 56 ? 0.3453 0.2702 0.3881 -0.0729 0.0043  0.0299  217 GLY A C   
318 O O   . GLY A 56 ? 0.3714 0.2991 0.4051 -0.0579 -0.0034 0.0199  217 GLY A O   
319 N N   . LYS A 57 ? 0.4028 0.3153 0.4251 -0.0742 0.0141  0.0458  218 LYS A N   
320 C CA  . LYS A 57 ? 0.3520 0.2579 0.3460 -0.0564 0.0123  0.0500  218 LYS A CA  
321 C C   . LYS A 57 ? 0.3900 0.3276 0.3804 -0.0494 0.0178  0.0439  218 LYS A C   
322 O O   . LYS A 57 ? 0.4132 0.3765 0.4155 -0.0578 0.0291  0.0414  218 LYS A O   
323 C CB  . LYS A 57 ? 0.3913 0.2783 0.3641 -0.0588 0.0169  0.0711  218 LYS A CB  
324 C CG  . LYS A 57 ? 0.5245 0.3691 0.4971 -0.0641 0.0119  0.0797  218 LYS A CG  
325 C CD  . LYS A 57 ? 0.5775 0.3964 0.5446 -0.0449 0.0004  0.0704  218 LYS A CD  
326 C CE  . LYS A 57 ? 0.6945 0.4648 0.6531 -0.0428 -0.0026 0.0833  218 LYS A CE  
327 N NZ  . LYS A 57 ? 0.6943 0.4419 0.6478 -0.0203 -0.0090 0.0736  218 LYS A NZ  
328 N N   . TRP A 58 ? 0.2759 0.3795 0.3201 -0.0251 0.0086  0.0954  219 TRP A N   
329 C CA  . TRP A 58 ? 0.2515 0.3592 0.2925 0.0098  0.0254  0.0647  219 TRP A CA  
330 C C   . TRP A 58 ? 0.2625 0.3073 0.2750 0.0129  0.0155  0.0517  219 TRP A C   
331 O O   . TRP A 58 ? 0.2588 0.2521 0.2716 0.0085  0.0008  0.0567  219 TRP A O   
332 C CB  . TRP A 58 ? 0.2454 0.3527 0.3153 0.0381  0.0289  0.0487  219 TRP A CB  
333 C CG  . TRP A 58 ? 0.2330 0.3223 0.2882 0.0716  0.0415  0.0171  219 TRP A CG  
334 C CD1 . TRP A 58 ? 0.2693 0.4023 0.3185 0.0978  0.0618  0.0028  219 TRP A CD1 
335 C CD2 . TRP A 58 ? 0.2506 0.2690 0.2890 0.0795  0.0330  -0.0022 219 TRP A CD2 
336 N NE1 . TRP A 58 ? 0.3029 0.3812 0.3225 0.1223  0.0629  -0.0280 219 TRP A NE1 
337 C CE2 . TRP A 58 ? 0.2541 0.2659 0.2716 0.1063  0.0441  -0.0295 219 TRP A CE2 
338 C CE3 . TRP A 58 ? 0.2896 0.2518 0.3283 0.0672  0.0182  0.0027  219 TRP A CE3 
339 C CZ2 . TRP A 58 ? 0.3245 0.2737 0.3267 0.1047  0.0343  -0.0488 219 TRP A CZ2 
340 C CZ3 . TRP A 58 ? 0.2977 0.2202 0.3314 0.0681  0.0116  -0.0171 219 TRP A CZ3 
341 C CH2 . TRP A 58 ? 0.2794 0.1966 0.2984 0.0799  0.0206  -0.0381 219 TRP A CH2 
342 N N   . TYR A 59 ? 0.2410 0.2927 0.2275 0.0212  0.0225  0.0367  220 TYR A N   
343 C CA  . TYR A 59 ? 0.2642 0.2686 0.2315 0.0218  0.0083  0.0253  220 TYR A CA  
344 C C   . TYR A 59 ? 0.2564 0.2460 0.2148 0.0429  0.0127  -0.0061 220 TYR A C   
345 O O   . TYR A 59 ? 0.2860 0.3019 0.2272 0.0601  0.0289  -0.0208 220 TYR A O   
346 C CB  . TYR A 59 ? 0.2822 0.2928 0.2134 0.0049  0.0004  0.0393  220 TYR A CB  
347 C CG  . TYR A 59 ? 0.3290 0.3340 0.2570 -0.0184 -0.0082 0.0720  220 TYR A CG  
348 C CD1 . TYR A 59 ? 0.3835 0.3381 0.3114 -0.0212 -0.0269 0.0827  220 TYR A CD1 
349 C CD2 . TYR A 59 ? 0.3380 0.3841 0.2617 -0.0367 0.0019  0.0929  220 TYR A CD2 
350 C CE1 . TYR A 59 ? 0.3628 0.2986 0.2810 -0.0350 -0.0332 0.0986  220 TYR A CE1 
351 C CE2 . TYR A 59 ? 0.3559 0.3827 0.2691 -0.0647 -0.0109 0.1236  220 TYR A CE2 
352 C CZ  . TYR A 59 ? 0.3992 0.3630 0.3126 -0.0563 -0.0281 0.1131  220 TYR A CZ  
353 O OH  . TYR A 59 ? 0.4327 0.3760 0.3409 -0.0679 -0.0363 0.1172  220 TYR A OH  
354 N N   . CYS A 60 ? 0.2930 0.2389 0.2604 0.0425  -0.0013 -0.0158 221 CYS A N   
355 C CA  . CYS A 60 ? 0.3092 0.2238 0.2669 0.0550  -0.0031 -0.0437 221 CYS A CA  
356 C C   . CYS A 60 ? 0.3586 0.2689 0.2700 0.0534  -0.0116 -0.0613 221 CYS A C   
357 O O   . CYS A 60 ? 0.3659 0.3012 0.2560 0.0421  -0.0163 -0.0483 221 CYS A O   
358 C CB  . CYS A 60 ? 0.3092 0.1864 0.2969 0.0470  -0.0150 -0.0411 221 CYS A CB  
359 S SG  . CYS A 60 ? 0.3257 0.2038 0.3188 0.0256  -0.0394 -0.0321 221 CYS A SG  
360 N N   . PRO A 61 ? 0.3746 0.2443 0.2595 0.0639  -0.0165 -0.0903 222 PRO A N   
361 C CA  . PRO A 61 ? 0.4254 0.2814 0.2493 0.0649  -0.0266 -0.1106 222 PRO A CA  
362 C C   . PRO A 61 ? 0.4494 0.2980 0.2743 0.0370  -0.0579 -0.1036 222 PRO A C   
363 O O   . PRO A 61 ? 0.5248 0.3650 0.2956 0.0332  -0.0727 -0.1155 222 PRO A O   
364 C CB  . PRO A 61 ? 0.5415 0.3394 0.3352 0.0805  -0.0287 -0.1418 222 PRO A CB  
365 C CG  . PRO A 61 ? 0.5254 0.3394 0.3695 0.0931  -0.0064 -0.1287 222 PRO A CG  
366 C CD  . PRO A 61 ? 0.3994 0.2348 0.2916 0.0832  -0.0072 -0.1060 222 PRO A CD  
367 N N   . GLU A 62 ? 0.4214 0.2721 0.3032 0.0205  -0.0688 -0.0857 223 GLU A N   
368 C CA  . GLU A 62 ? 0.4409 0.3017 0.3359 -0.0020 -0.0990 -0.0741 223 GLU A CA  
369 C C   . GLU A 62 ? 0.3681 0.2680 0.2655 -0.0031 -0.0989 -0.0461 223 GLU A C   
370 O O   . GLU A 62 ? 0.4466 0.3576 0.3279 -0.0134 -0.1241 -0.0392 223 GLU A O   
371 C CB  . GLU A 62 ? 0.4651 0.3189 0.4213 -0.0165 -0.1091 -0.0652 223 GLU A CB  
372 C CG  . GLU A 62 ? 0.6752 0.4770 0.6125 -0.0269 -0.1228 -0.0926 223 GLU A CG  
373 C CD  . GLU A 62 ? 0.8347 0.6394 0.8255 -0.0547 -0.1417 -0.0811 223 GLU A CD  
374 O OE1 . GLU A 62 ? 0.8714 0.7231 0.9099 -0.0671 -0.1566 -0.0581 223 GLU A OE1 
375 O OE2 . GLU A 62 ? 0.9581 0.7327 0.9435 -0.0606 -0.1341 -0.0888 223 GLU A OE2 
376 N N   . CYS A 63 ? 0.3548 0.2695 0.2674 0.0060  -0.0754 -0.0292 224 CYS A N   
377 C CA  . CYS A 63 ? 0.3236 0.2583 0.2307 0.0027  -0.0758 -0.0006 224 CYS A CA  
378 C C   . CYS A 63 ? 0.4244 0.3751 0.2770 0.0023  -0.0664 0.0006  224 CYS A C   
379 O O   . CYS A 63 ? 0.4340 0.3914 0.2575 -0.0053 -0.0770 0.0194  224 CYS A O   
380 C CB  . CYS A 63 ? 0.3534 0.2852 0.2945 0.0070  -0.0604 0.0177  224 CYS A CB  
381 S SG  . CYS A 63 ? 0.3257 0.2430 0.3226 0.0114  -0.0681 0.0246  224 CYS A SG  
382 N N   . ALA A 64 ? 0.3978 0.3559 0.2330 0.0134  -0.0446 -0.0178 225 ALA A N   
383 C CA  . ALA A 64 ? 0.4583 0.4422 0.2424 0.0162  -0.0292 -0.0152 225 ALA A CA  
384 C C   . ALA A 64 ? 0.6185 0.5849 0.3570 0.0337  -0.0259 -0.0502 225 ALA A C   
385 O O   . ALA A 64 ? 0.5334 0.5034 0.2766 0.0542  -0.0041 -0.0667 225 ALA A O   
386 C CB  . ALA A 64 ? 0.4225 0.4462 0.2289 0.0169  -0.0009 0.0033  225 ALA A CB  
387 N N   . THR A 65 ? 0.5694 0.5101 0.2612 0.0275  -0.0517 -0.0621 226 THR A N   
388 C CA  . THR A 65 ? 0.7119 0.6122 0.3435 0.0413  -0.0590 -0.0999 226 THR A CA  
389 C C   . THR A 65 ? 0.8013 0.7178 0.3567 0.0642  -0.0304 -0.1091 226 THR A C   
390 O O   . THR A 65 ? 0.8364 0.8065 0.4073 0.0727  0.0047  -0.0891 226 THR A O   
391 C CB  . THR A 65 ? 0.8033 0.6707 0.4095 0.0216  -0.1044 -0.1078 226 THR A CB  
392 O OG1 . THR A 65 ? 0.8418 0.7330 0.4109 0.0138  -0.1120 -0.0852 226 THR A OG1 
393 C CG2 . THR A 65 ? 0.6216 0.4877 0.3115 0.0011  -0.1290 -0.0958 226 THR A CG2 
394 N N   . ALA B 1  ? 0.2707 0.2785 0.3223 -0.0057 -0.0169 -0.0896 1   ALA P N   
395 C CA  . ALA B 1  ? 0.3249 0.3122 0.3564 0.0012  -0.0018 -0.1044 1   ALA P CA  
396 C C   . ALA B 1  ? 0.3476 0.3236 0.3492 -0.0146 -0.0114 -0.0961 1   ALA P C   
397 O O   . ALA B 1  ? 0.3708 0.3621 0.3810 -0.0237 -0.0307 -0.0756 1   ALA P O   
398 C CB  . ALA B 1  ? 0.3107 0.3014 0.3678 0.0203  0.0069  -0.1044 1   ALA P CB  
399 N N   . ARG B 2  ? 0.3028 0.2560 0.2715 -0.0165 0.0038  -0.1065 2   ARG P N   
400 C CA  . ARG B 2  ? 0.3048 0.2373 0.2361 -0.0302 0.0003  -0.1007 2   ARG P CA  
401 C C   . ARG B 2  ? 0.2827 0.2321 0.2405 -0.0243 -0.0078 -0.0892 2   ARG P C   
402 O O   . ARG B 2  ? 0.2853 0.2441 0.2688 -0.0117 0.0002  -0.0912 2   ARG P O   
403 C CB  . ARG B 2  ? 0.3757 0.2826 0.2728 -0.0249 0.0288  -0.1085 2   ARG P CB  
404 C CG  . ARG B 2  ? 0.5954 0.4522 0.4292 -0.0319 0.0429  -0.1136 2   ARG P CG  
405 C CD  . ARG B 2  ? 0.6654 0.5293 0.5100 -0.0051 0.0754  -0.1073 2   ARG P CD  
406 N NE  . ARG B 2  ? 0.6315 0.5087 0.4860 0.0052  0.0984  -0.1007 2   ARG P NE  
407 C CZ  . ARG B 2  ? 0.4230 0.3522 0.3328 0.0216  0.1129  -0.0919 2   ARG P CZ  
408 N NH1 . ARG B 2  ? 0.5325 0.4873 0.4586 0.0259  0.1284  -0.0727 2   ARG P NH1 
409 N NH2 . ARG B 2  ? 0.5515 0.5144 0.5033 0.0298  0.1029  -0.0917 2   ARG P NH2 
410 N N   . THR B 3  ? 0.3039 0.2469 0.2428 -0.0372 -0.0238 -0.0752 3   THR P N   
411 C CA  . THR B 3  ? 0.3002 0.2453 0.2507 -0.0290 -0.0252 -0.0637 3   THR P CA  
412 C C   . THR B 3  ? 0.3431 0.2653 0.2508 -0.0450 -0.0296 -0.0590 3   THR P C   
413 O O   . THR B 3  ? 0.3905 0.2913 0.2544 -0.0647 -0.0365 -0.0602 3   THR P O   
414 C CB  . THR B 3  ? 0.3519 0.3199 0.3382 -0.0149 -0.0365 -0.0383 3   THR P CB  
415 O OG1 . THR B 3  ? 0.3818 0.3729 0.3672 -0.0326 -0.0615 -0.0160 3   THR P OG1 
416 C CG2 . THR B 3  ? 0.3617 0.3414 0.3833 0.0044  -0.0258 -0.0425 3   THR P CG2 
417 N N   . M3L B 4  ? 0.3450 0.2592 0.2528 -0.0391 -0.0249 -0.0532 4   M3L P N   
418 C CA  . M3L B 4  ? 0.4090 0.3015 0.2781 -0.0522 -0.0296 -0.0462 4   M3L P CA  
419 C CB  . M3L B 4  ? 0.4225 0.2940 0.2626 -0.0588 -0.0086 -0.0587 4   M3L P CB  
420 C CG  . M3L B 4  ? 0.4254 0.3045 0.2860 -0.0542 0.0040  -0.0595 4   M3L P CG  
421 C CD  . M3L B 4  ? 0.4749 0.3549 0.3227 -0.0592 0.0263  -0.0610 4   M3L P CD  
422 C CE  . M3L B 4  ? 0.3831 0.2853 0.2564 -0.0659 0.0330  -0.0543 4   M3L P CE  
423 N NZ  . M3L B 4  ? 0.3989 0.3174 0.2722 -0.0729 0.0540  -0.0406 4   M3L P NZ  
424 C C   . M3L B 4  ? 0.3957 0.2852 0.2732 -0.0414 -0.0338 -0.0280 4   M3L P C   
425 O O   . M3L B 4  ? 0.3854 0.2714 0.2827 -0.0238 -0.0247 -0.0241 4   M3L P O   
426 C CM1 . M3L B 4  ? 0.4488 0.3797 0.3258 -0.0561 0.0805  -0.0373 4   M3L P CM1 
427 C CM2 . M3L B 4  ? 0.4444 0.3318 0.2802 -0.0824 0.0558  -0.0348 4   M3L P CM2 
428 C CM3 . M3L B 4  ? 0.3832 0.3356 0.2876 -0.0895 0.0491  -0.0288 4   M3L P CM3 
429 N N   . GLN B 5  ? 0.4335 0.3110 0.2813 -0.0523 -0.0457 -0.0141 5   GLN P N   
430 C CA  . GLN B 5  ? 0.4733 0.3447 0.3235 -0.0383 -0.0477 0.0096  5   GLN P CA  
431 C C   . GLN B 5  ? 0.5568 0.3933 0.3612 -0.0517 -0.0427 0.0047  5   GLN P C   
432 O O   . GLN B 5  ? 0.5381 0.3652 0.3079 -0.0720 -0.0541 0.0047  5   GLN P O   
433 C CB  . GLN B 5  ? 0.6313 0.5412 0.5042 -0.0362 -0.0729 0.0466  5   GLN P CB  
434 C CG  . GLN B 5  ? 0.7622 0.6947 0.6816 0.0009  -0.0629 0.0790  5   GLN P CG  
435 C CD  . GLN B 5  ? 0.8230 0.7121 0.7180 0.0247  -0.0415 0.0923  5   GLN P CD  
436 O OE1 . GLN B 5  ? 0.8496 0.6936 0.6976 0.0101  -0.0348 0.0714  5   GLN P OE1 
437 N NE2 . GLN B 5  ? 0.9116 0.8099 0.8350 0.0640  -0.0257 0.1311  5   GLN P NE2 
438 N N   . THR B 6  ? 0.6368 0.4436 0.4293 -0.0441 -0.0255 0.0020  6   THR P N   
439 C CA  . THR B 6  ? 0.7595 0.5353 0.5118 -0.0600 -0.0170 -0.0044 6   THR P CA  
440 C C   . THR B 6  ? 0.7526 0.4978 0.4787 -0.0509 -0.0174 0.0161  6   THR P C   
441 O O   . THR B 6  ? 0.8573 0.6051 0.5994 -0.0264 -0.0185 0.0387  6   THR P O   
442 C CB  . THR B 6  ? 0.7892 0.5572 0.5425 -0.0711 0.0010  -0.0206 6   THR P CB  
443 O OG1 . THR B 6  ? 0.7282 0.4735 0.4818 -0.0622 0.0065  -0.0186 6   THR P OG1 
444 C CG2 . THR B 6  ? 0.8194 0.6232 0.6006 -0.0759 0.0060  -0.0339 6   THR P CG2 
# 
